data_4YJ4
# 
_entry.id   4YJ4 
# 
_audit_conform.dict_name       mmcif_pdbx.dic 
_audit_conform.dict_version    5.403 
_audit_conform.dict_location   http://mmcif.pdb.org/dictionaries/ascii/mmcif_pdbx.dic 
# 
loop_
_database_2.database_id 
_database_2.database_code 
_database_2.pdbx_database_accession 
_database_2.pdbx_DOI 
PDB   4YJ4         pdb_00004yj4 10.2210/pdb4yj4/pdb 
WWPDB D_1000207556 ?            ?                   
# 
loop_
_pdbx_audit_revision_history.ordinal 
_pdbx_audit_revision_history.data_content_type 
_pdbx_audit_revision_history.major_revision 
_pdbx_audit_revision_history.minor_revision 
_pdbx_audit_revision_history.revision_date 
_pdbx_audit_revision_history.part_number 
1 'Structure model' 1 0 2015-07-29 ? 
2 'Structure model' 1 1 2017-09-27 ? 
3 'Structure model' 1 2 2025-04-09 ? 
# 
_pdbx_audit_revision_details.ordinal             1 
_pdbx_audit_revision_details.revision_ordinal    1 
_pdbx_audit_revision_details.data_content_type   'Structure model' 
_pdbx_audit_revision_details.provider            repository 
_pdbx_audit_revision_details.type                'Initial release' 
_pdbx_audit_revision_details.description         ? 
_pdbx_audit_revision_details.details             ? 
# 
loop_
_pdbx_audit_revision_group.ordinal 
_pdbx_audit_revision_group.revision_ordinal 
_pdbx_audit_revision_group.data_content_type 
_pdbx_audit_revision_group.group 
1 2 'Structure model' 'Data collection'      
2 2 'Structure model' 'Derived calculations' 
3 2 'Structure model' 'Source and taxonomy'  
4 3 'Structure model' 'Data collection'      
5 3 'Structure model' 'Database references'  
6 3 'Structure model' 'Structure summary'    
# 
loop_
_pdbx_audit_revision_category.ordinal 
_pdbx_audit_revision_category.revision_ordinal 
_pdbx_audit_revision_category.data_content_type 
_pdbx_audit_revision_category.category 
1 2 'Structure model' diffrn_detector           
2 2 'Structure model' entity_src_gen            
3 2 'Structure model' pdbx_struct_oper_list     
4 3 'Structure model' chem_comp_atom            
5 3 'Structure model' chem_comp_bond            
6 3 'Structure model' database_2                
7 3 'Structure model' pdbx_entry_details        
8 3 'Structure model' pdbx_modification_feature 
# 
loop_
_pdbx_audit_revision_item.ordinal 
_pdbx_audit_revision_item.revision_ordinal 
_pdbx_audit_revision_item.data_content_type 
_pdbx_audit_revision_item.item 
1 2 'Structure model' '_diffrn_detector.detector'                 
2 2 'Structure model' '_entity_src_gen.pdbx_alt_source_flag'      
3 2 'Structure model' '_pdbx_struct_oper_list.symmetry_operation' 
4 3 'Structure model' '_database_2.pdbx_DOI'                      
5 3 'Structure model' '_database_2.pdbx_database_accession'       
# 
_pdbx_database_status.status_code                     REL 
_pdbx_database_status.status_code_sf                  REL 
_pdbx_database_status.status_code_mr                  ? 
_pdbx_database_status.entry_id                        4YJ4 
_pdbx_database_status.recvd_initial_deposition_date   2015-03-03 
_pdbx_database_status.SG_entry                        N 
_pdbx_database_status.deposit_site                    RCSB 
_pdbx_database_status.process_site                    PDBJ 
_pdbx_database_status.status_code_cs                  ? 
_pdbx_database_status.methods_development_category    ? 
_pdbx_database_status.pdb_format_compatible           Y 
_pdbx_database_status.status_code_nmr_data            ? 
# 
loop_
_audit_author.name 
_audit_author.pdbx_ordinal 
'Ku, B.'    1 
'Ha, N.-C.' 2 
'Oh, B.-H.' 3 
# 
_citation.abstract                  ? 
_citation.abstract_id_CAS           ? 
_citation.book_id_ISBN              ? 
_citation.book_publisher            ? 
_citation.book_publisher_city       ? 
_citation.book_title                ? 
_citation.coordinate_linkage        ? 
_citation.country                   ? 
_citation.database_id_Medline       ? 
_citation.details                   ? 
_citation.id                        primary 
_citation.journal_abbrev            'Cell Death Dis' 
_citation.journal_id_ASTM           ? 
_citation.journal_id_CSD            ? 
_citation.journal_id_ISSN           2041-4889 
_citation.journal_full              ? 
_citation.journal_issue             ? 
_citation.journal_volume            6 
_citation.language                  ? 
_citation.page_first                e1804 
_citation.page_last                 e1804 
_citation.title                     
'Conversion of cell-survival activity of Akt into apoptotic death of cancer cells by two mutations on the BIM BH3 domain.' 
_citation.year                      2015 
_citation.database_id_CSD           ? 
_citation.pdbx_database_id_DOI      10.1038/cddis.2015.118 
_citation.pdbx_database_id_PubMed   26136077 
_citation.unpublished_flag          ? 
# 
loop_
_citation_author.citation_id 
_citation_author.name 
_citation_author.ordinal 
_citation_author.identifier_ORCID 
primary 'Kim, J.S.'  1  ? 
primary 'Ku, B.'     2  ? 
primary 'Woo, T.G.'  3  ? 
primary 'Oh, A.Y.'   4  ? 
primary 'Jung, Y.S.' 5  ? 
primary 'Soh, Y.M.'  6  ? 
primary 'Yeom, J.H.' 7  ? 
primary 'Lee, K.'    8  ? 
primary 'Park, B.J.' 9  ? 
primary 'Oh, B.H.'   10 ? 
primary 'Ha, N.C.'   11 ? 
# 
loop_
_entity.id 
_entity.type 
_entity.src_method 
_entity.pdbx_description 
_entity.formula_weight 
_entity.pdbx_number_of_molecules 
_entity.pdbx_ec 
_entity.pdbx_mutation 
_entity.pdbx_fragment 
_entity.details 
1 polymer     man 'Bcl-2-like protein 1'                 22265.326 1   ? 'M83E, A84S'   ? ? 
2 polymer     man 'Bcl-2-like protein 1, BIM BH3 domain' 2740.921  1   ? 'I155A, E158S' ? ? 
3 non-polymer syn 'ACETATE ION'                          59.044    1   ? ?              ? ? 
4 non-polymer syn 'CHLORIDE ION'                         35.453    2   ? ?              ? ? 
5 water       nat water                                  18.015    143 ? ?              ? ? 
# 
_entity_name_com.entity_id   1 
_entity_name_com.name        'Bcl2-L-1,Apoptosis regulator Bcl-X' 
# 
loop_
_entity_poly.entity_id 
_entity_poly.type 
_entity_poly.nstd_linkage 
_entity_poly.nstd_monomer 
_entity_poly.pdbx_seq_one_letter_code 
_entity_poly.pdbx_seq_one_letter_code_can 
_entity_poly.pdbx_strand_id 
_entity_poly.pdbx_target_identifier 
1 'polypeptide(L)' no no  
;GHMSQSNRELVVDFLSYKLSQKGYSWSQFSDVEENRTEAPEETEAERETPSAINGNPSWHLADSPAVNGATGHSSSLDAR
EVIPESAVKQALREAGDEFELRYRRAFSDLTSQLHITPGTAYQSFEQVVNELFRDGVNWGRIVAFFSFGGALCVESVDKE
MQVLVSRIASWMATYLNDHLEPWIQENGGWDTFVDLYG
;
;GHMSQSNRELVVDFLSYKLSQKGYSWSQFSDVEENRTEAPEETEAERETPSAINGNPSWHLADSPAVNGATGHSSSLDAR
EVIPESAVKQALREAGDEFELRYRRAFSDLTSQLHITPGTAYQSFEQVVNELFRDGVNWGRIVAFFSFGGALCVESVDKE
MQVLVSRIASWMATYLNDHLEPWIQENGGWDTFVDLYG
;
A ? 
2 'polypeptide(L)' no yes '(NLG)IWIAQELRRRGD(SEP)FNAYYAR' XIWIAQELRRRGDSFNAYYAR B ? 
# 
loop_
_pdbx_entity_nonpoly.entity_id 
_pdbx_entity_nonpoly.name 
_pdbx_entity_nonpoly.comp_id 
3 'ACETATE ION'  ACT 
4 'CHLORIDE ION' CL  
5 water          HOH 
# 
loop_
_entity_poly_seq.entity_id 
_entity_poly_seq.num 
_entity_poly_seq.mon_id 
_entity_poly_seq.hetero 
1 1   GLY n 
1 2   HIS n 
1 3   MET n 
1 4   SER n 
1 5   GLN n 
1 6   SER n 
1 7   ASN n 
1 8   ARG n 
1 9   GLU n 
1 10  LEU n 
1 11  VAL n 
1 12  VAL n 
1 13  ASP n 
1 14  PHE n 
1 15  LEU n 
1 16  SER n 
1 17  TYR n 
1 18  LYS n 
1 19  LEU n 
1 20  SER n 
1 21  GLN n 
1 22  LYS n 
1 23  GLY n 
1 24  TYR n 
1 25  SER n 
1 26  TRP n 
1 27  SER n 
1 28  GLN n 
1 29  PHE n 
1 30  SER n 
1 31  ASP n 
1 32  VAL n 
1 33  GLU n 
1 34  GLU n 
1 35  ASN n 
1 36  ARG n 
1 37  THR n 
1 38  GLU n 
1 39  ALA n 
1 40  PRO n 
1 41  GLU n 
1 42  GLU n 
1 43  THR n 
1 44  GLU n 
1 45  ALA n 
1 46  GLU n 
1 47  ARG n 
1 48  GLU n 
1 49  THR n 
1 50  PRO n 
1 51  SER n 
1 52  ALA n 
1 53  ILE n 
1 54  ASN n 
1 55  GLY n 
1 56  ASN n 
1 57  PRO n 
1 58  SER n 
1 59  TRP n 
1 60  HIS n 
1 61  LEU n 
1 62  ALA n 
1 63  ASP n 
1 64  SER n 
1 65  PRO n 
1 66  ALA n 
1 67  VAL n 
1 68  ASN n 
1 69  GLY n 
1 70  ALA n 
1 71  THR n 
1 72  GLY n 
1 73  HIS n 
1 74  SER n 
1 75  SER n 
1 76  SER n 
1 77  LEU n 
1 78  ASP n 
1 79  ALA n 
1 80  ARG n 
1 81  GLU n 
1 82  VAL n 
1 83  ILE n 
1 84  PRO n 
1 85  GLU n 
1 86  SER n 
1 87  ALA n 
1 88  VAL n 
1 89  LYS n 
1 90  GLN n 
1 91  ALA n 
1 92  LEU n 
1 93  ARG n 
1 94  GLU n 
1 95  ALA n 
1 96  GLY n 
1 97  ASP n 
1 98  GLU n 
1 99  PHE n 
1 100 GLU n 
1 101 LEU n 
1 102 ARG n 
1 103 TYR n 
1 104 ARG n 
1 105 ARG n 
1 106 ALA n 
1 107 PHE n 
1 108 SER n 
1 109 ASP n 
1 110 LEU n 
1 111 THR n 
1 112 SER n 
1 113 GLN n 
1 114 LEU n 
1 115 HIS n 
1 116 ILE n 
1 117 THR n 
1 118 PRO n 
1 119 GLY n 
1 120 THR n 
1 121 ALA n 
1 122 TYR n 
1 123 GLN n 
1 124 SER n 
1 125 PHE n 
1 126 GLU n 
1 127 GLN n 
1 128 VAL n 
1 129 VAL n 
1 130 ASN n 
1 131 GLU n 
1 132 LEU n 
1 133 PHE n 
1 134 ARG n 
1 135 ASP n 
1 136 GLY n 
1 137 VAL n 
1 138 ASN n 
1 139 TRP n 
1 140 GLY n 
1 141 ARG n 
1 142 ILE n 
1 143 VAL n 
1 144 ALA n 
1 145 PHE n 
1 146 PHE n 
1 147 SER n 
1 148 PHE n 
1 149 GLY n 
1 150 GLY n 
1 151 ALA n 
1 152 LEU n 
1 153 CYS n 
1 154 VAL n 
1 155 GLU n 
1 156 SER n 
1 157 VAL n 
1 158 ASP n 
1 159 LYS n 
1 160 GLU n 
1 161 MET n 
1 162 GLN n 
1 163 VAL n 
1 164 LEU n 
1 165 VAL n 
1 166 SER n 
1 167 ARG n 
1 168 ILE n 
1 169 ALA n 
1 170 SER n 
1 171 TRP n 
1 172 MET n 
1 173 ALA n 
1 174 THR n 
1 175 TYR n 
1 176 LEU n 
1 177 ASN n 
1 178 ASP n 
1 179 HIS n 
1 180 LEU n 
1 181 GLU n 
1 182 PRO n 
1 183 TRP n 
1 184 ILE n 
1 185 GLN n 
1 186 GLU n 
1 187 ASN n 
1 188 GLY n 
1 189 GLY n 
1 190 TRP n 
1 191 ASP n 
1 192 THR n 
1 193 PHE n 
1 194 VAL n 
1 195 ASP n 
1 196 LEU n 
1 197 TYR n 
1 198 GLY n 
2 1   NLG n 
2 2   ILE n 
2 3   TRP n 
2 4   ILE n 
2 5   ALA n 
2 6   GLN n 
2 7   GLU n 
2 8   LEU n 
2 9   ARG n 
2 10  ARG n 
2 11  ARG n 
2 12  GLY n 
2 13  ASP n 
2 14  SEP n 
2 15  PHE n 
2 16  ASN n 
2 17  ALA n 
2 18  TYR n 
2 19  TYR n 
2 20  ALA n 
2 21  ARG n 
# 
loop_
_entity_src_gen.entity_id 
_entity_src_gen.pdbx_src_id 
_entity_src_gen.pdbx_alt_source_flag 
_entity_src_gen.pdbx_seq_type 
_entity_src_gen.pdbx_beg_seq_num 
_entity_src_gen.pdbx_end_seq_num 
_entity_src_gen.gene_src_common_name 
_entity_src_gen.gene_src_genus 
_entity_src_gen.pdbx_gene_src_gene 
_entity_src_gen.gene_src_species 
_entity_src_gen.gene_src_strain 
_entity_src_gen.gene_src_tissue 
_entity_src_gen.gene_src_tissue_fraction 
_entity_src_gen.gene_src_details 
_entity_src_gen.pdbx_gene_src_fragment 
_entity_src_gen.pdbx_gene_src_scientific_name 
_entity_src_gen.pdbx_gene_src_ncbi_taxonomy_id 
_entity_src_gen.pdbx_gene_src_variant 
_entity_src_gen.pdbx_gene_src_cell_line 
_entity_src_gen.pdbx_gene_src_atcc 
_entity_src_gen.pdbx_gene_src_organ 
_entity_src_gen.pdbx_gene_src_organelle 
_entity_src_gen.pdbx_gene_src_cell 
_entity_src_gen.pdbx_gene_src_cellular_location 
_entity_src_gen.host_org_common_name 
_entity_src_gen.pdbx_host_org_scientific_name 
_entity_src_gen.pdbx_host_org_ncbi_taxonomy_id 
_entity_src_gen.host_org_genus 
_entity_src_gen.pdbx_host_org_gene 
_entity_src_gen.pdbx_host_org_organ 
_entity_src_gen.host_org_species 
_entity_src_gen.pdbx_host_org_tissue 
_entity_src_gen.pdbx_host_org_tissue_fraction 
_entity_src_gen.pdbx_host_org_strain 
_entity_src_gen.pdbx_host_org_variant 
_entity_src_gen.pdbx_host_org_cell_line 
_entity_src_gen.pdbx_host_org_atcc 
_entity_src_gen.pdbx_host_org_culture_collection 
_entity_src_gen.pdbx_host_org_cell 
_entity_src_gen.pdbx_host_org_organelle 
_entity_src_gen.pdbx_host_org_cellular_location 
_entity_src_gen.pdbx_host_org_vector_type 
_entity_src_gen.pdbx_host_org_vector 
_entity_src_gen.host_org_details 
_entity_src_gen.expression_system_id 
_entity_src_gen.plasmid_name 
_entity_src_gen.plasmid_details 
_entity_src_gen.pdbx_description 
1 1 sample 'Biological sequence' 1 198 Mouse ? 'Bcl2l1, Bcl2l, Bclx' ? ? ? ? ? ? 'Mus musculus' 10090 ? ? ? ? ? ? ? ? 
'Escherichia coli' 562 ? ? ? ? ? ? ? ? ? ? ? ? ? ? ? ? ? ? ? ? ? 
2 1 sample 'Biological sequence' 1 21  ?     ? ?                     ? ? ? ? ? ? 'Homo sapiens' 9606  ? ? ? ? ? ? ? ? 
'Escherichia coli' 562 ? ? ? ? ? ? ? ? ? ? ? ? ? ? ? ? ? ? ? ? ? 
# 
loop_
_chem_comp.id 
_chem_comp.type 
_chem_comp.mon_nstd_flag 
_chem_comp.name 
_chem_comp.pdbx_synonyms 
_chem_comp.formula 
_chem_comp.formula_weight 
ACT non-polymer         . 'ACETATE ION'        ?               'C2 H3 O2 -1'    59.044  
ALA 'L-peptide linking' y ALANINE              ?               'C3 H7 N O2'     89.093  
ARG 'L-peptide linking' y ARGININE             ?               'C6 H15 N4 O2 1' 175.209 
ASN 'L-peptide linking' y ASPARAGINE           ?               'C4 H8 N2 O3'    132.118 
ASP 'L-peptide linking' y 'ASPARTIC ACID'      ?               'C4 H7 N O4'     133.103 
CL  non-polymer         . 'CHLORIDE ION'       ?               'Cl -1'          35.453  
CYS 'L-peptide linking' y CYSTEINE             ?               'C3 H7 N O2 S'   121.158 
GLN 'L-peptide linking' y GLUTAMINE            ?               'C5 H10 N2 O3'   146.144 
GLU 'L-peptide linking' y 'GLUTAMIC ACID'      ?               'C5 H9 N O4'     147.129 
GLY 'peptide linking'   y GLYCINE              ?               'C2 H5 N O2'     75.067  
HIS 'L-peptide linking' y HISTIDINE            ?               'C6 H10 N3 O2 1' 156.162 
HOH non-polymer         . WATER                ?               'H2 O'           18.015  
ILE 'L-peptide linking' y ISOLEUCINE           ?               'C6 H13 N O2'    131.173 
LEU 'L-peptide linking' y LEUCINE              ?               'C6 H13 N O2'    131.173 
LYS 'L-peptide linking' y LYSINE               ?               'C6 H15 N2 O2 1' 147.195 
MET 'L-peptide linking' y METHIONINE           ?               'C5 H11 N O2 S'  149.211 
NLG non-polymer         . N-ACETYL-L-GLUTAMATE ?               'C7 H11 N O5'    189.166 
PHE 'L-peptide linking' y PHENYLALANINE        ?               'C9 H11 N O2'    165.189 
PRO 'L-peptide linking' y PROLINE              ?               'C5 H9 N O2'     115.130 
SEP 'L-peptide linking' n PHOSPHOSERINE        PHOSPHONOSERINE 'C3 H8 N O6 P'   185.072 
SER 'L-peptide linking' y SERINE               ?               'C3 H7 N O3'     105.093 
THR 'L-peptide linking' y THREONINE            ?               'C4 H9 N O3'     119.119 
TRP 'L-peptide linking' y TRYPTOPHAN           ?               'C11 H12 N2 O2'  204.225 
TYR 'L-peptide linking' y TYROSINE             ?               'C9 H11 N O3'    181.189 
VAL 'L-peptide linking' y VALINE               ?               'C5 H11 N O2'    117.146 
# 
loop_
_pdbx_poly_seq_scheme.asym_id 
_pdbx_poly_seq_scheme.entity_id 
_pdbx_poly_seq_scheme.seq_id 
_pdbx_poly_seq_scheme.mon_id 
_pdbx_poly_seq_scheme.ndb_seq_num 
_pdbx_poly_seq_scheme.pdb_seq_num 
_pdbx_poly_seq_scheme.auth_seq_num 
_pdbx_poly_seq_scheme.pdb_mon_id 
_pdbx_poly_seq_scheme.auth_mon_id 
_pdbx_poly_seq_scheme.pdb_strand_id 
_pdbx_poly_seq_scheme.pdb_ins_code 
_pdbx_poly_seq_scheme.hetero 
A 1 1   GLY 1   -1  -1  GLY GLY A . n 
A 1 2   HIS 2   0   0   HIS HIS A . n 
A 1 3   MET 3   1   1   MET MET A . n 
A 1 4   SER 4   2   2   SER SER A . n 
A 1 5   GLN 5   3   3   GLN GLN A . n 
A 1 6   SER 6   4   4   SER SER A . n 
A 1 7   ASN 7   5   5   ASN ASN A . n 
A 1 8   ARG 8   6   6   ARG ARG A . n 
A 1 9   GLU 9   7   7   GLU GLU A . n 
A 1 10  LEU 10  8   8   LEU LEU A . n 
A 1 11  VAL 11  9   9   VAL VAL A . n 
A 1 12  VAL 12  10  10  VAL VAL A . n 
A 1 13  ASP 13  11  11  ASP ASP A . n 
A 1 14  PHE 14  12  12  PHE PHE A . n 
A 1 15  LEU 15  13  13  LEU LEU A . n 
A 1 16  SER 16  14  14  SER SER A . n 
A 1 17  TYR 17  15  15  TYR TYR A . n 
A 1 18  LYS 18  16  16  LYS LYS A . n 
A 1 19  LEU 19  17  17  LEU LEU A . n 
A 1 20  SER 20  18  18  SER SER A . n 
A 1 21  GLN 21  19  19  GLN GLN A . n 
A 1 22  LYS 22  20  20  LYS LYS A . n 
A 1 23  GLY 23  21  21  GLY GLY A . n 
A 1 24  TYR 24  22  22  TYR TYR A . n 
A 1 25  SER 25  23  23  SER SER A . n 
A 1 26  TRP 26  24  24  TRP TRP A . n 
A 1 27  SER 27  25  25  SER SER A . n 
A 1 28  GLN 28  26  26  GLN GLN A . n 
A 1 29  PHE 29  27  27  PHE PHE A . n 
A 1 30  SER 30  28  28  SER SER A . n 
A 1 31  ASP 31  29  29  ASP ASP A . n 
A 1 32  VAL 32  30  30  VAL VAL A . n 
A 1 33  GLU 33  31  31  GLU GLU A . n 
A 1 34  GLU 34  32  ?   ?   ?   A . n 
A 1 35  ASN 35  33  ?   ?   ?   A . n 
A 1 36  ARG 36  34  ?   ?   ?   A . n 
A 1 37  THR 37  35  ?   ?   ?   A . n 
A 1 38  GLU 38  36  ?   ?   ?   A . n 
A 1 39  ALA 39  37  ?   ?   ?   A . n 
A 1 40  PRO 40  38  ?   ?   ?   A . n 
A 1 41  GLU 41  39  ?   ?   ?   A . n 
A 1 42  GLU 42  40  ?   ?   ?   A . n 
A 1 43  THR 43  41  ?   ?   ?   A . n 
A 1 44  GLU 44  42  ?   ?   ?   A . n 
A 1 45  ALA 45  43  ?   ?   ?   A . n 
A 1 46  GLU 46  44  ?   ?   ?   A . n 
A 1 47  ARG 47  45  ?   ?   ?   A . n 
A 1 48  GLU 48  46  ?   ?   ?   A . n 
A 1 49  THR 49  47  ?   ?   ?   A . n 
A 1 50  PRO 50  48  ?   ?   ?   A . n 
A 1 51  SER 51  49  ?   ?   ?   A . n 
A 1 52  ALA 52  50  ?   ?   ?   A . n 
A 1 53  ILE 53  51  ?   ?   ?   A . n 
A 1 54  ASN 54  52  ?   ?   ?   A . n 
A 1 55  GLY 55  53  ?   ?   ?   A . n 
A 1 56  ASN 56  54  ?   ?   ?   A . n 
A 1 57  PRO 57  55  ?   ?   ?   A . n 
A 1 58  SER 58  56  ?   ?   ?   A . n 
A 1 59  TRP 59  57  ?   ?   ?   A . n 
A 1 60  HIS 60  58  ?   ?   ?   A . n 
A 1 61  LEU 61  59  ?   ?   ?   A . n 
A 1 62  ALA 62  60  ?   ?   ?   A . n 
A 1 63  ASP 63  61  ?   ?   ?   A . n 
A 1 64  SER 64  62  ?   ?   ?   A . n 
A 1 65  PRO 65  63  ?   ?   ?   A . n 
A 1 66  ALA 66  64  ?   ?   ?   A . n 
A 1 67  VAL 67  65  ?   ?   ?   A . n 
A 1 68  ASN 68  66  ?   ?   ?   A . n 
A 1 69  GLY 69  67  ?   ?   ?   A . n 
A 1 70  ALA 70  68  ?   ?   ?   A . n 
A 1 71  THR 71  69  ?   ?   ?   A . n 
A 1 72  GLY 72  70  ?   ?   ?   A . n 
A 1 73  HIS 73  71  ?   ?   ?   A . n 
A 1 74  SER 74  72  ?   ?   ?   A . n 
A 1 75  SER 75  73  ?   ?   ?   A . n 
A 1 76  SER 76  74  ?   ?   ?   A . n 
A 1 77  LEU 77  75  ?   ?   ?   A . n 
A 1 78  ASP 78  76  ?   ?   ?   A . n 
A 1 79  ALA 79  77  ?   ?   ?   A . n 
A 1 80  ARG 80  78  ?   ?   ?   A . n 
A 1 81  GLU 81  79  ?   ?   ?   A . n 
A 1 82  VAL 82  80  ?   ?   ?   A . n 
A 1 83  ILE 83  81  ?   ?   ?   A . n 
A 1 84  PRO 84  82  ?   ?   ?   A . n 
A 1 85  GLU 85  83  42  GLU GLU A . n 
A 1 86  SER 86  84  43  SER SER A . n 
A 1 87  ALA 87  85  85  ALA ALA A . n 
A 1 88  VAL 88  86  86  VAL VAL A . n 
A 1 89  LYS 89  87  87  LYS LYS A . n 
A 1 90  GLN 90  88  88  GLN GLN A . n 
A 1 91  ALA 91  89  89  ALA ALA A . n 
A 1 92  LEU 92  90  90  LEU LEU A . n 
A 1 93  ARG 93  91  91  ARG ARG A . n 
A 1 94  GLU 94  92  92  GLU GLU A . n 
A 1 95  ALA 95  93  93  ALA ALA A . n 
A 1 96  GLY 96  94  94  GLY GLY A . n 
A 1 97  ASP 97  95  95  ASP ASP A . n 
A 1 98  GLU 98  96  96  GLU GLU A . n 
A 1 99  PHE 99  97  97  PHE PHE A . n 
A 1 100 GLU 100 98  98  GLU GLU A . n 
A 1 101 LEU 101 99  99  LEU LEU A . n 
A 1 102 ARG 102 100 100 ARG ARG A . n 
A 1 103 TYR 103 101 101 TYR TYR A . n 
A 1 104 ARG 104 102 102 ARG ALA A . n 
A 1 105 ARG 105 103 103 ARG ARG A . n 
A 1 106 ALA 106 104 104 ALA ALA A . n 
A 1 107 PHE 107 105 105 PHE PHE A . n 
A 1 108 SER 108 106 106 SER SER A . n 
A 1 109 ASP 109 107 107 ASP ASP A . n 
A 1 110 LEU 110 108 108 LEU LEU A . n 
A 1 111 THR 111 109 109 THR THR A . n 
A 1 112 SER 112 110 110 SER SER A . n 
A 1 113 GLN 113 111 111 GLN GLN A . n 
A 1 114 LEU 114 112 112 LEU LEU A . n 
A 1 115 HIS 115 113 113 HIS HIS A . n 
A 1 116 ILE 116 114 114 ILE ILE A . n 
A 1 117 THR 117 115 115 THR THR A . n 
A 1 118 PRO 118 116 116 PRO PRO A . n 
A 1 119 GLY 119 117 117 GLY GLY A . n 
A 1 120 THR 120 118 118 THR THR A . n 
A 1 121 ALA 121 119 119 ALA ALA A . n 
A 1 122 TYR 122 120 120 TYR TYR A . n 
A 1 123 GLN 123 121 121 GLN GLN A . n 
A 1 124 SER 124 122 122 SER SER A . n 
A 1 125 PHE 125 123 123 PHE PHE A . n 
A 1 126 GLU 126 124 124 GLU GLU A . n 
A 1 127 GLN 127 125 125 GLN GLN A . n 
A 1 128 VAL 128 126 126 VAL VAL A . n 
A 1 129 VAL 129 127 127 VAL VAL A . n 
A 1 130 ASN 130 128 128 ASN ASN A . n 
A 1 131 GLU 131 129 129 GLU GLU A . n 
A 1 132 LEU 132 130 130 LEU LEU A . n 
A 1 133 PHE 133 131 131 PHE PHE A . n 
A 1 134 ARG 134 132 132 ARG ARG A . n 
A 1 135 ASP 135 133 133 ASP ASP A . n 
A 1 136 GLY 136 134 134 GLY GLY A . n 
A 1 137 VAL 137 135 135 VAL VAL A . n 
A 1 138 ASN 138 136 136 ASN ASN A . n 
A 1 139 TRP 139 137 137 TRP TRP A . n 
A 1 140 GLY 140 138 138 GLY GLY A . n 
A 1 141 ARG 141 139 139 ARG ARG A . n 
A 1 142 ILE 142 140 140 ILE ILE A . n 
A 1 143 VAL 143 141 141 VAL VAL A . n 
A 1 144 ALA 144 142 142 ALA ALA A . n 
A 1 145 PHE 145 143 143 PHE PHE A . n 
A 1 146 PHE 146 144 144 PHE PHE A . n 
A 1 147 SER 147 145 145 SER SER A . n 
A 1 148 PHE 148 146 146 PHE PHE A . n 
A 1 149 GLY 149 147 147 GLY GLY A . n 
A 1 150 GLY 150 148 148 GLY GLY A . n 
A 1 151 ALA 151 149 149 ALA ALA A . n 
A 1 152 LEU 152 150 150 LEU LEU A . n 
A 1 153 CYS 153 151 151 CYS CYS A . n 
A 1 154 VAL 154 152 152 VAL VAL A . n 
A 1 155 GLU 155 153 153 GLU GLU A . n 
A 1 156 SER 156 154 154 SER SER A . n 
A 1 157 VAL 157 155 155 VAL VAL A . n 
A 1 158 ASP 158 156 156 ASP ASP A . n 
A 1 159 LYS 159 157 157 LYS LYS A . n 
A 1 160 GLU 160 158 158 GLU GLU A . n 
A 1 161 MET 161 159 159 MET MET A . n 
A 1 162 GLN 162 160 160 GLN GLN A . n 
A 1 163 VAL 163 161 161 VAL VAL A . n 
A 1 164 LEU 164 162 162 LEU LEU A . n 
A 1 165 VAL 165 163 163 VAL VAL A . n 
A 1 166 SER 166 164 164 SER SER A . n 
A 1 167 ARG 167 165 165 ARG ARG A . n 
A 1 168 ILE 168 166 166 ILE ILE A . n 
A 1 169 ALA 169 167 167 ALA ALA A . n 
A 1 170 SER 170 168 168 SER SER A . n 
A 1 171 TRP 171 169 169 TRP TRP A . n 
A 1 172 MET 172 170 170 MET MET A . n 
A 1 173 ALA 173 171 171 ALA ALA A . n 
A 1 174 THR 174 172 172 THR THR A . n 
A 1 175 TYR 175 173 173 TYR TYR A . n 
A 1 176 LEU 176 174 174 LEU LEU A . n 
A 1 177 ASN 177 175 175 ASN ASN A . n 
A 1 178 ASP 178 176 176 ASP ASP A . n 
A 1 179 HIS 179 177 177 HIS HIS A . n 
A 1 180 LEU 180 178 178 LEU LEU A . n 
A 1 181 GLU 181 179 179 GLU GLU A . n 
A 1 182 PRO 182 180 180 PRO PRO A . n 
A 1 183 TRP 183 181 181 TRP TRP A . n 
A 1 184 ILE 184 182 182 ILE ILE A . n 
A 1 185 GLN 185 183 183 GLN GLN A . n 
A 1 186 GLU 186 184 184 GLU GLU A . n 
A 1 187 ASN 187 185 185 ASN ASN A . n 
A 1 188 GLY 188 186 186 GLY GLY A . n 
A 1 189 GLY 189 187 187 GLY GLY A . n 
A 1 190 TRP 190 188 188 TRP TRP A . n 
A 1 191 ASP 191 189 189 ASP ASP A . n 
A 1 192 THR 192 190 190 THR THR A . n 
A 1 193 PHE 193 191 191 PHE PHE A . n 
A 1 194 VAL 194 192 192 VAL VAL A . n 
A 1 195 ASP 195 193 193 ASP ASP A . n 
A 1 196 LEU 196 194 194 LEU LEU A . n 
A 1 197 TYR 197 195 195 TYR TYR A . n 
A 1 198 GLY 198 196 196 GLY GLY A . n 
B 2 1   NLG 1   145 145 NLG NLG B . n 
B 2 2   ILE 2   146 146 ILE ILE B . n 
B 2 3   TRP 3   147 147 TRP TRP B . n 
B 2 4   ILE 4   148 148 ILE ILE B . n 
B 2 5   ALA 5   149 149 ALA ALA B . n 
B 2 6   GLN 6   150 150 GLN GLN B . n 
B 2 7   GLU 7   151 151 GLU GLU B . n 
B 2 8   LEU 8   152 152 LEU LEU B . n 
B 2 9   ARG 9   153 153 ARG ARG B . n 
B 2 10  ARG 10  154 154 ARG ARG B . n 
B 2 11  ARG 11  155 155 ARG ARG B . n 
B 2 12  GLY 12  156 156 GLY GLY B . n 
B 2 13  ASP 13  157 157 ASP ASP B . n 
B 2 14  SEP 14  158 158 SEP SEP B . n 
B 2 15  PHE 15  159 159 PHE PHE B . n 
B 2 16  ASN 16  160 160 ASN ASN B . n 
B 2 17  ALA 17  161 161 ALA ALA B . n 
B 2 18  TYR 18  162 162 TYR TYR B . n 
B 2 19  TYR 19  163 163 TYR TYR B . n 
B 2 20  ALA 20  164 ?   ?   ?   B . n 
B 2 21  ARG 21  165 ?   ?   ?   B . n 
# 
loop_
_pdbx_nonpoly_scheme.asym_id 
_pdbx_nonpoly_scheme.entity_id 
_pdbx_nonpoly_scheme.mon_id 
_pdbx_nonpoly_scheme.ndb_seq_num 
_pdbx_nonpoly_scheme.pdb_seq_num 
_pdbx_nonpoly_scheme.auth_seq_num 
_pdbx_nonpoly_scheme.pdb_mon_id 
_pdbx_nonpoly_scheme.auth_mon_id 
_pdbx_nonpoly_scheme.pdb_strand_id 
_pdbx_nonpoly_scheme.pdb_ins_code 
C 3 ACT 1   201 1   ACT ACT A . 
D 4 CL  1   201 1   CL  CL  B . 
E 4 CL  1   202 2   CL  CL  B . 
F 5 HOH 1   301 138 HOH HOH A . 
F 5 HOH 2   302 80  HOH HOH A . 
F 5 HOH 3   303 38  HOH HOH A . 
F 5 HOH 4   304 51  HOH HOH A . 
F 5 HOH 5   305 34  HOH HOH A . 
F 5 HOH 6   306 42  HOH HOH A . 
F 5 HOH 7   307 85  HOH HOH A . 
F 5 HOH 8   308 7   HOH HOH A . 
F 5 HOH 9   309 9   HOH HOH A . 
F 5 HOH 10  310 88  HOH HOH A . 
F 5 HOH 11  311 139 HOH HOH A . 
F 5 HOH 12  312 58  HOH HOH A . 
F 5 HOH 13  313 119 HOH HOH A . 
F 5 HOH 14  314 47  HOH HOH A . 
F 5 HOH 15  315 84  HOH HOH A . 
F 5 HOH 16  316 6   HOH HOH A . 
F 5 HOH 17  317 64  HOH HOH A . 
F 5 HOH 18  318 125 HOH HOH A . 
F 5 HOH 19  319 74  HOH HOH A . 
F 5 HOH 20  320 27  HOH HOH A . 
F 5 HOH 21  321 15  HOH HOH A . 
F 5 HOH 22  322 25  HOH HOH A . 
F 5 HOH 23  323 33  HOH HOH A . 
F 5 HOH 24  324 53  HOH HOH A . 
F 5 HOH 25  325 28  HOH HOH A . 
F 5 HOH 26  326 14  HOH HOH A . 
F 5 HOH 27  327 21  HOH HOH A . 
F 5 HOH 28  328 4   HOH HOH A . 
F 5 HOH 29  329 43  HOH HOH A . 
F 5 HOH 30  330 26  HOH HOH A . 
F 5 HOH 31  331 83  HOH HOH A . 
F 5 HOH 32  332 61  HOH HOH A . 
F 5 HOH 33  333 135 HOH HOH A . 
F 5 HOH 34  334 120 HOH HOH A . 
F 5 HOH 35  335 10  HOH HOH A . 
F 5 HOH 36  336 8   HOH HOH A . 
F 5 HOH 37  337 32  HOH HOH A . 
F 5 HOH 38  338 75  HOH HOH A . 
F 5 HOH 39  339 24  HOH HOH A . 
F 5 HOH 40  340 100 HOH HOH A . 
F 5 HOH 41  341 29  HOH HOH A . 
F 5 HOH 42  342 49  HOH HOH A . 
F 5 HOH 43  343 143 HOH HOH A . 
F 5 HOH 44  344 104 HOH HOH A . 
F 5 HOH 45  345 13  HOH HOH A . 
F 5 HOH 46  346 112 HOH HOH A . 
F 5 HOH 47  347 46  HOH HOH A . 
F 5 HOH 48  348 127 HOH HOH A . 
F 5 HOH 49  349 122 HOH HOH A . 
F 5 HOH 50  350 11  HOH HOH A . 
F 5 HOH 51  351 66  HOH HOH A . 
F 5 HOH 52  352 52  HOH HOH A . 
F 5 HOH 53  353 62  HOH HOH A . 
F 5 HOH 54  354 72  HOH HOH A . 
F 5 HOH 55  355 89  HOH HOH A . 
F 5 HOH 56  356 87  HOH HOH A . 
F 5 HOH 57  357 30  HOH HOH A . 
F 5 HOH 58  358 96  HOH HOH A . 
F 5 HOH 59  359 131 HOH HOH A . 
F 5 HOH 60  360 48  HOH HOH A . 
F 5 HOH 61  361 5   HOH HOH A . 
F 5 HOH 62  362 60  HOH HOH A . 
F 5 HOH 63  363 44  HOH HOH A . 
F 5 HOH 64  364 45  HOH HOH A . 
F 5 HOH 65  365 126 HOH HOH A . 
F 5 HOH 66  366 93  HOH HOH A . 
F 5 HOH 67  367 86  HOH HOH A . 
F 5 HOH 68  368 12  HOH HOH A . 
F 5 HOH 69  369 68  HOH HOH A . 
F 5 HOH 70  370 114 HOH HOH A . 
F 5 HOH 71  371 141 HOH HOH A . 
F 5 HOH 72  372 37  HOH HOH A . 
F 5 HOH 73  373 73  HOH HOH A . 
F 5 HOH 74  374 110 HOH HOH A . 
F 5 HOH 75  375 1   HOH HOH A . 
F 5 HOH 76  376 65  HOH HOH A . 
F 5 HOH 77  377 90  HOH HOH A . 
F 5 HOH 78  378 117 HOH HOH A . 
F 5 HOH 79  379 19  HOH HOH A . 
F 5 HOH 80  380 116 HOH HOH A . 
F 5 HOH 81  381 31  HOH HOH A . 
F 5 HOH 82  382 76  HOH HOH A . 
F 5 HOH 83  383 94  HOH HOH A . 
F 5 HOH 84  384 50  HOH HOH A . 
F 5 HOH 85  385 71  HOH HOH A . 
F 5 HOH 86  386 3   HOH HOH A . 
F 5 HOH 87  387 107 HOH HOH A . 
F 5 HOH 88  388 103 HOH HOH A . 
F 5 HOH 89  389 109 HOH HOH A . 
F 5 HOH 90  390 118 HOH HOH A . 
F 5 HOH 91  391 35  HOH HOH A . 
F 5 HOH 92  392 2   HOH HOH A . 
F 5 HOH 93  393 95  HOH HOH A . 
F 5 HOH 94  394 79  HOH HOH A . 
F 5 HOH 95  395 39  HOH HOH A . 
F 5 HOH 96  396 113 HOH HOH A . 
F 5 HOH 97  397 17  HOH HOH A . 
F 5 HOH 98  398 70  HOH HOH A . 
F 5 HOH 99  399 81  HOH HOH A . 
F 5 HOH 100 400 59  HOH HOH A . 
F 5 HOH 101 401 20  HOH HOH A . 
F 5 HOH 102 402 134 HOH HOH A . 
F 5 HOH 103 403 22  HOH HOH A . 
F 5 HOH 104 404 142 HOH HOH A . 
F 5 HOH 105 405 91  HOH HOH A . 
F 5 HOH 106 406 115 HOH HOH A . 
F 5 HOH 107 407 123 HOH HOH A . 
F 5 HOH 108 408 133 HOH HOH A . 
F 5 HOH 109 409 69  HOH HOH A . 
F 5 HOH 110 410 137 HOH HOH A . 
F 5 HOH 111 411 124 HOH HOH A . 
F 5 HOH 112 412 18  HOH HOH A . 
F 5 HOH 113 413 36  HOH HOH A . 
F 5 HOH 114 414 67  HOH HOH A . 
F 5 HOH 115 415 99  HOH HOH A . 
F 5 HOH 116 416 101 HOH HOH A . 
F 5 HOH 117 417 98  HOH HOH A . 
F 5 HOH 118 418 105 HOH HOH A . 
F 5 HOH 119 419 140 HOH HOH A . 
F 5 HOH 120 420 78  HOH HOH A . 
F 5 HOH 121 421 97  HOH HOH A . 
F 5 HOH 122 422 77  HOH HOH A . 
F 5 HOH 123 423 102 HOH HOH A . 
F 5 HOH 124 424 128 HOH HOH A . 
F 5 HOH 125 425 106 HOH HOH A . 
G 5 HOH 1   301 111 HOH HOH B . 
G 5 HOH 2   302 136 HOH HOH B . 
G 5 HOH 3   303 57  HOH HOH B . 
G 5 HOH 4   304 82  HOH HOH B . 
G 5 HOH 5   305 63  HOH HOH B . 
G 5 HOH 6   306 41  HOH HOH B . 
G 5 HOH 7   307 55  HOH HOH B . 
G 5 HOH 8   308 54  HOH HOH B . 
G 5 HOH 9   309 121 HOH HOH B . 
G 5 HOH 10  310 132 HOH HOH B . 
G 5 HOH 11  311 92  HOH HOH B . 
G 5 HOH 12  312 108 HOH HOH B . 
G 5 HOH 13  313 56  HOH HOH B . 
G 5 HOH 14  314 40  HOH HOH B . 
G 5 HOH 15  315 16  HOH HOH B . 
G 5 HOH 16  316 23  HOH HOH B . 
G 5 HOH 17  317 129 HOH HOH B . 
G 5 HOH 18  318 130 HOH HOH B . 
# 
loop_
_pdbx_unobs_or_zero_occ_atoms.id 
_pdbx_unobs_or_zero_occ_atoms.PDB_model_num 
_pdbx_unobs_or_zero_occ_atoms.polymer_flag 
_pdbx_unobs_or_zero_occ_atoms.occupancy_flag 
_pdbx_unobs_or_zero_occ_atoms.auth_asym_id 
_pdbx_unobs_or_zero_occ_atoms.auth_comp_id 
_pdbx_unobs_or_zero_occ_atoms.auth_seq_id 
_pdbx_unobs_or_zero_occ_atoms.PDB_ins_code 
_pdbx_unobs_or_zero_occ_atoms.auth_atom_id 
_pdbx_unobs_or_zero_occ_atoms.label_alt_id 
_pdbx_unobs_or_zero_occ_atoms.label_asym_id 
_pdbx_unobs_or_zero_occ_atoms.label_comp_id 
_pdbx_unobs_or_zero_occ_atoms.label_seq_id 
_pdbx_unobs_or_zero_occ_atoms.label_atom_id 
1 1 Y 1 A ARG 102 ? CG  ? A ARG 104 CG  
2 1 Y 1 A ARG 102 ? CD  ? A ARG 104 CD  
3 1 Y 1 A ARG 102 ? NE  ? A ARG 104 NE  
4 1 Y 1 A ARG 102 ? CZ  ? A ARG 104 CZ  
5 1 Y 1 A ARG 102 ? NH1 ? A ARG 104 NH1 
6 1 Y 1 A ARG 102 ? NH2 ? A ARG 104 NH2 
# 
loop_
_software.citation_id 
_software.classification 
_software.compiler_name 
_software.compiler_version 
_software.contact_author 
_software.contact_author_email 
_software.date 
_software.description 
_software.dependencies 
_software.hardware 
_software.language 
_software.location 
_software.mods 
_software.name 
_software.os 
_software.os_version 
_software.type 
_software.version 
_software.pdbx_ordinal 
? refinement       ? ? ? ? ? ? ? ? ? ? ? CNS      ? ? ? . 1 
? 'data reduction' ? ? ? ? ? ? ? ? ? ? ? HKL-2000 ? ? ? . 2 
? 'data scaling'   ? ? ? ? ? ? ? ? ? ? ? HKL-2000 ? ? ? . 3 
? phasing          ? ? ? ? ? ? ? ? ? ? ? MOLREP   ? ? ? . 4 
# 
_cell.angle_alpha                  90.00 
_cell.angle_alpha_esd              ? 
_cell.angle_beta                   90.00 
_cell.angle_beta_esd               ? 
_cell.angle_gamma                  120.00 
_cell.angle_gamma_esd              ? 
_cell.entry_id                     4YJ4 
_cell.details                      ? 
_cell.formula_units_Z              ? 
_cell.length_a                     72.926 
_cell.length_a_esd                 ? 
_cell.length_b                     72.926 
_cell.length_b_esd                 ? 
_cell.length_c                     75.458 
_cell.length_c_esd                 ? 
_cell.volume                       ? 
_cell.volume_esd                   ? 
_cell.Z_PDB                        6 
_cell.reciprocal_angle_alpha       ? 
_cell.reciprocal_angle_beta        ? 
_cell.reciprocal_angle_gamma       ? 
_cell.reciprocal_angle_alpha_esd   ? 
_cell.reciprocal_angle_beta_esd    ? 
_cell.reciprocal_angle_gamma_esd   ? 
_cell.reciprocal_length_a          ? 
_cell.reciprocal_length_b          ? 
_cell.reciprocal_length_c          ? 
_cell.reciprocal_length_a_esd      ? 
_cell.reciprocal_length_b_esd      ? 
_cell.reciprocal_length_c_esd      ? 
_cell.pdbx_unique_axis             ? 
# 
_symmetry.entry_id                         4YJ4 
_symmetry.cell_setting                     ? 
_symmetry.Int_Tables_number                154 
_symmetry.space_group_name_Hall            ? 
_symmetry.space_group_name_H-M             'P 32 2 1' 
_symmetry.pdbx_full_space_group_name_H-M   ? 
# 
_exptl.absorpt_coefficient_mu     ? 
_exptl.absorpt_correction_T_max   ? 
_exptl.absorpt_correction_T_min   ? 
_exptl.absorpt_correction_type    ? 
_exptl.absorpt_process_details    ? 
_exptl.entry_id                   4YJ4 
_exptl.crystals_number            ? 
_exptl.details                    ? 
_exptl.method                     'X-RAY DIFFRACTION' 
_exptl.method_details             ? 
# 
_exptl_crystal.colour                      ? 
_exptl_crystal.density_diffrn              ? 
_exptl_crystal.density_Matthews            2.32 
_exptl_crystal.density_method              ? 
_exptl_crystal.density_percent_sol         46.90 
_exptl_crystal.description                 ? 
_exptl_crystal.F_000                       ? 
_exptl_crystal.id                          1 
_exptl_crystal.preparation                 ? 
_exptl_crystal.size_max                    ? 
_exptl_crystal.size_mid                    ? 
_exptl_crystal.size_min                    ? 
_exptl_crystal.size_rad                    ? 
_exptl_crystal.colour_lustre               ? 
_exptl_crystal.colour_modifier             ? 
_exptl_crystal.colour_primary              ? 
_exptl_crystal.density_meas                ? 
_exptl_crystal.density_meas_esd            ? 
_exptl_crystal.density_meas_gt             ? 
_exptl_crystal.density_meas_lt             ? 
_exptl_crystal.density_meas_temp           ? 
_exptl_crystal.density_meas_temp_esd       ? 
_exptl_crystal.density_meas_temp_gt        ? 
_exptl_crystal.density_meas_temp_lt        ? 
_exptl_crystal.pdbx_crystal_image_url      ? 
_exptl_crystal.pdbx_crystal_image_format   ? 
_exptl_crystal.pdbx_mosaicity              ? 
_exptl_crystal.pdbx_mosaicity_esd          ? 
# 
_exptl_crystal_grow.apparatus       ? 
_exptl_crystal_grow.atmosphere      ? 
_exptl_crystal_grow.crystal_id      1 
_exptl_crystal_grow.details         ? 
_exptl_crystal_grow.method          'VAPOR DIFFUSION' 
_exptl_crystal_grow.method_ref      ? 
_exptl_crystal_grow.pH              4.8 
_exptl_crystal_grow.pressure        ? 
_exptl_crystal_grow.pressure_esd    ? 
_exptl_crystal_grow.seeding         ? 
_exptl_crystal_grow.seeding_ref     ? 
_exptl_crystal_grow.temp            293 
_exptl_crystal_grow.temp_details    ? 
_exptl_crystal_grow.temp_esd        ? 
_exptl_crystal_grow.time            ? 
_exptl_crystal_grow.pdbx_details    '0.1 M sodium acetate (pH 4.8), 3.0 M sodium chloride' 
_exptl_crystal_grow.pdbx_pH_range   ? 
# 
_diffrn.ambient_environment    ? 
_diffrn.ambient_temp           100 
_diffrn.ambient_temp_details   ? 
_diffrn.ambient_temp_esd       ? 
_diffrn.crystal_id             1 
_diffrn.crystal_support        ? 
_diffrn.crystal_treatment      ? 
_diffrn.details                ? 
_diffrn.id                     1 
_diffrn.ambient_pressure       ? 
_diffrn.ambient_pressure_esd   ? 
_diffrn.ambient_pressure_gt    ? 
_diffrn.ambient_pressure_lt    ? 
_diffrn.ambient_temp_gt        ? 
_diffrn.ambient_temp_lt        ? 
# 
_diffrn_detector.details                      ? 
_diffrn_detector.detector                     'IMAGE PLATE' 
_diffrn_detector.diffrn_id                    1 
_diffrn_detector.type                         'RIGAKU RAXIS IV++' 
_diffrn_detector.area_resol_mean              ? 
_diffrn_detector.dtime                        ? 
_diffrn_detector.pdbx_frames_total            ? 
_diffrn_detector.pdbx_collection_time_total   ? 
_diffrn_detector.pdbx_collection_date         2012-08-21 
# 
_diffrn_radiation.collimation                      ? 
_diffrn_radiation.diffrn_id                        1 
_diffrn_radiation.filter_edge                      ? 
_diffrn_radiation.inhomogeneity                    ? 
_diffrn_radiation.monochromator                    ? 
_diffrn_radiation.polarisn_norm                    ? 
_diffrn_radiation.polarisn_ratio                   ? 
_diffrn_radiation.probe                            ? 
_diffrn_radiation.type                             ? 
_diffrn_radiation.xray_symbol                      ? 
_diffrn_radiation.wavelength_id                    1 
_diffrn_radiation.pdbx_monochromatic_or_laue_m_l   M 
_diffrn_radiation.pdbx_wavelength_list             ? 
_diffrn_radiation.pdbx_wavelength                  ? 
_diffrn_radiation.pdbx_diffrn_protocol             'SINGLE WAVELENGTH' 
_diffrn_radiation.pdbx_analyzer                    ? 
_diffrn_radiation.pdbx_scattering_type             x-ray 
# 
_diffrn_radiation_wavelength.id           1 
_diffrn_radiation_wavelength.wavelength   1.5418 
_diffrn_radiation_wavelength.wt           1.0 
# 
_diffrn_source.current                     ? 
_diffrn_source.details                     ? 
_diffrn_source.diffrn_id                   1 
_diffrn_source.power                       ? 
_diffrn_source.size                        ? 
_diffrn_source.source                      'ROTATING ANODE' 
_diffrn_source.target                      ? 
_diffrn_source.type                        RIGAKU 
_diffrn_source.voltage                     ? 
_diffrn_source.take-off_angle              ? 
_diffrn_source.pdbx_wavelength_list        1.5418 
_diffrn_source.pdbx_wavelength             ? 
_diffrn_source.pdbx_synchrotron_beamline   ? 
_diffrn_source.pdbx_synchrotron_site       ? 
# 
_reflns.B_iso_Wilson_estimate            ? 
_reflns.entry_id                         4YJ4 
_reflns.data_reduction_details           ? 
_reflns.data_reduction_method            ? 
_reflns.d_resolution_high                2.09 
_reflns.d_resolution_low                 50 
_reflns.details                          ? 
_reflns.limit_h_max                      ? 
_reflns.limit_h_min                      ? 
_reflns.limit_k_max                      ? 
_reflns.limit_k_min                      ? 
_reflns.limit_l_max                      ? 
_reflns.limit_l_min                      ? 
_reflns.number_all                       ? 
_reflns.number_obs                       14211 
_reflns.observed_criterion               ? 
_reflns.observed_criterion_F_max         ? 
_reflns.observed_criterion_F_min         ? 
_reflns.observed_criterion_I_max         ? 
_reflns.observed_criterion_I_min         ? 
_reflns.observed_criterion_sigma_F       ? 
_reflns.observed_criterion_sigma_I       ? 
_reflns.percent_possible_obs             96.4 
_reflns.R_free_details                   ? 
_reflns.Rmerge_F_all                     ? 
_reflns.Rmerge_F_obs                     ? 
_reflns.Friedel_coverage                 ? 
_reflns.number_gt                        ? 
_reflns.threshold_expression             ? 
_reflns.pdbx_redundancy                  6.3 
_reflns.pdbx_Rmerge_I_obs                ? 
_reflns.pdbx_Rmerge_I_all                ? 
_reflns.pdbx_Rsym_value                  ? 
_reflns.pdbx_netI_over_av_sigmaI         ? 
_reflns.pdbx_netI_over_sigmaI            34.5 
_reflns.pdbx_res_netI_over_av_sigmaI_2   ? 
_reflns.pdbx_res_netI_over_sigmaI_2      ? 
_reflns.pdbx_chi_squared                 ? 
_reflns.pdbx_scaling_rejects             ? 
_reflns.pdbx_d_res_high_opt              ? 
_reflns.pdbx_d_res_low_opt               ? 
_reflns.pdbx_d_res_opt_method            ? 
_reflns.phase_calculation_details        ? 
_reflns.pdbx_Rrim_I_all                  ? 
_reflns.pdbx_Rpim_I_all                  ? 
_reflns.pdbx_d_opt                       ? 
_reflns.pdbx_number_measured_all         ? 
_reflns.pdbx_diffrn_id                   1 
_reflns.pdbx_ordinal                     1 
_reflns.pdbx_CC_half                     ? 
_reflns.pdbx_R_split                     ? 
# 
_refine.aniso_B[1][1]                            ? 
_refine.aniso_B[1][2]                            ? 
_refine.aniso_B[1][3]                            ? 
_refine.aniso_B[2][2]                            ? 
_refine.aniso_B[2][3]                            ? 
_refine.aniso_B[3][3]                            ? 
_refine.B_iso_max                                ? 
_refine.B_iso_mean                               ? 
_refine.B_iso_min                                ? 
_refine.correlation_coeff_Fo_to_Fc               ? 
_refine.correlation_coeff_Fo_to_Fc_free          ? 
_refine.details                                  ? 
_refine.diff_density_max                         ? 
_refine.diff_density_max_esd                     ? 
_refine.diff_density_min                         ? 
_refine.diff_density_min_esd                     ? 
_refine.diff_density_rms                         ? 
_refine.diff_density_rms_esd                     ? 
_refine.entry_id                                 4YJ4 
_refine.pdbx_refine_id                           'X-RAY DIFFRACTION' 
_refine.ls_abs_structure_details                 ? 
_refine.ls_abs_structure_Flack                   ? 
_refine.ls_abs_structure_Flack_esd               ? 
_refine.ls_abs_structure_Rogers                  ? 
_refine.ls_abs_structure_Rogers_esd              ? 
_refine.ls_d_res_high                            2.1 
_refine.ls_d_res_low                             50 
_refine.ls_extinction_coef                       ? 
_refine.ls_extinction_coef_esd                   ? 
_refine.ls_extinction_expression                 ? 
_refine.ls_extinction_method                     ? 
_refine.ls_goodness_of_fit_all                   ? 
_refine.ls_goodness_of_fit_all_esd               ? 
_refine.ls_goodness_of_fit_obs                   ? 
_refine.ls_goodness_of_fit_obs_esd               ? 
_refine.ls_hydrogen_treatment                    ? 
_refine.ls_matrix_type                           ? 
_refine.ls_number_constraints                    ? 
_refine.ls_number_parameters                     ? 
_refine.ls_number_reflns_all                     ? 
_refine.ls_number_reflns_obs                     13580 
_refine.ls_number_reflns_R_free                  ? 
_refine.ls_number_reflns_R_work                  ? 
_refine.ls_number_restraints                     ? 
_refine.ls_percent_reflns_obs                    97.4 
_refine.ls_percent_reflns_R_free                 ? 
_refine.ls_R_factor_all                          ? 
_refine.ls_R_factor_obs                          0.1831 
_refine.ls_R_factor_R_free                       0.2107 
_refine.ls_R_factor_R_free_error                 ? 
_refine.ls_R_factor_R_free_error_details         ? 
_refine.ls_R_factor_R_work                       0.1831 
_refine.ls_R_Fsqd_factor_obs                     ? 
_refine.ls_R_I_factor_obs                        ? 
_refine.ls_redundancy_reflns_all                 ? 
_refine.ls_redundancy_reflns_obs                 ? 
_refine.ls_restrained_S_all                      ? 
_refine.ls_restrained_S_obs                      ? 
_refine.ls_shift_over_esd_max                    ? 
_refine.ls_shift_over_esd_mean                   ? 
_refine.ls_structure_factor_coef                 ? 
_refine.ls_weighting_details                     ? 
_refine.ls_weighting_scheme                      ? 
_refine.ls_wR_factor_all                         ? 
_refine.ls_wR_factor_obs                         ? 
_refine.ls_wR_factor_R_free                      ? 
_refine.ls_wR_factor_R_work                      ? 
_refine.occupancy_max                            ? 
_refine.occupancy_min                            ? 
_refine.solvent_model_details                    ? 
_refine.solvent_model_param_bsol                 ? 
_refine.solvent_model_param_ksol                 ? 
_refine.ls_R_factor_gt                           ? 
_refine.ls_goodness_of_fit_gt                    ? 
_refine.ls_goodness_of_fit_ref                   ? 
_refine.ls_shift_over_su_max                     ? 
_refine.ls_shift_over_su_max_lt                  ? 
_refine.ls_shift_over_su_mean                    ? 
_refine.ls_shift_over_su_mean_lt                 ? 
_refine.pdbx_ls_sigma_I                          ? 
_refine.pdbx_ls_sigma_F                          ? 
_refine.pdbx_ls_sigma_Fsqd                       ? 
_refine.pdbx_data_cutoff_high_absF               ? 
_refine.pdbx_data_cutoff_high_rms_absF           ? 
_refine.pdbx_data_cutoff_low_absF                ? 
_refine.pdbx_isotropic_thermal_model             ? 
_refine.pdbx_ls_cross_valid_method               'FREE R-VALUE' 
_refine.pdbx_method_to_determine_struct          ? 
_refine.pdbx_starting_model                      ? 
_refine.pdbx_stereochemistry_target_values       ? 
_refine.pdbx_R_Free_selection_details            ? 
_refine.pdbx_stereochem_target_val_spec_case     ? 
_refine.pdbx_overall_ESU_R                       ? 
_refine.pdbx_overall_ESU_R_Free                  ? 
_refine.pdbx_solvent_vdw_probe_radii             ? 
_refine.pdbx_solvent_ion_probe_radii             ? 
_refine.pdbx_solvent_shrinkage_radii             ? 
_refine.pdbx_real_space_R                        ? 
_refine.pdbx_density_correlation                 ? 
_refine.pdbx_pd_number_of_powder_patterns        ? 
_refine.pdbx_pd_number_of_points                 ? 
_refine.pdbx_pd_meas_number_of_points            ? 
_refine.pdbx_pd_proc_ls_prof_R_factor            ? 
_refine.pdbx_pd_proc_ls_prof_wR_factor           ? 
_refine.pdbx_pd_Marquardt_correlation_coeff      ? 
_refine.pdbx_pd_Fsqrd_R_factor                   ? 
_refine.pdbx_pd_ls_matrix_band_width             ? 
_refine.pdbx_overall_phase_error                 ? 
_refine.pdbx_overall_SU_R_free_Cruickshank_DPI   ? 
_refine.pdbx_overall_SU_R_free_Blow_DPI          ? 
_refine.pdbx_overall_SU_R_Blow_DPI               ? 
_refine.pdbx_TLS_residual_ADP_flag               ? 
_refine.pdbx_diffrn_id                           1 
_refine.overall_SU_B                             ? 
_refine.overall_SU_ML                            ? 
_refine.overall_SU_R_Cruickshank_DPI             ? 
_refine.overall_SU_R_free                        ? 
_refine.overall_FOM_free_R_set                   ? 
_refine.overall_FOM_work_R_set                   ? 
_refine.pdbx_average_fsc_overall                 ? 
_refine.pdbx_average_fsc_work                    ? 
_refine.pdbx_average_fsc_free                    ? 
# 
_refine_hist.pdbx_refine_id                   'X-RAY DIFFRACTION' 
_refine_hist.cycle_id                         LAST 
_refine_hist.pdbx_number_atoms_protein        1364 
_refine_hist.pdbx_number_atoms_nucleic_acid   0 
_refine_hist.pdbx_number_atoms_ligand         6 
_refine_hist.number_atoms_solvent             143 
_refine_hist.number_atoms_total               1513 
_refine_hist.d_res_high                       2.1 
_refine_hist.d_res_low                        50 
# 
_struct.entry_id                     4YJ4 
_struct.title                        
'Crystal structure of Bcl-xL in complex with the BIM BH3 domain containing Ile155-to-Arg and Glu158-to-phosphoserine mutations' 
_struct.pdbx_model_details           ? 
_struct.pdbx_formula_weight          ? 
_struct.pdbx_formula_weight_method   ? 
_struct.pdbx_model_type_details      ? 
_struct.pdbx_CASP_flag               ? 
# 
_struct_keywords.entry_id        4YJ4 
_struct_keywords.text            'Bcl-xL, BIM, BH3, apoptosis' 
_struct_keywords.pdbx_keywords   APOPTOSIS 
# 
loop_
_struct_asym.id 
_struct_asym.pdbx_blank_PDB_chainid_flag 
_struct_asym.pdbx_modified 
_struct_asym.entity_id 
_struct_asym.details 
A N N 1 ? 
B N N 2 ? 
C N N 3 ? 
D N N 4 ? 
E N N 4 ? 
F N N 5 ? 
G N N 5 ? 
# 
loop_
_struct_ref.id 
_struct_ref.db_name 
_struct_ref.db_code 
_struct_ref.pdbx_db_accession 
_struct_ref.pdbx_db_isoform 
_struct_ref.entity_id 
_struct_ref.pdbx_seq_one_letter_code 
_struct_ref.pdbx_align_begin 
1 UNP B2CL1_MOUSE Q64373 ? 1 
;MSQSNRELVVDFLSYKLSQKGYSWSQFSDVEENRTEAPEETEAERETPSAINGNPSWHLADSPAVNGATGHSSSLDAREV
IPMAAVKQALREAGDEFELRYRRAFSDLTSQLHITPGTAYQSFEQVVNELFRDGVNWGRIVAFFSFGGALCVESVDKEMQ
VLVSRIASWMATYLNDHLEPWIQENGGWDTFVDLYG
;
1 
2 PDB 4YJ4        4YJ4   ? 2 ? 1 
# 
loop_
_struct_ref_seq.align_id 
_struct_ref_seq.ref_id 
_struct_ref_seq.pdbx_PDB_id_code 
_struct_ref_seq.pdbx_strand_id 
_struct_ref_seq.seq_align_beg 
_struct_ref_seq.pdbx_seq_align_beg_ins_code 
_struct_ref_seq.seq_align_end 
_struct_ref_seq.pdbx_seq_align_end_ins_code 
_struct_ref_seq.pdbx_db_accession 
_struct_ref_seq.db_align_beg 
_struct_ref_seq.pdbx_db_align_beg_ins_code 
_struct_ref_seq.db_align_end 
_struct_ref_seq.pdbx_db_align_end_ins_code 
_struct_ref_seq.pdbx_auth_seq_align_beg 
_struct_ref_seq.pdbx_auth_seq_align_end 
1 1 4YJ4 A 3 ? 198 ? Q64373 1   ? 196 ? 1   196 
2 2 4YJ4 B 1 ? 21  ? 4YJ4   145 ? 165 ? 145 165 
# 
loop_
_struct_ref_seq_dif.align_id 
_struct_ref_seq_dif.pdbx_pdb_id_code 
_struct_ref_seq_dif.mon_id 
_struct_ref_seq_dif.pdbx_pdb_strand_id 
_struct_ref_seq_dif.seq_num 
_struct_ref_seq_dif.pdbx_pdb_ins_code 
_struct_ref_seq_dif.pdbx_seq_db_name 
_struct_ref_seq_dif.pdbx_seq_db_accession_code 
_struct_ref_seq_dif.db_mon_id 
_struct_ref_seq_dif.pdbx_seq_db_seq_num 
_struct_ref_seq_dif.details 
_struct_ref_seq_dif.pdbx_auth_seq_num 
_struct_ref_seq_dif.pdbx_ordinal 
1 4YJ4 GLY A 1  ? UNP Q64373 ?   ?  'expression tag'      -1 1 
1 4YJ4 HIS A 2  ? UNP Q64373 ?   ?  'expression tag'      0  2 
1 4YJ4 GLU A 85 ? UNP Q64373 MET 83 'engineered mutation' 83 3 
1 4YJ4 SER A 86 ? UNP Q64373 ALA 84 'engineered mutation' 84 4 
# 
_pdbx_struct_assembly.id                   1 
_pdbx_struct_assembly.details              author_and_software_defined_assembly 
_pdbx_struct_assembly.method_details       PISA 
_pdbx_struct_assembly.oligomeric_details   dimeric 
_pdbx_struct_assembly.oligomeric_count     2 
# 
loop_
_pdbx_struct_assembly_prop.biol_id 
_pdbx_struct_assembly_prop.type 
_pdbx_struct_assembly_prop.value 
_pdbx_struct_assembly_prop.details 
1 'ABSA (A^2)' 2520 ? 
1 MORE         -23  ? 
1 'SSA (A^2)'  8340 ? 
# 
_pdbx_struct_assembly_gen.assembly_id       1 
_pdbx_struct_assembly_gen.oper_expression   1 
_pdbx_struct_assembly_gen.asym_id_list      A,B,C,D,E,F,G 
# 
_pdbx_struct_oper_list.id                   1 
_pdbx_struct_oper_list.type                 'identity operation' 
_pdbx_struct_oper_list.name                 1_555 
_pdbx_struct_oper_list.symmetry_operation   x,y,z 
_pdbx_struct_oper_list.matrix[1][1]         1.0000000000 
_pdbx_struct_oper_list.matrix[1][2]         0.0000000000 
_pdbx_struct_oper_list.matrix[1][3]         0.0000000000 
_pdbx_struct_oper_list.vector[1]            0.0000000000 
_pdbx_struct_oper_list.matrix[2][1]         0.0000000000 
_pdbx_struct_oper_list.matrix[2][2]         1.0000000000 
_pdbx_struct_oper_list.matrix[2][3]         0.0000000000 
_pdbx_struct_oper_list.vector[2]            0.0000000000 
_pdbx_struct_oper_list.matrix[3][1]         0.0000000000 
_pdbx_struct_oper_list.matrix[3][2]         0.0000000000 
_pdbx_struct_oper_list.matrix[3][3]         1.0000000000 
_pdbx_struct_oper_list.vector[3]            0.0000000000 
# 
loop_
_struct_conf.conf_type_id 
_struct_conf.id 
_struct_conf.pdbx_PDB_helix_id 
_struct_conf.beg_label_comp_id 
_struct_conf.beg_label_asym_id 
_struct_conf.beg_label_seq_id 
_struct_conf.pdbx_beg_PDB_ins_code 
_struct_conf.end_label_comp_id 
_struct_conf.end_label_asym_id 
_struct_conf.end_label_seq_id 
_struct_conf.pdbx_end_PDB_ins_code 
_struct_conf.beg_auth_comp_id 
_struct_conf.beg_auth_asym_id 
_struct_conf.beg_auth_seq_id 
_struct_conf.end_auth_comp_id 
_struct_conf.end_auth_asym_id 
_struct_conf.end_auth_seq_id 
_struct_conf.pdbx_PDB_helix_class 
_struct_conf.details 
_struct_conf.pdbx_PDB_helix_length 
HELX_P HELX_P1  AA1 GLY A 1   ? LYS A 22  ? GLY A -1  LYS A 20  1 ? 22 
HELX_P HELX_P2  AA2 SER A 25  ? PHE A 29  ? SER A 23  PHE A 27  5 ? 5  
HELX_P HELX_P3  AA3 SER A 86  ? ARG A 104 ? SER A 84  ARG A 102 1 ? 19 
HELX_P HELX_P4  AA4 ARG A 105 ? SER A 108 ? ARG A 103 SER A 106 5 ? 4  
HELX_P HELX_P5  AA5 ASP A 109 ? LEU A 114 ? ASP A 107 LEU A 112 1 ? 6  
HELX_P HELX_P6  AA6 THR A 120 ? PHE A 133 ? THR A 118 PHE A 131 1 ? 14 
HELX_P HELX_P7  AA7 ASN A 138 ? LYS A 159 ? ASN A 136 LYS A 157 1 ? 22 
HELX_P HELX_P8  AA8 VAL A 163 ? LEU A 180 ? VAL A 161 LEU A 178 1 ? 18 
HELX_P HELX_P9  AA9 LEU A 180 ? ASN A 187 ? LEU A 178 ASN A 185 1 ? 8  
HELX_P HELX_P10 AB1 GLY A 188 ? GLY A 198 ? GLY A 186 GLY A 196 1 ? 11 
HELX_P HELX_P11 AB2 ILE B 2   ? TYR B 19  ? ILE B 146 TYR B 163 1 ? 18 
# 
_struct_conf_type.id          HELX_P 
_struct_conf_type.criteria    ? 
_struct_conf_type.reference   ? 
# 
loop_
_struct_conn.id 
_struct_conn.conn_type_id 
_struct_conn.pdbx_leaving_atom_flag 
_struct_conn.pdbx_PDB_id 
_struct_conn.ptnr1_label_asym_id 
_struct_conn.ptnr1_label_comp_id 
_struct_conn.ptnr1_label_seq_id 
_struct_conn.ptnr1_label_atom_id 
_struct_conn.pdbx_ptnr1_label_alt_id 
_struct_conn.pdbx_ptnr1_PDB_ins_code 
_struct_conn.pdbx_ptnr1_standard_comp_id 
_struct_conn.ptnr1_symmetry 
_struct_conn.ptnr2_label_asym_id 
_struct_conn.ptnr2_label_comp_id 
_struct_conn.ptnr2_label_seq_id 
_struct_conn.ptnr2_label_atom_id 
_struct_conn.pdbx_ptnr2_label_alt_id 
_struct_conn.pdbx_ptnr2_PDB_ins_code 
_struct_conn.ptnr1_auth_asym_id 
_struct_conn.ptnr1_auth_comp_id 
_struct_conn.ptnr1_auth_seq_id 
_struct_conn.ptnr2_auth_asym_id 
_struct_conn.ptnr2_auth_comp_id 
_struct_conn.ptnr2_auth_seq_id 
_struct_conn.ptnr2_symmetry 
_struct_conn.pdbx_ptnr3_label_atom_id 
_struct_conn.pdbx_ptnr3_label_seq_id 
_struct_conn.pdbx_ptnr3_label_comp_id 
_struct_conn.pdbx_ptnr3_label_asym_id 
_struct_conn.pdbx_ptnr3_label_alt_id 
_struct_conn.pdbx_ptnr3_PDB_ins_code 
_struct_conn.details 
_struct_conn.pdbx_dist_value 
_struct_conn.pdbx_value_order 
_struct_conn.pdbx_role 
covale1 covale both ? B NLG 1  C ? ? ? 1_555 B ILE 2  N ? ? B NLG 145 B ILE 146 1_555 ? ? ? ? ? ? ? 1.330 ? ? 
covale2 covale both ? B ASP 13 C ? ? ? 1_555 B SEP 14 N ? ? B ASP 157 B SEP 158 1_555 ? ? ? ? ? ? ? 1.424 ? ? 
covale3 covale both ? B SEP 14 C ? ? ? 1_555 B PHE 15 N ? ? B SEP 158 B PHE 159 1_555 ? ? ? ? ? ? ? 1.332 ? ? 
# 
_struct_conn_type.id          covale 
_struct_conn_type.criteria    ? 
_struct_conn_type.reference   ? 
# 
loop_
_struct_site.id 
_struct_site.pdbx_evidence_code 
_struct_site.pdbx_auth_asym_id 
_struct_site.pdbx_auth_comp_id 
_struct_site.pdbx_auth_seq_id 
_struct_site.pdbx_auth_ins_code 
_struct_site.pdbx_num_residues 
_struct_site.details 
AC1 Software A ACT 201 ? 2 'binding site for residue ACT A 201' 
AC2 Software B CL  201 ? 4 'binding site for residue CL B 201'  
AC3 Software B CL  202 ? 3 'binding site for residue CL B 202'  
# 
loop_
_struct_site_gen.id 
_struct_site_gen.site_id 
_struct_site_gen.pdbx_num_res 
_struct_site_gen.label_comp_id 
_struct_site_gen.label_asym_id 
_struct_site_gen.label_seq_id 
_struct_site_gen.pdbx_auth_ins_code 
_struct_site_gen.auth_comp_id 
_struct_site_gen.auth_asym_id 
_struct_site_gen.auth_seq_id 
_struct_site_gen.label_atom_id 
_struct_site_gen.label_alt_id 
_struct_site_gen.symmetry 
_struct_site_gen.details 
1 AC1 2 GLU A 100 ? GLU A 98  . ? 1_555 ? 
2 AC1 2 HOH F .   ? HOH A 301 . ? 1_555 ? 
3 AC2 4 ARG A 8   ? ARG A 6   . ? 2_564 ? 
4 AC2 4 ASN A 177 ? ASN A 175 . ? 2_564 ? 
5 AC2 4 GLU B 7   ? GLU B 151 . ? 1_555 ? 
6 AC2 4 ARG B 11  ? ARG B 155 . ? 1_555 ? 
7 AC3 3 ARG A 134 ? ARG A 132 . ? 1_555 ? 
8 AC3 3 GLN B 6   ? GLN B 150 . ? 1_555 ? 
9 AC3 3 ARG B 9   ? ARG B 153 . ? 1_555 ? 
# 
_pdbx_entry_details.entry_id                   4YJ4 
_pdbx_entry_details.compound_details           ? 
_pdbx_entry_details.source_details             ? 
_pdbx_entry_details.nonpolymer_details         ? 
_pdbx_entry_details.sequence_details           ? 
_pdbx_entry_details.has_ligand_of_interest     ? 
_pdbx_entry_details.has_protein_modification   Y 
# 
_pdbx_validate_close_contact.id               1 
_pdbx_validate_close_contact.PDB_model_num    1 
_pdbx_validate_close_contact.auth_atom_id_1   OH 
_pdbx_validate_close_contact.auth_asym_id_1   B 
_pdbx_validate_close_contact.auth_comp_id_1   TYR 
_pdbx_validate_close_contact.auth_seq_id_1    163 
_pdbx_validate_close_contact.PDB_ins_code_1   ? 
_pdbx_validate_close_contact.label_alt_id_1   ? 
_pdbx_validate_close_contact.auth_atom_id_2   O 
_pdbx_validate_close_contact.auth_asym_id_2   B 
_pdbx_validate_close_contact.auth_comp_id_2   HOH 
_pdbx_validate_close_contact.auth_seq_id_2    301 
_pdbx_validate_close_contact.PDB_ins_code_2   ? 
_pdbx_validate_close_contact.label_alt_id_2   ? 
_pdbx_validate_close_contact.dist             1.74 
# 
loop_
_pdbx_unobs_or_zero_occ_residues.id 
_pdbx_unobs_or_zero_occ_residues.PDB_model_num 
_pdbx_unobs_or_zero_occ_residues.polymer_flag 
_pdbx_unobs_or_zero_occ_residues.occupancy_flag 
_pdbx_unobs_or_zero_occ_residues.auth_asym_id 
_pdbx_unobs_or_zero_occ_residues.auth_comp_id 
_pdbx_unobs_or_zero_occ_residues.auth_seq_id 
_pdbx_unobs_or_zero_occ_residues.PDB_ins_code 
_pdbx_unobs_or_zero_occ_residues.label_asym_id 
_pdbx_unobs_or_zero_occ_residues.label_comp_id 
_pdbx_unobs_or_zero_occ_residues.label_seq_id 
1  1 Y 1 A GLU 32  ? A GLU 34 
2  1 Y 1 A ASN 33  ? A ASN 35 
3  1 Y 1 A ARG 34  ? A ARG 36 
4  1 Y 1 A THR 35  ? A THR 37 
5  1 Y 1 A GLU 36  ? A GLU 38 
6  1 Y 1 A ALA 37  ? A ALA 39 
7  1 Y 1 A PRO 38  ? A PRO 40 
8  1 Y 1 A GLU 39  ? A GLU 41 
9  1 Y 1 A GLU 40  ? A GLU 42 
10 1 Y 1 A THR 41  ? A THR 43 
11 1 Y 1 A GLU 42  ? A GLU 44 
12 1 Y 1 A ALA 43  ? A ALA 45 
13 1 Y 1 A GLU 44  ? A GLU 46 
14 1 Y 1 A ARG 45  ? A ARG 47 
15 1 Y 1 A GLU 46  ? A GLU 48 
16 1 Y 1 A THR 47  ? A THR 49 
17 1 Y 1 A PRO 48  ? A PRO 50 
18 1 Y 1 A SER 49  ? A SER 51 
19 1 Y 1 A ALA 50  ? A ALA 52 
20 1 Y 1 A ILE 51  ? A ILE 53 
21 1 Y 1 A ASN 52  ? A ASN 54 
22 1 Y 1 A GLY 53  ? A GLY 55 
23 1 Y 1 A ASN 54  ? A ASN 56 
24 1 Y 1 A PRO 55  ? A PRO 57 
25 1 Y 1 A SER 56  ? A SER 58 
26 1 Y 1 A TRP 57  ? A TRP 59 
27 1 Y 1 A HIS 58  ? A HIS 60 
28 1 Y 1 A LEU 59  ? A LEU 61 
29 1 Y 1 A ALA 60  ? A ALA 62 
30 1 Y 1 A ASP 61  ? A ASP 63 
31 1 Y 1 A SER 62  ? A SER 64 
32 1 Y 1 A PRO 63  ? A PRO 65 
33 1 Y 1 A ALA 64  ? A ALA 66 
34 1 Y 1 A VAL 65  ? A VAL 67 
35 1 Y 1 A ASN 66  ? A ASN 68 
36 1 Y 1 A GLY 67  ? A GLY 69 
37 1 Y 1 A ALA 68  ? A ALA 70 
38 1 Y 1 A THR 69  ? A THR 71 
39 1 Y 1 A GLY 70  ? A GLY 72 
40 1 Y 1 A HIS 71  ? A HIS 73 
41 1 Y 1 A SER 72  ? A SER 74 
42 1 Y 1 A SER 73  ? A SER 75 
43 1 Y 1 A SER 74  ? A SER 76 
44 1 Y 1 A LEU 75  ? A LEU 77 
45 1 Y 1 A ASP 76  ? A ASP 78 
46 1 Y 1 A ALA 77  ? A ALA 79 
47 1 Y 1 A ARG 78  ? A ARG 80 
48 1 Y 1 A GLU 79  ? A GLU 81 
49 1 Y 1 A VAL 80  ? A VAL 82 
50 1 Y 1 A ILE 81  ? A ILE 83 
51 1 Y 1 A PRO 82  ? A PRO 84 
52 1 Y 1 B ALA 164 ? B ALA 20 
53 1 Y 1 B ARG 165 ? B ARG 21 
# 
loop_
_chem_comp_atom.comp_id 
_chem_comp_atom.atom_id 
_chem_comp_atom.type_symbol 
_chem_comp_atom.pdbx_aromatic_flag 
_chem_comp_atom.pdbx_stereo_config 
_chem_comp_atom.pdbx_ordinal 
ACT C    C  N N 1   
ACT O    O  N N 2   
ACT OXT  O  N N 3   
ACT CH3  C  N N 4   
ACT H1   H  N N 5   
ACT H2   H  N N 6   
ACT H3   H  N N 7   
ALA N    N  N N 8   
ALA CA   C  N S 9   
ALA C    C  N N 10  
ALA O    O  N N 11  
ALA CB   C  N N 12  
ALA OXT  O  N N 13  
ALA H    H  N N 14  
ALA H2   H  N N 15  
ALA HA   H  N N 16  
ALA HB1  H  N N 17  
ALA HB2  H  N N 18  
ALA HB3  H  N N 19  
ALA HXT  H  N N 20  
ARG N    N  N N 21  
ARG CA   C  N S 22  
ARG C    C  N N 23  
ARG O    O  N N 24  
ARG CB   C  N N 25  
ARG CG   C  N N 26  
ARG CD   C  N N 27  
ARG NE   N  N N 28  
ARG CZ   C  N N 29  
ARG NH1  N  N N 30  
ARG NH2  N  N N 31  
ARG OXT  O  N N 32  
ARG H    H  N N 33  
ARG H2   H  N N 34  
ARG HA   H  N N 35  
ARG HB2  H  N N 36  
ARG HB3  H  N N 37  
ARG HG2  H  N N 38  
ARG HG3  H  N N 39  
ARG HD2  H  N N 40  
ARG HD3  H  N N 41  
ARG HE   H  N N 42  
ARG HH11 H  N N 43  
ARG HH12 H  N N 44  
ARG HH21 H  N N 45  
ARG HH22 H  N N 46  
ARG HXT  H  N N 47  
ASN N    N  N N 48  
ASN CA   C  N S 49  
ASN C    C  N N 50  
ASN O    O  N N 51  
ASN CB   C  N N 52  
ASN CG   C  N N 53  
ASN OD1  O  N N 54  
ASN ND2  N  N N 55  
ASN OXT  O  N N 56  
ASN H    H  N N 57  
ASN H2   H  N N 58  
ASN HA   H  N N 59  
ASN HB2  H  N N 60  
ASN HB3  H  N N 61  
ASN HD21 H  N N 62  
ASN HD22 H  N N 63  
ASN HXT  H  N N 64  
ASP N    N  N N 65  
ASP CA   C  N S 66  
ASP C    C  N N 67  
ASP O    O  N N 68  
ASP CB   C  N N 69  
ASP CG   C  N N 70  
ASP OD1  O  N N 71  
ASP OD2  O  N N 72  
ASP OXT  O  N N 73  
ASP H    H  N N 74  
ASP H2   H  N N 75  
ASP HA   H  N N 76  
ASP HB2  H  N N 77  
ASP HB3  H  N N 78  
ASP HD2  H  N N 79  
ASP HXT  H  N N 80  
CL  CL   CL N N 81  
CYS N    N  N N 82  
CYS CA   C  N R 83  
CYS C    C  N N 84  
CYS O    O  N N 85  
CYS CB   C  N N 86  
CYS SG   S  N N 87  
CYS OXT  O  N N 88  
CYS H    H  N N 89  
CYS H2   H  N N 90  
CYS HA   H  N N 91  
CYS HB2  H  N N 92  
CYS HB3  H  N N 93  
CYS HG   H  N N 94  
CYS HXT  H  N N 95  
GLN N    N  N N 96  
GLN CA   C  N S 97  
GLN C    C  N N 98  
GLN O    O  N N 99  
GLN CB   C  N N 100 
GLN CG   C  N N 101 
GLN CD   C  N N 102 
GLN OE1  O  N N 103 
GLN NE2  N  N N 104 
GLN OXT  O  N N 105 
GLN H    H  N N 106 
GLN H2   H  N N 107 
GLN HA   H  N N 108 
GLN HB2  H  N N 109 
GLN HB3  H  N N 110 
GLN HG2  H  N N 111 
GLN HG3  H  N N 112 
GLN HE21 H  N N 113 
GLN HE22 H  N N 114 
GLN HXT  H  N N 115 
GLU N    N  N N 116 
GLU CA   C  N S 117 
GLU C    C  N N 118 
GLU O    O  N N 119 
GLU CB   C  N N 120 
GLU CG   C  N N 121 
GLU CD   C  N N 122 
GLU OE1  O  N N 123 
GLU OE2  O  N N 124 
GLU OXT  O  N N 125 
GLU H    H  N N 126 
GLU H2   H  N N 127 
GLU HA   H  N N 128 
GLU HB2  H  N N 129 
GLU HB3  H  N N 130 
GLU HG2  H  N N 131 
GLU HG3  H  N N 132 
GLU HE2  H  N N 133 
GLU HXT  H  N N 134 
GLY N    N  N N 135 
GLY CA   C  N N 136 
GLY C    C  N N 137 
GLY O    O  N N 138 
GLY OXT  O  N N 139 
GLY H    H  N N 140 
GLY H2   H  N N 141 
GLY HA2  H  N N 142 
GLY HA3  H  N N 143 
GLY HXT  H  N N 144 
HIS N    N  N N 145 
HIS CA   C  N S 146 
HIS C    C  N N 147 
HIS O    O  N N 148 
HIS CB   C  N N 149 
HIS CG   C  Y N 150 
HIS ND1  N  Y N 151 
HIS CD2  C  Y N 152 
HIS CE1  C  Y N 153 
HIS NE2  N  Y N 154 
HIS OXT  O  N N 155 
HIS H    H  N N 156 
HIS H2   H  N N 157 
HIS HA   H  N N 158 
HIS HB2  H  N N 159 
HIS HB3  H  N N 160 
HIS HD1  H  N N 161 
HIS HD2  H  N N 162 
HIS HE1  H  N N 163 
HIS HE2  H  N N 164 
HIS HXT  H  N N 165 
HOH O    O  N N 166 
HOH H1   H  N N 167 
HOH H2   H  N N 168 
ILE N    N  N N 169 
ILE CA   C  N S 170 
ILE C    C  N N 171 
ILE O    O  N N 172 
ILE CB   C  N S 173 
ILE CG1  C  N N 174 
ILE CG2  C  N N 175 
ILE CD1  C  N N 176 
ILE OXT  O  N N 177 
ILE H    H  N N 178 
ILE H2   H  N N 179 
ILE HA   H  N N 180 
ILE HB   H  N N 181 
ILE HG12 H  N N 182 
ILE HG13 H  N N 183 
ILE HG21 H  N N 184 
ILE HG22 H  N N 185 
ILE HG23 H  N N 186 
ILE HD11 H  N N 187 
ILE HD12 H  N N 188 
ILE HD13 H  N N 189 
ILE HXT  H  N N 190 
LEU N    N  N N 191 
LEU CA   C  N S 192 
LEU C    C  N N 193 
LEU O    O  N N 194 
LEU CB   C  N N 195 
LEU CG   C  N N 196 
LEU CD1  C  N N 197 
LEU CD2  C  N N 198 
LEU OXT  O  N N 199 
LEU H    H  N N 200 
LEU H2   H  N N 201 
LEU HA   H  N N 202 
LEU HB2  H  N N 203 
LEU HB3  H  N N 204 
LEU HG   H  N N 205 
LEU HD11 H  N N 206 
LEU HD12 H  N N 207 
LEU HD13 H  N N 208 
LEU HD21 H  N N 209 
LEU HD22 H  N N 210 
LEU HD23 H  N N 211 
LEU HXT  H  N N 212 
LYS N    N  N N 213 
LYS CA   C  N S 214 
LYS C    C  N N 215 
LYS O    O  N N 216 
LYS CB   C  N N 217 
LYS CG   C  N N 218 
LYS CD   C  N N 219 
LYS CE   C  N N 220 
LYS NZ   N  N N 221 
LYS OXT  O  N N 222 
LYS H    H  N N 223 
LYS H2   H  N N 224 
LYS HA   H  N N 225 
LYS HB2  H  N N 226 
LYS HB3  H  N N 227 
LYS HG2  H  N N 228 
LYS HG3  H  N N 229 
LYS HD2  H  N N 230 
LYS HD3  H  N N 231 
LYS HE2  H  N N 232 
LYS HE3  H  N N 233 
LYS HZ1  H  N N 234 
LYS HZ2  H  N N 235 
LYS HZ3  H  N N 236 
LYS HXT  H  N N 237 
MET N    N  N N 238 
MET CA   C  N S 239 
MET C    C  N N 240 
MET O    O  N N 241 
MET CB   C  N N 242 
MET CG   C  N N 243 
MET SD   S  N N 244 
MET CE   C  N N 245 
MET OXT  O  N N 246 
MET H    H  N N 247 
MET H2   H  N N 248 
MET HA   H  N N 249 
MET HB2  H  N N 250 
MET HB3  H  N N 251 
MET HG2  H  N N 252 
MET HG3  H  N N 253 
MET HE1  H  N N 254 
MET HE2  H  N N 255 
MET HE3  H  N N 256 
MET HXT  H  N N 257 
NLG CA   C  N S 258 
NLG C    C  N N 259 
NLG OXT  O  N N 260 
NLG O    O  N N 261 
NLG CB   C  N N 262 
NLG CG   C  N N 263 
NLG CD   C  N N 264 
NLG OE1  O  N N 265 
NLG OE2  O  N N 266 
NLG C7   C  N N 267 
NLG C8   C  N N 268 
NLG O7   O  N N 269 
NLG N2   N  N N 270 
NLG HA   H  N N 271 
NLG HXT  H  N N 272 
NLG HBC1 H  N N 273 
NLG HBC2 H  N N 274 
NLG HGC1 H  N N 275 
NLG HGC2 H  N N 276 
NLG HE2  H  N N 277 
NLG H8C1 H  N N 278 
NLG H8C2 H  N N 279 
NLG H8C3 H  N N 280 
NLG H2   H  N N 281 
PHE N    N  N N 282 
PHE CA   C  N S 283 
PHE C    C  N N 284 
PHE O    O  N N 285 
PHE CB   C  N N 286 
PHE CG   C  Y N 287 
PHE CD1  C  Y N 288 
PHE CD2  C  Y N 289 
PHE CE1  C  Y N 290 
PHE CE2  C  Y N 291 
PHE CZ   C  Y N 292 
PHE OXT  O  N N 293 
PHE H    H  N N 294 
PHE H2   H  N N 295 
PHE HA   H  N N 296 
PHE HB2  H  N N 297 
PHE HB3  H  N N 298 
PHE HD1  H  N N 299 
PHE HD2  H  N N 300 
PHE HE1  H  N N 301 
PHE HE2  H  N N 302 
PHE HZ   H  N N 303 
PHE HXT  H  N N 304 
PRO N    N  N N 305 
PRO CA   C  N S 306 
PRO C    C  N N 307 
PRO O    O  N N 308 
PRO CB   C  N N 309 
PRO CG   C  N N 310 
PRO CD   C  N N 311 
PRO OXT  O  N N 312 
PRO H    H  N N 313 
PRO HA   H  N N 314 
PRO HB2  H  N N 315 
PRO HB3  H  N N 316 
PRO HG2  H  N N 317 
PRO HG3  H  N N 318 
PRO HD2  H  N N 319 
PRO HD3  H  N N 320 
PRO HXT  H  N N 321 
SEP N    N  N N 322 
SEP CA   C  N S 323 
SEP CB   C  N N 324 
SEP OG   O  N N 325 
SEP C    C  N N 326 
SEP O    O  N N 327 
SEP OXT  O  N N 328 
SEP P    P  N N 329 
SEP O1P  O  N N 330 
SEP O2P  O  N N 331 
SEP O3P  O  N N 332 
SEP H    H  N N 333 
SEP H2   H  N N 334 
SEP HA   H  N N 335 
SEP HB2  H  N N 336 
SEP HB3  H  N N 337 
SEP HXT  H  N N 338 
SEP HOP2 H  N N 339 
SEP HOP3 H  N N 340 
SER N    N  N N 341 
SER CA   C  N S 342 
SER C    C  N N 343 
SER O    O  N N 344 
SER CB   C  N N 345 
SER OG   O  N N 346 
SER OXT  O  N N 347 
SER H    H  N N 348 
SER H2   H  N N 349 
SER HA   H  N N 350 
SER HB2  H  N N 351 
SER HB3  H  N N 352 
SER HG   H  N N 353 
SER HXT  H  N N 354 
THR N    N  N N 355 
THR CA   C  N S 356 
THR C    C  N N 357 
THR O    O  N N 358 
THR CB   C  N R 359 
THR OG1  O  N N 360 
THR CG2  C  N N 361 
THR OXT  O  N N 362 
THR H    H  N N 363 
THR H2   H  N N 364 
THR HA   H  N N 365 
THR HB   H  N N 366 
THR HG1  H  N N 367 
THR HG21 H  N N 368 
THR HG22 H  N N 369 
THR HG23 H  N N 370 
THR HXT  H  N N 371 
TRP N    N  N N 372 
TRP CA   C  N S 373 
TRP C    C  N N 374 
TRP O    O  N N 375 
TRP CB   C  N N 376 
TRP CG   C  Y N 377 
TRP CD1  C  Y N 378 
TRP CD2  C  Y N 379 
TRP NE1  N  Y N 380 
TRP CE2  C  Y N 381 
TRP CE3  C  Y N 382 
TRP CZ2  C  Y N 383 
TRP CZ3  C  Y N 384 
TRP CH2  C  Y N 385 
TRP OXT  O  N N 386 
TRP H    H  N N 387 
TRP H2   H  N N 388 
TRP HA   H  N N 389 
TRP HB2  H  N N 390 
TRP HB3  H  N N 391 
TRP HD1  H  N N 392 
TRP HE1  H  N N 393 
TRP HE3  H  N N 394 
TRP HZ2  H  N N 395 
TRP HZ3  H  N N 396 
TRP HH2  H  N N 397 
TRP HXT  H  N N 398 
TYR N    N  N N 399 
TYR CA   C  N S 400 
TYR C    C  N N 401 
TYR O    O  N N 402 
TYR CB   C  N N 403 
TYR CG   C  Y N 404 
TYR CD1  C  Y N 405 
TYR CD2  C  Y N 406 
TYR CE1  C  Y N 407 
TYR CE2  C  Y N 408 
TYR CZ   C  Y N 409 
TYR OH   O  N N 410 
TYR OXT  O  N N 411 
TYR H    H  N N 412 
TYR H2   H  N N 413 
TYR HA   H  N N 414 
TYR HB2  H  N N 415 
TYR HB3  H  N N 416 
TYR HD1  H  N N 417 
TYR HD2  H  N N 418 
TYR HE1  H  N N 419 
TYR HE2  H  N N 420 
TYR HH   H  N N 421 
TYR HXT  H  N N 422 
VAL N    N  N N 423 
VAL CA   C  N S 424 
VAL C    C  N N 425 
VAL O    O  N N 426 
VAL CB   C  N N 427 
VAL CG1  C  N N 428 
VAL CG2  C  N N 429 
VAL OXT  O  N N 430 
VAL H    H  N N 431 
VAL H2   H  N N 432 
VAL HA   H  N N 433 
VAL HB   H  N N 434 
VAL HG11 H  N N 435 
VAL HG12 H  N N 436 
VAL HG13 H  N N 437 
VAL HG21 H  N N 438 
VAL HG22 H  N N 439 
VAL HG23 H  N N 440 
VAL HXT  H  N N 441 
# 
loop_
_chem_comp_bond.comp_id 
_chem_comp_bond.atom_id_1 
_chem_comp_bond.atom_id_2 
_chem_comp_bond.value_order 
_chem_comp_bond.pdbx_aromatic_flag 
_chem_comp_bond.pdbx_stereo_config 
_chem_comp_bond.pdbx_ordinal 
ACT C   O    doub N N 1   
ACT C   OXT  sing N N 2   
ACT C   CH3  sing N N 3   
ACT CH3 H1   sing N N 4   
ACT CH3 H2   sing N N 5   
ACT CH3 H3   sing N N 6   
ALA N   CA   sing N N 7   
ALA N   H    sing N N 8   
ALA N   H2   sing N N 9   
ALA CA  C    sing N N 10  
ALA CA  CB   sing N N 11  
ALA CA  HA   sing N N 12  
ALA C   O    doub N N 13  
ALA C   OXT  sing N N 14  
ALA CB  HB1  sing N N 15  
ALA CB  HB2  sing N N 16  
ALA CB  HB3  sing N N 17  
ALA OXT HXT  sing N N 18  
ARG N   CA   sing N N 19  
ARG N   H    sing N N 20  
ARG N   H2   sing N N 21  
ARG CA  C    sing N N 22  
ARG CA  CB   sing N N 23  
ARG CA  HA   sing N N 24  
ARG C   O    doub N N 25  
ARG C   OXT  sing N N 26  
ARG CB  CG   sing N N 27  
ARG CB  HB2  sing N N 28  
ARG CB  HB3  sing N N 29  
ARG CG  CD   sing N N 30  
ARG CG  HG2  sing N N 31  
ARG CG  HG3  sing N N 32  
ARG CD  NE   sing N N 33  
ARG CD  HD2  sing N N 34  
ARG CD  HD3  sing N N 35  
ARG NE  CZ   sing N N 36  
ARG NE  HE   sing N N 37  
ARG CZ  NH1  sing N N 38  
ARG CZ  NH2  doub N N 39  
ARG NH1 HH11 sing N N 40  
ARG NH1 HH12 sing N N 41  
ARG NH2 HH21 sing N N 42  
ARG NH2 HH22 sing N N 43  
ARG OXT HXT  sing N N 44  
ASN N   CA   sing N N 45  
ASN N   H    sing N N 46  
ASN N   H2   sing N N 47  
ASN CA  C    sing N N 48  
ASN CA  CB   sing N N 49  
ASN CA  HA   sing N N 50  
ASN C   O    doub N N 51  
ASN C   OXT  sing N N 52  
ASN CB  CG   sing N N 53  
ASN CB  HB2  sing N N 54  
ASN CB  HB3  sing N N 55  
ASN CG  OD1  doub N N 56  
ASN CG  ND2  sing N N 57  
ASN ND2 HD21 sing N N 58  
ASN ND2 HD22 sing N N 59  
ASN OXT HXT  sing N N 60  
ASP N   CA   sing N N 61  
ASP N   H    sing N N 62  
ASP N   H2   sing N N 63  
ASP CA  C    sing N N 64  
ASP CA  CB   sing N N 65  
ASP CA  HA   sing N N 66  
ASP C   O    doub N N 67  
ASP C   OXT  sing N N 68  
ASP CB  CG   sing N N 69  
ASP CB  HB2  sing N N 70  
ASP CB  HB3  sing N N 71  
ASP CG  OD1  doub N N 72  
ASP CG  OD2  sing N N 73  
ASP OD2 HD2  sing N N 74  
ASP OXT HXT  sing N N 75  
CYS N   CA   sing N N 76  
CYS N   H    sing N N 77  
CYS N   H2   sing N N 78  
CYS CA  C    sing N N 79  
CYS CA  CB   sing N N 80  
CYS CA  HA   sing N N 81  
CYS C   O    doub N N 82  
CYS C   OXT  sing N N 83  
CYS CB  SG   sing N N 84  
CYS CB  HB2  sing N N 85  
CYS CB  HB3  sing N N 86  
CYS SG  HG   sing N N 87  
CYS OXT HXT  sing N N 88  
GLN N   CA   sing N N 89  
GLN N   H    sing N N 90  
GLN N   H2   sing N N 91  
GLN CA  C    sing N N 92  
GLN CA  CB   sing N N 93  
GLN CA  HA   sing N N 94  
GLN C   O    doub N N 95  
GLN C   OXT  sing N N 96  
GLN CB  CG   sing N N 97  
GLN CB  HB2  sing N N 98  
GLN CB  HB3  sing N N 99  
GLN CG  CD   sing N N 100 
GLN CG  HG2  sing N N 101 
GLN CG  HG3  sing N N 102 
GLN CD  OE1  doub N N 103 
GLN CD  NE2  sing N N 104 
GLN NE2 HE21 sing N N 105 
GLN NE2 HE22 sing N N 106 
GLN OXT HXT  sing N N 107 
GLU N   CA   sing N N 108 
GLU N   H    sing N N 109 
GLU N   H2   sing N N 110 
GLU CA  C    sing N N 111 
GLU CA  CB   sing N N 112 
GLU CA  HA   sing N N 113 
GLU C   O    doub N N 114 
GLU C   OXT  sing N N 115 
GLU CB  CG   sing N N 116 
GLU CB  HB2  sing N N 117 
GLU CB  HB3  sing N N 118 
GLU CG  CD   sing N N 119 
GLU CG  HG2  sing N N 120 
GLU CG  HG3  sing N N 121 
GLU CD  OE1  doub N N 122 
GLU CD  OE2  sing N N 123 
GLU OE2 HE2  sing N N 124 
GLU OXT HXT  sing N N 125 
GLY N   CA   sing N N 126 
GLY N   H    sing N N 127 
GLY N   H2   sing N N 128 
GLY CA  C    sing N N 129 
GLY CA  HA2  sing N N 130 
GLY CA  HA3  sing N N 131 
GLY C   O    doub N N 132 
GLY C   OXT  sing N N 133 
GLY OXT HXT  sing N N 134 
HIS N   CA   sing N N 135 
HIS N   H    sing N N 136 
HIS N   H2   sing N N 137 
HIS CA  C    sing N N 138 
HIS CA  CB   sing N N 139 
HIS CA  HA   sing N N 140 
HIS C   O    doub N N 141 
HIS C   OXT  sing N N 142 
HIS CB  CG   sing N N 143 
HIS CB  HB2  sing N N 144 
HIS CB  HB3  sing N N 145 
HIS CG  ND1  sing Y N 146 
HIS CG  CD2  doub Y N 147 
HIS ND1 CE1  doub Y N 148 
HIS ND1 HD1  sing N N 149 
HIS CD2 NE2  sing Y N 150 
HIS CD2 HD2  sing N N 151 
HIS CE1 NE2  sing Y N 152 
HIS CE1 HE1  sing N N 153 
HIS NE2 HE2  sing N N 154 
HIS OXT HXT  sing N N 155 
HOH O   H1   sing N N 156 
HOH O   H2   sing N N 157 
ILE N   CA   sing N N 158 
ILE N   H    sing N N 159 
ILE N   H2   sing N N 160 
ILE CA  C    sing N N 161 
ILE CA  CB   sing N N 162 
ILE CA  HA   sing N N 163 
ILE C   O    doub N N 164 
ILE C   OXT  sing N N 165 
ILE CB  CG1  sing N N 166 
ILE CB  CG2  sing N N 167 
ILE CB  HB   sing N N 168 
ILE CG1 CD1  sing N N 169 
ILE CG1 HG12 sing N N 170 
ILE CG1 HG13 sing N N 171 
ILE CG2 HG21 sing N N 172 
ILE CG2 HG22 sing N N 173 
ILE CG2 HG23 sing N N 174 
ILE CD1 HD11 sing N N 175 
ILE CD1 HD12 sing N N 176 
ILE CD1 HD13 sing N N 177 
ILE OXT HXT  sing N N 178 
LEU N   CA   sing N N 179 
LEU N   H    sing N N 180 
LEU N   H2   sing N N 181 
LEU CA  C    sing N N 182 
LEU CA  CB   sing N N 183 
LEU CA  HA   sing N N 184 
LEU C   O    doub N N 185 
LEU C   OXT  sing N N 186 
LEU CB  CG   sing N N 187 
LEU CB  HB2  sing N N 188 
LEU CB  HB3  sing N N 189 
LEU CG  CD1  sing N N 190 
LEU CG  CD2  sing N N 191 
LEU CG  HG   sing N N 192 
LEU CD1 HD11 sing N N 193 
LEU CD1 HD12 sing N N 194 
LEU CD1 HD13 sing N N 195 
LEU CD2 HD21 sing N N 196 
LEU CD2 HD22 sing N N 197 
LEU CD2 HD23 sing N N 198 
LEU OXT HXT  sing N N 199 
LYS N   CA   sing N N 200 
LYS N   H    sing N N 201 
LYS N   H2   sing N N 202 
LYS CA  C    sing N N 203 
LYS CA  CB   sing N N 204 
LYS CA  HA   sing N N 205 
LYS C   O    doub N N 206 
LYS C   OXT  sing N N 207 
LYS CB  CG   sing N N 208 
LYS CB  HB2  sing N N 209 
LYS CB  HB3  sing N N 210 
LYS CG  CD   sing N N 211 
LYS CG  HG2  sing N N 212 
LYS CG  HG3  sing N N 213 
LYS CD  CE   sing N N 214 
LYS CD  HD2  sing N N 215 
LYS CD  HD3  sing N N 216 
LYS CE  NZ   sing N N 217 
LYS CE  HE2  sing N N 218 
LYS CE  HE3  sing N N 219 
LYS NZ  HZ1  sing N N 220 
LYS NZ  HZ2  sing N N 221 
LYS NZ  HZ3  sing N N 222 
LYS OXT HXT  sing N N 223 
MET N   CA   sing N N 224 
MET N   H    sing N N 225 
MET N   H2   sing N N 226 
MET CA  C    sing N N 227 
MET CA  CB   sing N N 228 
MET CA  HA   sing N N 229 
MET C   O    doub N N 230 
MET C   OXT  sing N N 231 
MET CB  CG   sing N N 232 
MET CB  HB2  sing N N 233 
MET CB  HB3  sing N N 234 
MET CG  SD   sing N N 235 
MET CG  HG2  sing N N 236 
MET CG  HG3  sing N N 237 
MET SD  CE   sing N N 238 
MET CE  HE1  sing N N 239 
MET CE  HE2  sing N N 240 
MET CE  HE3  sing N N 241 
MET OXT HXT  sing N N 242 
NLG CA  C    sing N N 243 
NLG CA  CB   sing N N 244 
NLG CA  N2   sing N N 245 
NLG CA  HA   sing N N 246 
NLG C   OXT  sing N N 247 
NLG C   O    doub N N 248 
NLG OXT HXT  sing N N 249 
NLG CB  CG   sing N N 250 
NLG CB  HBC1 sing N N 251 
NLG CB  HBC2 sing N N 252 
NLG CG  CD   sing N N 253 
NLG CG  HGC1 sing N N 254 
NLG CG  HGC2 sing N N 255 
NLG CD  OE1  doub N N 256 
NLG CD  OE2  sing N N 257 
NLG OE2 HE2  sing N N 258 
NLG C7  C8   sing N N 259 
NLG C7  O7   doub N N 260 
NLG C7  N2   sing N N 261 
NLG C8  H8C1 sing N N 262 
NLG C8  H8C2 sing N N 263 
NLG C8  H8C3 sing N N 264 
NLG N2  H2   sing N N 265 
PHE N   CA   sing N N 266 
PHE N   H    sing N N 267 
PHE N   H2   sing N N 268 
PHE CA  C    sing N N 269 
PHE CA  CB   sing N N 270 
PHE CA  HA   sing N N 271 
PHE C   O    doub N N 272 
PHE C   OXT  sing N N 273 
PHE CB  CG   sing N N 274 
PHE CB  HB2  sing N N 275 
PHE CB  HB3  sing N N 276 
PHE CG  CD1  doub Y N 277 
PHE CG  CD2  sing Y N 278 
PHE CD1 CE1  sing Y N 279 
PHE CD1 HD1  sing N N 280 
PHE CD2 CE2  doub Y N 281 
PHE CD2 HD2  sing N N 282 
PHE CE1 CZ   doub Y N 283 
PHE CE1 HE1  sing N N 284 
PHE CE2 CZ   sing Y N 285 
PHE CE2 HE2  sing N N 286 
PHE CZ  HZ   sing N N 287 
PHE OXT HXT  sing N N 288 
PRO N   CA   sing N N 289 
PRO N   CD   sing N N 290 
PRO N   H    sing N N 291 
PRO CA  C    sing N N 292 
PRO CA  CB   sing N N 293 
PRO CA  HA   sing N N 294 
PRO C   O    doub N N 295 
PRO C   OXT  sing N N 296 
PRO CB  CG   sing N N 297 
PRO CB  HB2  sing N N 298 
PRO CB  HB3  sing N N 299 
PRO CG  CD   sing N N 300 
PRO CG  HG2  sing N N 301 
PRO CG  HG3  sing N N 302 
PRO CD  HD2  sing N N 303 
PRO CD  HD3  sing N N 304 
PRO OXT HXT  sing N N 305 
SEP N   CA   sing N N 306 
SEP N   H    sing N N 307 
SEP N   H2   sing N N 308 
SEP CA  CB   sing N N 309 
SEP CA  C    sing N N 310 
SEP CA  HA   sing N N 311 
SEP CB  OG   sing N N 312 
SEP CB  HB2  sing N N 313 
SEP CB  HB3  sing N N 314 
SEP OG  P    sing N N 315 
SEP C   O    doub N N 316 
SEP C   OXT  sing N N 317 
SEP OXT HXT  sing N N 318 
SEP P   O1P  doub N N 319 
SEP P   O2P  sing N N 320 
SEP P   O3P  sing N N 321 
SEP O2P HOP2 sing N N 322 
SEP O3P HOP3 sing N N 323 
SER N   CA   sing N N 324 
SER N   H    sing N N 325 
SER N   H2   sing N N 326 
SER CA  C    sing N N 327 
SER CA  CB   sing N N 328 
SER CA  HA   sing N N 329 
SER C   O    doub N N 330 
SER C   OXT  sing N N 331 
SER CB  OG   sing N N 332 
SER CB  HB2  sing N N 333 
SER CB  HB3  sing N N 334 
SER OG  HG   sing N N 335 
SER OXT HXT  sing N N 336 
THR N   CA   sing N N 337 
THR N   H    sing N N 338 
THR N   H2   sing N N 339 
THR CA  C    sing N N 340 
THR CA  CB   sing N N 341 
THR CA  HA   sing N N 342 
THR C   O    doub N N 343 
THR C   OXT  sing N N 344 
THR CB  OG1  sing N N 345 
THR CB  CG2  sing N N 346 
THR CB  HB   sing N N 347 
THR OG1 HG1  sing N N 348 
THR CG2 HG21 sing N N 349 
THR CG2 HG22 sing N N 350 
THR CG2 HG23 sing N N 351 
THR OXT HXT  sing N N 352 
TRP N   CA   sing N N 353 
TRP N   H    sing N N 354 
TRP N   H2   sing N N 355 
TRP CA  C    sing N N 356 
TRP CA  CB   sing N N 357 
TRP CA  HA   sing N N 358 
TRP C   O    doub N N 359 
TRP C   OXT  sing N N 360 
TRP CB  CG   sing N N 361 
TRP CB  HB2  sing N N 362 
TRP CB  HB3  sing N N 363 
TRP CG  CD1  doub Y N 364 
TRP CG  CD2  sing Y N 365 
TRP CD1 NE1  sing Y N 366 
TRP CD1 HD1  sing N N 367 
TRP CD2 CE2  doub Y N 368 
TRP CD2 CE3  sing Y N 369 
TRP NE1 CE2  sing Y N 370 
TRP NE1 HE1  sing N N 371 
TRP CE2 CZ2  sing Y N 372 
TRP CE3 CZ3  doub Y N 373 
TRP CE3 HE3  sing N N 374 
TRP CZ2 CH2  doub Y N 375 
TRP CZ2 HZ2  sing N N 376 
TRP CZ3 CH2  sing Y N 377 
TRP CZ3 HZ3  sing N N 378 
TRP CH2 HH2  sing N N 379 
TRP OXT HXT  sing N N 380 
TYR N   CA   sing N N 381 
TYR N   H    sing N N 382 
TYR N   H2   sing N N 383 
TYR CA  C    sing N N 384 
TYR CA  CB   sing N N 385 
TYR CA  HA   sing N N 386 
TYR C   O    doub N N 387 
TYR C   OXT  sing N N 388 
TYR CB  CG   sing N N 389 
TYR CB  HB2  sing N N 390 
TYR CB  HB3  sing N N 391 
TYR CG  CD1  doub Y N 392 
TYR CG  CD2  sing Y N 393 
TYR CD1 CE1  sing Y N 394 
TYR CD1 HD1  sing N N 395 
TYR CD2 CE2  doub Y N 396 
TYR CD2 HD2  sing N N 397 
TYR CE1 CZ   doub Y N 398 
TYR CE1 HE1  sing N N 399 
TYR CE2 CZ   sing Y N 400 
TYR CE2 HE2  sing N N 401 
TYR CZ  OH   sing N N 402 
TYR OH  HH   sing N N 403 
TYR OXT HXT  sing N N 404 
VAL N   CA   sing N N 405 
VAL N   H    sing N N 406 
VAL N   H2   sing N N 407 
VAL CA  C    sing N N 408 
VAL CA  CB   sing N N 409 
VAL CA  HA   sing N N 410 
VAL C   O    doub N N 411 
VAL C   OXT  sing N N 412 
VAL CB  CG1  sing N N 413 
VAL CB  CG2  sing N N 414 
VAL CB  HB   sing N N 415 
VAL CG1 HG11 sing N N 416 
VAL CG1 HG12 sing N N 417 
VAL CG1 HG13 sing N N 418 
VAL CG2 HG21 sing N N 419 
VAL CG2 HG22 sing N N 420 
VAL CG2 HG23 sing N N 421 
VAL OXT HXT  sing N N 422 
# 
_atom_sites.entry_id                    4YJ4 
_atom_sites.fract_transf_matrix[1][1]   -0.00425192 
_atom_sites.fract_transf_matrix[1][2]   0.01385234 
_atom_sites.fract_transf_matrix[1][3]   0.00638429 
_atom_sites.fract_transf_matrix[2][1]   -0.01390195 
_atom_sites.fract_transf_matrix[2][2]   0.00654462 
_atom_sites.fract_transf_matrix[2][3]   -0.00382352 
_atom_sites.fract_transf_matrix[3][1]   -0.00578264 
_atom_sites.fract_transf_matrix[3][2]   -0.00640907 
_atom_sites.fract_transf_matrix[3][3]   0.01005487 
_atom_sites.fract_transf_vector[1]      -0.206846 
_atom_sites.fract_transf_vector[2]      0.311211 
_atom_sites.fract_transf_vector[3]      0.437141 
# 
loop_
_atom_type.symbol 
C  
CL 
N  
O  
P  
S  
# 
loop_
_atom_site.group_PDB 
_atom_site.id 
_atom_site.type_symbol 
_atom_site.label_atom_id 
_atom_site.label_alt_id 
_atom_site.label_comp_id 
_atom_site.label_asym_id 
_atom_site.label_entity_id 
_atom_site.label_seq_id 
_atom_site.pdbx_PDB_ins_code 
_atom_site.Cartn_x 
_atom_site.Cartn_y 
_atom_site.Cartn_z 
_atom_site.occupancy 
_atom_site.B_iso_or_equiv 
_atom_site.pdbx_formal_charge 
_atom_site.auth_seq_id 
_atom_site.auth_comp_id 
_atom_site.auth_asym_id 
_atom_site.auth_atom_id 
_atom_site.pdbx_PDB_model_num 
ATOM   1    N  N   . GLY A 1 1   ? 6.179   -15.297 13.150  1.00 27.02 ? -1  GLY A N   1 
ATOM   2    C  CA  . GLY A 1 1   ? 7.501   -14.927 13.722  1.00 25.06 ? -1  GLY A CA  1 
ATOM   3    C  C   . GLY A 1 1   ? 7.661   -13.423 13.808  1.00 26.26 ? -1  GLY A C   1 
ATOM   4    O  O   . GLY A 1 1   ? 6.767   -12.676 13.432  1.00 22.63 ? -1  GLY A O   1 
ATOM   5    N  N   . HIS A 1 2   ? 8.810   -12.983 14.309  1.00 27.02 ? 0   HIS A N   1 
ATOM   6    C  CA  . HIS A 1 2   ? 9.086   -11.557 14.442  1.00 28.83 ? 0   HIS A CA  1 
ATOM   7    C  C   . HIS A 1 2   ? 8.986   -10.860 13.086  1.00 27.11 ? 0   HIS A C   1 
ATOM   8    O  O   . HIS A 1 2   ? 8.476   -9.758  12.982  1.00 26.79 ? 0   HIS A O   1 
ATOM   9    C  CB  . HIS A 1 2   ? 10.482  -11.344 15.027  1.00 31.96 ? 0   HIS A CB  1 
ATOM   10   C  CG  . HIS A 1 2   ? 10.819  -9.905  15.267  1.00 38.24 ? 0   HIS A CG  1 
ATOM   11   N  ND1 . HIS A 1 2   ? 10.925  -8.982  14.247  1.00 40.79 ? 0   HIS A ND1 1 
ATOM   12   C  CD2 . HIS A 1 2   ? 11.058  -9.226  16.415  1.00 39.77 ? 0   HIS A CD2 1 
ATOM   13   C  CE1 . HIS A 1 2   ? 11.212  -7.798  14.755  1.00 41.41 ? 0   HIS A CE1 1 
ATOM   14   N  NE2 . HIS A 1 2   ? 11.297  -7.918  16.068  1.00 42.03 ? 0   HIS A NE2 1 
ATOM   15   N  N   . MET A 1 3   ? 9.483   -11.526 12.050  1.00 25.83 ? 1   MET A N   1 
ATOM   16   C  CA  . MET A 1 3   ? 9.458   -10.974 10.704  1.00 25.20 ? 1   MET A CA  1 
ATOM   17   C  C   . MET A 1 3   ? 8.042   -10.707 10.189  1.00 22.83 ? 1   MET A C   1 
ATOM   18   O  O   . MET A 1 3   ? 7.734   -9.609  9.746   1.00 20.08 ? 1   MET A O   1 
ATOM   19   C  CB  . MET A 1 3   ? 10.185  -11.918 9.745   1.00 27.02 ? 1   MET A CB  1 
ATOM   20   C  CG  . MET A 1 3   ? 10.030  -11.539 8.283   1.00 30.72 ? 1   MET A CG  1 
ATOM   21   S  SD  . MET A 1 3   ? 10.538  -9.833  7.984   1.00 33.97 ? 1   MET A SD  1 
ATOM   22   C  CE  . MET A 1 3   ? 12.268  -10.098 7.454   1.00 34.59 ? 1   MET A CE  1 
ATOM   23   N  N   . SER A 1 4   ? 7.190   -11.726 10.238  1.00 20.80 ? 2   SER A N   1 
ATOM   24   C  CA  . SER A 1 4   ? 5.815   -11.590 9.765   1.00 20.78 ? 2   SER A CA  1 
ATOM   25   C  C   . SER A 1 4   ? 5.054   -10.549 10.573  1.00 19.57 ? 2   SER A C   1 
ATOM   26   O  O   . SER A 1 4   ? 4.250   -9.803  10.041  1.00 18.28 ? 2   SER A O   1 
ATOM   27   C  CB  . SER A 1 4   ? 5.077   -12.929 9.857   1.00 20.90 ? 2   SER A CB  1 
ATOM   28   O  OG  . SER A 1 4   ? 5.603   -13.863 8.935   1.00 26.01 ? 2   SER A OG  1 
ATOM   29   N  N   . GLN A 1 5   ? 5.320   -10.524 11.872  1.00 18.02 ? 3   GLN A N   1 
ATOM   30   C  CA  . GLN A 1 5   ? 4.668   -9.588  12.772  1.00 18.46 ? 3   GLN A CA  1 
ATOM   31   C  C   . GLN A 1 5   ? 5.083   -8.146  12.465  1.00 16.64 ? 3   GLN A C   1 
ATOM   32   O  O   . GLN A 1 5   ? 4.253   -7.255  12.434  1.00 15.02 ? 3   GLN A O   1 
ATOM   33   C  CB  . GLN A 1 5   ? 5.020   -9.949  14.217  1.00 21.35 ? 3   GLN A CB  1 
ATOM   34   C  CG  . GLN A 1 5   ? 4.357   -9.082  15.265  1.00 28.09 ? 3   GLN A CG  1 
ATOM   35   C  CD  . GLN A 1 5   ? 4.689   -9.546  16.674  1.00 33.58 ? 3   GLN A CD  1 
ATOM   36   O  OE1 . GLN A 1 5   ? 5.858   -9.705  17.027  1.00 37.22 ? 3   GLN A OE1 1 
ATOM   37   N  NE2 . GLN A 1 5   ? 3.657   -9.767  17.486  1.00 34.46 ? 3   GLN A NE2 1 
ATOM   38   N  N   . SER A 1 6   ? 6.372   -7.930  12.219  1.00 15.66 ? 4   SER A N   1 
ATOM   39   C  CA  . SER A 1 6   ? 6.854   -6.585  11.924  1.00 17.34 ? 4   SER A CA  1 
ATOM   40   C  C   . SER A 1 6   ? 6.241   -6.043  10.635  1.00 16.34 ? 4   SER A C   1 
ATOM   41   O  O   . SER A 1 6   ? 5.955   -4.865  10.541  1.00 16.92 ? 4   SER A O   1 
ATOM   42   C  CB  . SER A 1 6   ? 8.382   -6.563  11.823  1.00 16.64 ? 4   SER A CB  1 
ATOM   43   O  OG  . SER A 1 6   ? 8.817   -7.160  10.622  1.00 23.20 ? 4   SER A OG  1 
ATOM   44   N  N   . ASN A 1 7   ? 6.044   -6.909  9.644   1.00 15.13 ? 5   ASN A N   1 
ATOM   45   C  CA  . ASN A 1 7   ? 5.441   -6.473  8.386   1.00 14.54 ? 5   ASN A CA  1 
ATOM   46   C  C   . ASN A 1 7   ? 3.969   -6.126  8.600   1.00 14.75 ? 5   ASN A C   1 
ATOM   47   O  O   . ASN A 1 7   ? 3.457   -5.180  8.011   1.00 13.68 ? 5   ASN A O   1 
ATOM   48   C  CB  . ASN A 1 7   ? 5.588   -7.558  7.315   1.00 14.30 ? 5   ASN A CB  1 
ATOM   49   C  CG  . ASN A 1 7   ? 6.928   -7.495  6.614   1.00 17.21 ? 5   ASN A CG  1 
ATOM   50   O  OD1 . ASN A 1 7   ? 7.373   -8.456  6.018   1.00 19.78 ? 5   ASN A OD1 1 
ATOM   51   N  ND2 . ASN A 1 7   ? 7.568   -6.334  6.676   1.00 16.10 ? 5   ASN A ND2 1 
ATOM   52   N  N   . ARG A 1 8   ? 3.287   -6.893  9.447   1.00 14.46 ? 6   ARG A N   1 
ATOM   53   C  CA  . ARG A 1 8   ? 1.891   -6.600  9.726   1.00 14.56 ? 6   ARG A CA  1 
ATOM   54   C  C   . ARG A 1 8   ? 1.800   -5.250  10.455  1.00 14.58 ? 6   ARG A C   1 
ATOM   55   O  O   . ARG A 1 8   ? 0.918   -4.445  10.177  1.00 13.12 ? 6   ARG A O   1 
ATOM   56   C  CB  . ARG A 1 8   ? 1.267   -7.722  10.564  1.00 15.67 ? 6   ARG A CB  1 
ATOM   57   C  CG  . ARG A 1 8   ? 1.107   -9.022  9.791   1.00 19.12 ? 6   ARG A CG  1 
ATOM   58   C  CD  . ARG A 1 8   ? 0.192   -10.003 10.510  1.00 22.47 ? 6   ARG A CD  1 
ATOM   59   N  NE  . ARG A 1 8   ? 0.729   -10.436 11.794  1.00 25.53 ? 6   ARG A NE  1 
ATOM   60   C  CZ  . ARG A 1 8   ? 1.477   -11.521 11.967  1.00 28.11 ? 6   ARG A CZ  1 
ATOM   61   N  NH1 . ARG A 1 8   ? 1.925   -11.829 13.175  1.00 29.93 ? 6   ARG A NH1 1 
ATOM   62   N  NH2 . ARG A 1 8   ? 1.768   -12.304 10.940  1.00 28.25 ? 6   ARG A NH2 1 
ATOM   63   N  N   . GLU A 1 9   ? 2.743   -5.009  11.363  1.00 14.07 ? 7   GLU A N   1 
ATOM   64   C  CA  . GLU A 1 9   ? 2.793   -3.764  12.126  1.00 14.92 ? 7   GLU A CA  1 
ATOM   65   C  C   . GLU A 1 9   ? 3.151   -2.566  11.240  1.00 14.53 ? 7   GLU A C   1 
ATOM   66   O  O   . GLU A 1 9   ? 2.718   -1.451  11.486  1.00 12.74 ? 7   GLU A O   1 
ATOM   67   C  CB  . GLU A 1 9   ? 3.801   -3.894  13.272  1.00 16.56 ? 7   GLU A CB  1 
ATOM   68   C  CG  . GLU A 1 9   ? 3.288   -4.724  14.456  1.00 22.20 ? 7   GLU A CG  1 
ATOM   69   C  CD  . GLU A 1 9   ? 4.383   -5.071  15.445  1.00 26.00 ? 7   GLU A CD  1 
ATOM   70   O  OE1 . GLU A 1 9   ? 5.416   -4.368  15.440  1.00 26.35 ? 7   GLU A OE1 1 
ATOM   71   O  OE2 . GLU A 1 9   ? 4.208   -6.029  16.234  1.00 25.80 ? 7   GLU A OE2 1 
ATOM   72   N  N   . LEU A 1 10  ? 3.959   -2.809  10.216  1.00 13.45 ? 8   LEU A N   1 
ATOM   73   C  CA  . LEU A 1 10  ? 4.337   -1.749  9.298   1.00 14.22 ? 8   LEU A CA  1 
ATOM   74   C  C   . LEU A 1 10  ? 3.097   -1.322  8.501   1.00 13.53 ? 8   LEU A C   1 
ATOM   75   O  O   . LEU A 1 10  ? 2.897   -0.152  8.245   1.00 13.34 ? 8   LEU A O   1 
ATOM   76   C  CB  . LEU A 1 10  ? 5.437   -2.235  8.351   1.00 15.62 ? 8   LEU A CB  1 
ATOM   77   C  CG  . LEU A 1 10  ? 5.870   -1.231  7.286   1.00 17.03 ? 8   LEU A CG  1 
ATOM   78   C  CD1 . LEU A 1 10  ? 6.412   0.042   7.937   1.00 17.12 ? 8   LEU A CD1 1 
ATOM   79   C  CD2 . LEU A 1 10  ? 6.923   -1.882  6.416   1.00 18.29 ? 8   LEU A CD2 1 
ATOM   80   N  N   . VAL A 1 11  ? 2.277   -2.297  8.115   1.00 13.13 ? 9   VAL A N   1 
ATOM   81   C  CA  . VAL A 1 11  ? 1.054   -2.021  7.371   1.00 11.10 ? 9   VAL A CA  1 
ATOM   82   C  C   . VAL A 1 11  ? 0.095   -1.219  8.251   1.00 13.31 ? 9   VAL A C   1 
ATOM   83   O  O   . VAL A 1 11  ? -0.504  -0.251  7.798   1.00 13.38 ? 9   VAL A O   1 
ATOM   84   C  CB  . VAL A 1 11  ? 0.350   -3.335  6.914   1.00 11.03 ? 9   VAL A CB  1 
ATOM   85   C  CG1 . VAL A 1 11  ? -1.051  -3.032  6.367   1.00 8.23  ? 9   VAL A CG1 1 
ATOM   86   C  CG2 . VAL A 1 11  ? 1.192   -4.021  5.835   1.00 10.11 ? 9   VAL A CG2 1 
ATOM   87   N  N   . VAL A 1 12  ? -0.044  -1.623  9.511   1.00 13.51 ? 10  VAL A N   1 
ATOM   88   C  CA  . VAL A 1 12  ? -0.937  -0.916  10.429  1.00 13.60 ? 10  VAL A CA  1 
ATOM   89   C  C   . VAL A 1 12  ? -0.483  0.539   10.571  1.00 13.41 ? 10  VAL A C   1 
ATOM   90   O  O   . VAL A 1 12  ? -1.282  1.461   10.505  1.00 13.74 ? 10  VAL A O   1 
ATOM   91   C  CB  . VAL A 1 12  ? -0.949  -1.564  11.838  1.00 14.23 ? 10  VAL A CB  1 
ATOM   92   C  CG1 . VAL A 1 12  ? -1.779  -0.699  12.801  1.00 12.00 ? 10  VAL A CG1 1 
ATOM   93   C  CG2 . VAL A 1 12  ? -1.517  -2.987  11.758  1.00 11.75 ? 10  VAL A CG2 1 
ATOM   94   N  N   . ASP A 1 13  ? 0.817   0.728   10.762  1.00 13.78 ? 11  ASP A N   1 
ATOM   95   C  CA  . ASP A 1 13  ? 1.376   2.067   10.914  1.00 13.93 ? 11  ASP A CA  1 
ATOM   96   C  C   . ASP A 1 13  ? 1.079   2.949   9.704   1.00 14.88 ? 11  ASP A C   1 
ATOM   97   O  O   . ASP A 1 13  ? 0.615   4.075   9.848   1.00 12.99 ? 11  ASP A O   1 
ATOM   98   C  CB  . ASP A 1 13  ? 2.886   1.987   11.107  1.00 14.95 ? 11  ASP A CB  1 
ATOM   99   C  CG  . ASP A 1 13  ? 3.521   3.351   11.285  1.00 15.97 ? 11  ASP A CG  1 
ATOM   100  O  OD1 . ASP A 1 13  ? 3.548   3.853   12.428  1.00 15.46 ? 11  ASP A OD1 1 
ATOM   101  O  OD2 . ASP A 1 13  ? 3.981   3.924   10.275  1.00 16.64 ? 11  ASP A OD2 1 
ATOM   102  N  N   . PHE A 1 14  ? 1.343   2.423   8.509   1.00 13.34 ? 12  PHE A N   1 
ATOM   103  C  CA  . PHE A 1 14  ? 1.115   3.190   7.293   1.00 12.93 ? 12  PHE A CA  1 
ATOM   104  C  C   . PHE A 1 14  ? -0.352  3.535   7.095   1.00 13.18 ? 12  PHE A C   1 
ATOM   105  O  O   . PHE A 1 14  ? -0.692  4.678   6.842   1.00 13.53 ? 12  PHE A O   1 
ATOM   106  C  CB  . PHE A 1 14  ? 1.652   2.442   6.067   1.00 13.28 ? 12  PHE A CB  1 
ATOM   107  C  CG  . PHE A 1 14  ? 1.545   3.228   4.789   1.00 12.81 ? 12  PHE A CG  1 
ATOM   108  C  CD1 . PHE A 1 14  ? 0.416   3.121   3.977   1.00 11.66 ? 12  PHE A CD1 1 
ATOM   109  C  CD2 . PHE A 1 14  ? 2.549   4.125   4.428   1.00 13.01 ? 12  PHE A CD2 1 
ATOM   110  C  CE1 . PHE A 1 14  ? 0.286   3.903   2.824   1.00 10.63 ? 12  PHE A CE1 1 
ATOM   111  C  CE2 . PHE A 1 14  ? 2.429   4.910   3.284   1.00 13.47 ? 12  PHE A CE2 1 
ATOM   112  C  CZ  . PHE A 1 14  ? 1.293   4.798   2.480   1.00 11.10 ? 12  PHE A CZ  1 
ATOM   113  N  N   . LEU A 1 15  ? -1.222  2.542   7.226   1.00 12.38 ? 13  LEU A N   1 
ATOM   114  C  CA  . LEU A 1 15  ? -2.647  2.775   7.045   1.00 13.68 ? 13  LEU A CA  1 
ATOM   115  C  C   . LEU A 1 15  ? -3.254  3.700   8.104   1.00 15.42 ? 13  LEU A C   1 
ATOM   116  O  O   . LEU A 1 15  ? -4.120  4.505   7.792   1.00 13.78 ? 13  LEU A O   1 
ATOM   117  C  CB  . LEU A 1 15  ? -3.392  1.436   7.002   1.00 13.98 ? 13  LEU A CB  1 
ATOM   118  C  CG  . LEU A 1 15  ? -3.039  0.567   5.790   1.00 13.48 ? 13  LEU A CG  1 
ATOM   119  C  CD1 . LEU A 1 15  ? -3.800  -0.747  5.895   1.00 16.53 ? 13  LEU A CD1 1 
ATOM   120  C  CD2 . LEU A 1 15  ? -3.376  1.289   4.484   1.00 11.41 ? 13  LEU A CD2 1 
ATOM   121  N  N   . SER A 1 16  ? -2.799  3.572   9.352   1.00 15.55 ? 14  SER A N   1 
ATOM   122  C  CA  . SER A 1 16  ? -3.288  4.423   10.446  1.00 17.36 ? 14  SER A CA  1 
ATOM   123  C  C   . SER A 1 16  ? -2.903  5.859   10.123  1.00 17.02 ? 14  SER A C   1 
ATOM   124  O  O   . SER A 1 16  ? -3.696  6.779   10.259  1.00 17.94 ? 14  SER A O   1 
ATOM   125  C  CB  . SER A 1 16  ? -2.642  4.034   11.777  1.00 17.73 ? 14  SER A CB  1 
ATOM   126  O  OG  . SER A 1 16  ? -2.988  2.700   12.130  1.00 23.79 ? 14  SER A OG  1 
ATOM   127  N  N   . TYR A 1 17  ? -1.656  6.025   9.701   1.00 15.61 ? 15  TYR A N   1 
ATOM   128  C  CA  . TYR A 1 17  ? -1.135  7.327   9.324   1.00 16.59 ? 15  TYR A CA  1 
ATOM   129  C  C   . TYR A 1 17  ? -2.022  7.902   8.218   1.00 16.68 ? 15  TYR A C   1 
ATOM   130  O  O   . TYR A 1 17  ? -2.585  8.979   8.357   1.00 15.49 ? 15  TYR A O   1 
ATOM   131  C  CB  . TYR A 1 17  ? 0.306   7.182   8.819   1.00 15.97 ? 15  TYR A CB  1 
ATOM   132  C  CG  . TYR A 1 17  ? 0.904   8.459   8.276   1.00 17.08 ? 15  TYR A CG  1 
ATOM   133  C  CD1 . TYR A 1 17  ? 1.189   9.532   9.122   1.00 17.58 ? 15  TYR A CD1 1 
ATOM   134  C  CD2 . TYR A 1 17  ? 1.164   8.606   6.913   1.00 16.64 ? 15  TYR A CD2 1 
ATOM   135  C  CE1 . TYR A 1 17  ? 1.714   10.719  8.621   1.00 18.31 ? 15  TYR A CE1 1 
ATOM   136  C  CE2 . TYR A 1 17  ? 1.691   9.788   6.405   1.00 16.25 ? 15  TYR A CE2 1 
ATOM   137  C  CZ  . TYR A 1 17  ? 1.962   10.837  7.268   1.00 18.12 ? 15  TYR A CZ  1 
ATOM   138  O  OH  . TYR A 1 17  ? 2.489   12.008  6.788   1.00 19.28 ? 15  TYR A OH  1 
ATOM   139  N  N   . LYS A 1 18  ? -2.152  7.152   7.129   1.00 15.80 ? 16  LYS A N   1 
ATOM   140  C  CA  . LYS A 1 18  ? -2.960  7.591   5.997   1.00 16.71 ? 16  LYS A CA  1 
ATOM   141  C  C   . LYS A 1 18  ? -4.415  7.875   6.356   1.00 16.79 ? 16  LYS A C   1 
ATOM   142  O  O   . LYS A 1 18  ? -4.979  8.861   5.916   1.00 15.98 ? 16  LYS A O   1 
ATOM   143  C  CB  . LYS A 1 18  ? -2.890  6.559   4.869   1.00 16.51 ? 16  LYS A CB  1 
ATOM   144  C  CG  . LYS A 1 18  ? -1.628  6.679   4.036   1.00 17.89 ? 16  LYS A CG  1 
ATOM   145  C  CD  . LYS A 1 18  ? -1.615  8.021   3.326   1.00 19.49 ? 16  LYS A CD  1 
ATOM   146  C  CE  . LYS A 1 18  ? -0.273  8.320   2.711   1.00 21.98 ? 16  LYS A CE  1 
ATOM   147  N  NZ  . LYS A 1 18  ? -0.319  9.610   1.982   1.00 20.46 ? 16  LYS A NZ  1 
ATOM   148  N  N   . LEU A 1 19  ? -5.008  7.005   7.163   1.00 17.02 ? 17  LEU A N   1 
ATOM   149  C  CA  . LEU A 1 19  ? -6.395  7.165   7.582   1.00 17.78 ? 17  LEU A CA  1 
ATOM   150  C  C   . LEU A 1 19  ? -6.583  8.409   8.453   1.00 19.06 ? 17  LEU A C   1 
ATOM   151  O  O   . LEU A 1 19  ? -7.554  9.137   8.299   1.00 18.67 ? 17  LEU A O   1 
ATOM   152  C  CB  . LEU A 1 19  ? -6.855  5.920   8.348   1.00 17.02 ? 17  LEU A CB  1 
ATOM   153  C  CG  . LEU A 1 19  ? -7.182  4.675   7.521   1.00 15.92 ? 17  LEU A CG  1 
ATOM   154  C  CD1 . LEU A 1 19  ? -7.339  3.475   8.431   1.00 16.58 ? 17  LEU A CD1 1 
ATOM   155  C  CD2 . LEU A 1 19  ? -8.464  4.918   6.720   1.00 17.44 ? 17  LEU A CD2 1 
ATOM   156  N  N   . SER A 1 20  ? -5.640  8.642   9.361   1.00 18.39 ? 18  SER A N   1 
ATOM   157  C  CA  . SER A 1 20  ? -5.702  9.788   10.259  1.00 21.43 ? 18  SER A CA  1 
ATOM   158  C  C   . SER A 1 20  ? -5.480  11.088  9.488   1.00 22.38 ? 18  SER A C   1 
ATOM   159  O  O   . SER A 1 20  ? -6.070  12.110  9.801   1.00 21.03 ? 18  SER A O   1 
ATOM   160  C  CB  . SER A 1 20  ? -4.648  9.646   11.354  1.00 22.71 ? 18  SER A CB  1 
ATOM   161  O  OG  . SER A 1 20  ? -4.672  10.760  12.225  1.00 29.10 ? 18  SER A OG  1 
ATOM   162  N  N   . GLN A 1 21  ? -4.623  11.014  8.477   1.00 21.59 ? 19  GLN A N   1 
ATOM   163  C  CA  . GLN A 1 21  ? -4.297  12.146  7.615   1.00 22.91 ? 19  GLN A CA  1 
ATOM   164  C  C   . GLN A 1 21  ? -5.576  12.657  6.943   1.00 24.26 ? 19  GLN A C   1 
ATOM   165  O  O   . GLN A 1 21  ? -5.678  13.819  6.578   1.00 24.20 ? 19  GLN A O   1 
ATOM   166  C  CB  . GLN A 1 21  ? -3.297  11.687  6.547   1.00 21.98 ? 19  GLN A CB  1 
ATOM   167  C  CG  . GLN A 1 21  ? -2.511  12.784  5.856   1.00 23.46 ? 19  GLN A CG  1 
ATOM   168  C  CD  . GLN A 1 21  ? -1.544  12.227  4.817   1.00 20.89 ? 19  GLN A CD  1 
ATOM   169  O  OE1 . GLN A 1 21  ? -1.954  11.738  3.781   1.00 21.99 ? 19  GLN A OE1 1 
ATOM   170  N  NE2 . GLN A 1 21  ? -0.253  12.296  5.111   1.00 19.26 ? 19  GLN A NE2 1 
ATOM   171  N  N   . LYS A 1 22  ? -6.549  11.762  6.798   1.00 25.37 ? 20  LYS A N   1 
ATOM   172  C  CA  . LYS A 1 22  ? -7.822  12.082  6.163   1.00 25.67 ? 20  LYS A CA  1 
ATOM   173  C  C   . LYS A 1 22  ? -8.967  12.288  7.152   1.00 25.56 ? 20  LYS A C   1 
ATOM   174  O  O   . LYS A 1 22  ? -10.119 12.357  6.752   1.00 26.90 ? 20  LYS A O   1 
ATOM   175  C  CB  . LYS A 1 22  ? -8.207  10.966  5.190   1.00 28.55 ? 20  LYS A CB  1 
ATOM   176  C  CG  . LYS A 1 22  ? -7.201  10.710  4.082   1.00 29.80 ? 20  LYS A CG  1 
ATOM   177  C  CD  . LYS A 1 22  ? -7.175  11.841  3.074   1.00 34.25 ? 20  LYS A CD  1 
ATOM   178  C  CE  . LYS A 1 22  ? -6.468  11.398  1.807   1.00 36.34 ? 20  LYS A CE  1 
ATOM   179  N  NZ  . LYS A 1 22  ? -6.556  12.410  0.722   1.00 39.26 ? 20  LYS A NZ  1 
ATOM   180  N  N   . GLY A 1 23  ? -8.652  12.369  8.440   1.00 24.86 ? 21  GLY A N   1 
ATOM   181  C  CA  . GLY A 1 23  ? -9.697  12.584  9.431   1.00 23.03 ? 21  GLY A CA  1 
ATOM   182  C  C   . GLY A 1 23  ? -10.306 11.330  10.030  1.00 22.54 ? 21  GLY A C   1 
ATOM   183  O  O   . GLY A 1 23  ? -11.268 11.403  10.776  1.00 22.24 ? 21  GLY A O   1 
ATOM   184  N  N   . TYR A 1 24  ? -9.739  10.175  9.702   1.00 22.21 ? 22  TYR A N   1 
ATOM   185  C  CA  . TYR A 1 24  ? -10.233 8.905   10.224  1.00 22.79 ? 22  TYR A CA  1 
ATOM   186  C  C   . TYR A 1 24  ? -9.310  8.372   11.314  1.00 23.08 ? 22  TYR A C   1 
ATOM   187  O  O   . TYR A 1 24  ? -8.275  8.953   11.588  1.00 24.34 ? 22  TYR A O   1 
ATOM   188  C  CB  . TYR A 1 24  ? -10.346 7.884   9.088   1.00 24.42 ? 22  TYR A CB  1 
ATOM   189  C  CG  . TYR A 1 24  ? -11.482 8.171   8.138   1.00 24.06 ? 22  TYR A CG  1 
ATOM   190  C  CD1 . TYR A 1 24  ? -12.806 8.057   8.560   1.00 24.61 ? 22  TYR A CD1 1 
ATOM   191  C  CD2 . TYR A 1 24  ? -11.239 8.567   6.822   1.00 26.31 ? 22  TYR A CD2 1 
ATOM   192  C  CE1 . TYR A 1 24  ? -13.861 8.327   7.701   1.00 25.94 ? 22  TYR A CE1 1 
ATOM   193  C  CE2 . TYR A 1 24  ? -12.291 8.841   5.949   1.00 26.22 ? 22  TYR A CE2 1 
ATOM   194  C  CZ  . TYR A 1 24  ? -13.600 8.717   6.397   1.00 27.36 ? 22  TYR A CZ  1 
ATOM   195  O  OH  . TYR A 1 24  ? -14.653 8.966   5.545   1.00 27.94 ? 22  TYR A OH  1 
ATOM   196  N  N   . SER A 1 25  ? -9.700  7.267   11.938  1.00 21.96 ? 23  SER A N   1 
ATOM   197  C  CA  . SER A 1 25  ? -8.884  6.673   12.982  1.00 22.15 ? 23  SER A CA  1 
ATOM   198  C  C   . SER A 1 25  ? -8.919  5.156   12.916  1.00 21.58 ? 23  SER A C   1 
ATOM   199  O  O   . SER A 1 25  ? -9.978  4.548   12.880  1.00 20.29 ? 23  SER A O   1 
ATOM   200  C  CB  . SER A 1 25  ? -9.344  7.136   14.359  1.00 24.67 ? 23  SER A CB  1 
ATOM   201  O  OG  . SER A 1 25  ? -8.456  6.644   15.351  1.00 30.06 ? 23  SER A OG  1 
ATOM   202  N  N   . TRP A 1 26  ? -7.730  4.563   12.904  1.00 21.18 ? 24  TRP A N   1 
ATOM   203  C  CA  . TRP A 1 26  ? -7.562  3.119   12.825  1.00 20.48 ? 24  TRP A CA  1 
ATOM   204  C  C   . TRP A 1 26  ? -8.470  2.323   13.764  1.00 21.18 ? 24  TRP A C   1 
ATOM   205  O  O   . TRP A 1 26  ? -9.032  1.309   13.379  1.00 19.45 ? 24  TRP A O   1 
ATOM   206  C  CB  . TRP A 1 26  ? -6.097  2.767   13.092  1.00 20.07 ? 24  TRP A CB  1 
ATOM   207  C  CG  . TRP A 1 26  ? -5.842  1.302   13.096  1.00 19.66 ? 24  TRP A CG  1 
ATOM   208  C  CD1 . TRP A 1 26  ? -5.650  0.504   14.189  1.00 17.74 ? 24  TRP A CD1 1 
ATOM   209  C  CD2 . TRP A 1 26  ? -5.816  0.435   11.956  1.00 18.50 ? 24  TRP A CD2 1 
ATOM   210  N  NE1 . TRP A 1 26  ? -5.512  -0.804  13.802  1.00 17.93 ? 24  TRP A NE1 1 
ATOM   211  C  CE2 . TRP A 1 26  ? -5.611  -0.879  12.438  1.00 18.80 ? 24  TRP A CE2 1 
ATOM   212  C  CE3 . TRP A 1 26  ? -5.951  0.641   10.576  1.00 18.08 ? 24  TRP A CE3 1 
ATOM   213  C  CZ2 . TRP A 1 26  ? -5.535  -1.986  11.583  1.00 18.02 ? 24  TRP A CZ2 1 
ATOM   214  C  CZ3 . TRP A 1 26  ? -5.876  -0.460  9.726   1.00 18.31 ? 24  TRP A CZ3 1 
ATOM   215  C  CH2 . TRP A 1 26  ? -5.670  -1.758  10.235  1.00 17.75 ? 24  TRP A CH2 1 
ATOM   216  N  N   . SER A 1 27  ? -8.607  2.801   14.996  1.00 22.25 ? 25  SER A N   1 
ATOM   217  C  CA  . SER A 1 27  ? -9.435  2.142   15.999  1.00 24.78 ? 25  SER A CA  1 
ATOM   218  C  C   . SER A 1 27  ? -10.891 1.990   15.569  1.00 25.26 ? 25  SER A C   1 
ATOM   219  O  O   . SER A 1 27  ? -11.599 1.127   16.059  1.00 25.77 ? 25  SER A O   1 
ATOM   220  C  CB  . SER A 1 27  ? -9.369  2.918   17.318  1.00 26.57 ? 25  SER A CB  1 
ATOM   221  O  OG  . SER A 1 27  ? -9.749  4.269   17.134  1.00 29.75 ? 25  SER A OG  1 
ATOM   222  N  N   . GLN A 1 28  ? -11.334 2.850   14.659  1.00 25.79 ? 26  GLN A N   1 
ATOM   223  C  CA  . GLN A 1 28  ? -12.707 2.809   14.167  1.00 26.41 ? 26  GLN A CA  1 
ATOM   224  C  C   . GLN A 1 28  ? -12.927 1.601   13.257  1.00 25.78 ? 26  GLN A C   1 
ATOM   225  O  O   . GLN A 1 28  ? -14.049 1.212   13.000  1.00 25.01 ? 26  GLN A O   1 
ATOM   226  C  CB  . GLN A 1 28  ? -13.019 4.096   13.384  1.00 26.46 ? 26  GLN A CB  1 
ATOM   227  C  CG  . GLN A 1 28  ? -12.958 5.378   14.214  1.00 29.11 ? 26  GLN A CG  1 
ATOM   228  C  CD  . GLN A 1 28  ? -12.871 6.656   13.371  1.00 30.75 ? 26  GLN A CD  1 
ATOM   229  O  OE1 . GLN A 1 28  ? -13.026 7.755   13.884  1.00 30.88 ? 26  GLN A OE1 1 
ATOM   230  N  NE2 . GLN A 1 28  ? -12.609 6.505   12.077  1.00 28.68 ? 26  GLN A NE2 1 
ATOM   231  N  N   . PHE A 1 29  ? -11.843 1.004   12.778  1.00 25.47 ? 27  PHE A N   1 
ATOM   232  C  CA  . PHE A 1 29  ? -11.972 -0.123  11.863  1.00 26.14 ? 27  PHE A CA  1 
ATOM   233  C  C   . PHE A 1 29  ? -11.393 -1.440  12.363  1.00 27.39 ? 27  PHE A C   1 
ATOM   234  O  O   . PHE A 1 29  ? -11.775 -2.500  11.895  1.00 27.17 ? 27  PHE A O   1 
ATOM   235  C  CB  . PHE A 1 29  ? -11.317 0.236   10.527  1.00 25.08 ? 27  PHE A CB  1 
ATOM   236  C  CG  . PHE A 1 29  ? -11.582 1.645   10.084  1.00 24.61 ? 27  PHE A CG  1 
ATOM   237  C  CD1 . PHE A 1 29  ? -12.822 2.013   9.572   1.00 24.05 ? 27  PHE A CD1 1 
ATOM   238  C  CD2 . PHE A 1 29  ? -10.595 2.618   10.218  1.00 24.51 ? 27  PHE A CD2 1 
ATOM   239  C  CE1 . PHE A 1 29  ? -13.074 3.331   9.197   1.00 24.52 ? 27  PHE A CE1 1 
ATOM   240  C  CE2 . PHE A 1 29  ? -10.833 3.935   9.849   1.00 24.46 ? 27  PHE A CE2 1 
ATOM   241  C  CZ  . PHE A 1 29  ? -12.078 4.293   9.338   1.00 24.09 ? 27  PHE A CZ  1 
ATOM   242  N  N   . SER A 1 30  ? -10.470 -1.361  13.314  1.00 29.23 ? 28  SER A N   1 
ATOM   243  C  CA  . SER A 1 30  ? -9.833  -2.556  13.847  1.00 30.61 ? 28  SER A CA  1 
ATOM   244  C  C   . SER A 1 30  ? -9.412  -2.460  15.296  1.00 31.48 ? 28  SER A C   1 
ATOM   245  O  O   . SER A 1 30  ? -9.083  -1.394  15.788  1.00 30.82 ? 28  SER A O   1 
ATOM   246  C  CB  . SER A 1 30  ? -8.598  -2.900  13.022  1.00 31.11 ? 28  SER A CB  1 
ATOM   247  O  OG  . SER A 1 30  ? -7.882  -3.972  13.619  1.00 32.62 ? 28  SER A OG  1 
ATOM   248  N  N   . ASP A 1 31  ? -9.407  -3.604  15.969  1.00 32.99 ? 29  ASP A N   1 
ATOM   249  C  CA  . ASP A 1 31  ? -8.997  -3.639  17.357  1.00 34.56 ? 29  ASP A CA  1 
ATOM   250  C  C   . ASP A 1 31  ? -7.504  -3.948  17.418  1.00 35.00 ? 29  ASP A C   1 
ATOM   251  O  O   . ASP A 1 31  ? -6.903  -3.907  18.480  1.00 34.43 ? 29  ASP A O   1 
ATOM   252  C  CB  . ASP A 1 31  ? -9.794  -4.691  18.131  1.00 36.34 ? 29  ASP A CB  1 
ATOM   253  C  CG  . ASP A 1 31  ? -11.261 -4.337  18.239  1.00 37.33 ? 29  ASP A CG  1 
ATOM   254  O  OD1 . ASP A 1 31  ? -11.577 -3.130  18.363  1.00 39.89 ? 29  ASP A OD1 1 
ATOM   255  O  OD2 . ASP A 1 31  ? -12.098 -5.261  18.223  1.00 38.99 ? 29  ASP A OD2 1 
ATOM   256  N  N   . VAL A 1 32  ? -6.907  -4.258  16.268  1.00 34.52 ? 30  VAL A N   1 
ATOM   257  C  CA  . VAL A 1 32  ? -5.478  -4.554  16.227  1.00 35.15 ? 30  VAL A CA  1 
ATOM   258  C  C   . VAL A 1 32  ? -4.745  -3.286  16.666  1.00 36.93 ? 30  VAL A C   1 
ATOM   259  O  O   . VAL A 1 32  ? -4.881  -2.255  16.039  1.00 34.87 ? 30  VAL A O   1 
ATOM   260  C  CB  . VAL A 1 32  ? -5.021  -4.938  14.789  1.00 34.57 ? 30  VAL A CB  1 
ATOM   261  C  CG1 . VAL A 1 32  ? -3.516  -5.196  14.759  1.00 34.33 ? 30  VAL A CG1 1 
ATOM   262  C  CG2 . VAL A 1 32  ? -5.787  -6.162  14.305  1.00 32.76 ? 30  VAL A CG2 1 
ATOM   263  N  N   . GLU A 1 33  ? -3.982  -3.349  17.754  1.00 40.49 ? 31  GLU A N   1 
ATOM   264  C  CA  . GLU A 1 33  ? -3.262  -2.153  18.177  1.00 43.41 ? 31  GLU A CA  1 
ATOM   265  C  C   . GLU A 1 33  ? -1.941  -1.993  17.430  1.00 44.22 ? 31  GLU A C   1 
ATOM   266  O  O   . GLU A 1 33  ? -1.518  -2.884  16.704  1.00 45.34 ? 31  GLU A O   1 
ATOM   267  C  CB  . GLU A 1 33  ? -2.998  -2.158  19.686  1.00 45.56 ? 31  GLU A CB  1 
ATOM   268  C  CG  . GLU A 1 33  ? -4.173  -1.688  20.560  1.00 47.86 ? 31  GLU A CG  1 
ATOM   269  C  CD  . GLU A 1 33  ? -3.718  -1.242  21.936  1.00 50.15 ? 31  GLU A CD  1 
ATOM   270  O  OE1 . GLU A 1 33  ? -2.741  -1.830  22.447  1.00 50.79 ? 31  GLU A OE1 1 
ATOM   271  O  OE2 . GLU A 1 33  ? -4.335  -0.311  22.511  1.00 51.55 ? 31  GLU A OE2 1 
ATOM   272  N  N   . GLU A 1 85  ? 8.910   6.938   16.182  1.00 38.22 ? 83  GLU A N   1 
ATOM   273  C  CA  . GLU A 1 85  ? 8.765   6.266   14.900  1.00 36.98 ? 83  GLU A CA  1 
ATOM   274  C  C   . GLU A 1 85  ? 10.041  5.637   14.402  1.00 35.73 ? 83  GLU A C   1 
ATOM   275  O  O   . GLU A 1 85  ? 11.058  6.312   14.292  1.00 36.70 ? 83  GLU A O   1 
ATOM   276  C  CB  . GLU A 1 85  ? 8.291   7.232   13.821  1.00 38.39 ? 83  GLU A CB  1 
ATOM   277  C  CG  . GLU A 1 85  ? 6.791   7.287   13.622  1.00 41.50 ? 83  GLU A CG  1 
ATOM   278  C  CD  . GLU A 1 85  ? 6.166   5.916   13.444  1.00 42.72 ? 83  GLU A CD  1 
ATOM   279  O  OE1 . GLU A 1 85  ? 5.133   5.839   12.757  1.00 42.64 ? 83  GLU A OE1 1 
ATOM   280  O  OE2 . GLU A 1 85  ? 6.680   4.917   14.001  1.00 44.14 ? 83  GLU A OE2 1 
ATOM   281  N  N   . SER A 1 86  ? 9.995   4.341   14.104  1.00 32.80 ? 84  SER A N   1 
ATOM   282  C  CA  . SER A 1 86  ? 11.174  3.685   13.565  1.00 29.85 ? 84  SER A CA  1 
ATOM   283  C  C   . SER A 1 86  ? 11.464  4.421   12.257  1.00 28.19 ? 84  SER A C   1 
ATOM   284  O  O   . SER A 1 86  ? 10.572  5.000   11.648  1.00 26.56 ? 84  SER A O   1 
ATOM   285  C  CB  . SER A 1 86  ? 10.899  2.198   13.294  1.00 31.13 ? 84  SER A CB  1 
ATOM   286  O  OG  . SER A 1 86  ? 10.174  2.009   12.086  1.00 30.17 ? 84  SER A OG  1 
ATOM   287  N  N   . ALA A 1 87  ? 12.725  4.407   11.848  1.00 25.37 ? 85  ALA A N   1 
ATOM   288  C  CA  . ALA A 1 87  ? 13.121  5.074   10.623  1.00 24.09 ? 85  ALA A CA  1 
ATOM   289  C  C   . ALA A 1 87  ? 12.381  4.485   9.425   1.00 23.10 ? 85  ALA A C   1 
ATOM   290  O  O   . ALA A 1 87  ? 12.069  5.193   8.480   1.00 22.23 ? 85  ALA A O   1 
ATOM   291  C  CB  . ALA A 1 87  ? 14.624  4.956   10.420  1.00 22.77 ? 85  ALA A CB  1 
ATOM   292  N  N   . VAL A 1 88  ? 12.088  3.190   9.483   1.00 21.51 ? 86  VAL A N   1 
ATOM   293  C  CA  . VAL A 1 88  ? 11.401  2.520   8.386   1.00 22.36 ? 86  VAL A CA  1 
ATOM   294  C  C   . VAL A 1 88  ? 9.978   3.039   8.221   1.00 22.26 ? 86  VAL A C   1 
ATOM   295  O  O   . VAL A 1 88  ? 9.566   3.390   7.122   1.00 22.38 ? 86  VAL A O   1 
ATOM   296  C  CB  . VAL A 1 88  ? 11.397  0.993   8.605   1.00 20.83 ? 86  VAL A CB  1 
ATOM   297  C  CG1 . VAL A 1 88  ? 10.636  0.309   7.478   1.00 19.10 ? 86  VAL A CG1 1 
ATOM   298  C  CG2 . VAL A 1 88  ? 12.838  0.490   8.680   1.00 21.54 ? 86  VAL A CG2 1 
ATOM   299  N  N   . LYS A 1 89  ? 9.234   3.084   9.319   1.00 21.40 ? 87  LYS A N   1 
ATOM   300  C  CA  . LYS A 1 89  ? 7.863   3.580   9.284   1.00 21.11 ? 87  LYS A CA  1 
ATOM   301  C  C   . LYS A 1 89  ? 7.857   5.027   8.785   1.00 20.39 ? 87  LYS A C   1 
ATOM   302  O  O   . LYS A 1 89  ? 7.059   5.386   7.936   1.00 18.99 ? 87  LYS A O   1 
ATOM   303  C  CB  . LYS A 1 89  ? 7.238   3.506   10.677  1.00 20.60 ? 87  LYS A CB  1 
ATOM   304  C  CG  . LYS A 1 89  ? 7.059   2.084   11.182  1.00 21.74 ? 87  LYS A CG  1 
ATOM   305  C  CD  . LYS A 1 89  ? 6.577   2.050   12.625  1.00 20.83 ? 87  LYS A CD  1 
ATOM   306  C  CE  . LYS A 1 89  ? 6.356   0.612   13.071  1.00 22.51 ? 87  LYS A CE  1 
ATOM   307  N  NZ  . LYS A 1 89  ? 5.930   0.481   14.497  1.00 22.02 ? 87  LYS A NZ  1 
ATOM   308  N  N   . GLN A 1 90  ? 8.766   5.841   9.320   1.00 20.34 ? 88  GLN A N   1 
ATOM   309  C  CA  . GLN A 1 90  ? 8.861   7.244   8.926   1.00 20.22 ? 88  GLN A CA  1 
ATOM   310  C  C   . GLN A 1 90  ? 9.108   7.395   7.437   1.00 19.36 ? 88  GLN A C   1 
ATOM   311  O  O   . GLN A 1 90  ? 8.449   8.172   6.769   1.00 17.55 ? 88  GLN A O   1 
ATOM   312  C  CB  . GLN A 1 90  ? 9.997   7.947   9.667   1.00 22.99 ? 88  GLN A CB  1 
ATOM   313  C  CG  . GLN A 1 90  ? 9.669   8.352   11.087  1.00 30.35 ? 88  GLN A CG  1 
ATOM   314  C  CD  . GLN A 1 90  ? 10.864  8.965   11.799  1.00 34.00 ? 88  GLN A CD  1 
ATOM   315  O  OE1 . GLN A 1 90  ? 11.462  9.920   11.319  1.00 36.48 ? 88  GLN A OE1 1 
ATOM   316  N  NE2 . GLN A 1 90  ? 11.206  8.417   12.961  1.00 35.09 ? 88  GLN A NE2 1 
ATOM   317  N  N   . ALA A 1 91  ? 10.086  6.647   6.937   1.00 17.09 ? 89  ALA A N   1 
ATOM   318  C  CA  . ALA A 1 91  ? 10.442  6.694   5.528   1.00 16.82 ? 89  ALA A CA  1 
ATOM   319  C  C   . ALA A 1 91  ? 9.304   6.218   4.631   1.00 15.29 ? 89  ALA A C   1 
ATOM   320  O  O   . ALA A 1 91  ? 9.115   6.745   3.551   1.00 17.57 ? 89  ALA A O   1 
ATOM   321  C  CB  . ALA A 1 91  ? 11.699  5.860   5.279   1.00 15.24 ? 89  ALA A CB  1 
ATOM   322  N  N   . LEU A 1 92  ? 8.548   5.221   5.080   1.00 15.27 ? 90  LEU A N   1 
ATOM   323  C  CA  . LEU A 1 92  ? 7.439   4.719   4.275   1.00 14.31 ? 90  LEU A CA  1 
ATOM   324  C  C   . LEU A 1 92  ? 6.297   5.732   4.217   1.00 14.54 ? 90  LEU A C   1 
ATOM   325  O  O   . LEU A 1 92  ? 5.709   5.948   3.166   1.00 14.03 ? 90  LEU A O   1 
ATOM   326  C  CB  . LEU A 1 92  ? 6.924   3.384   4.816   1.00 14.42 ? 90  LEU A CB  1 
ATOM   327  C  CG  . LEU A 1 92  ? 5.914   2.686   3.897   1.00 15.10 ? 90  LEU A CG  1 
ATOM   328  C  CD1 . LEU A 1 92  ? 6.538   2.471   2.522   1.00 14.28 ? 90  LEU A CD1 1 
ATOM   329  C  CD2 . LEU A 1 92  ? 5.477   1.358   4.509   1.00 15.14 ? 90  LEU A CD2 1 
ATOM   330  N  N   . ARG A 1 93  ? 5.987   6.349   5.355   1.00 13.91 ? 91  ARG A N   1 
ATOM   331  C  CA  . ARG A 1 93  ? 4.934   7.356   5.400   1.00 15.18 ? 91  ARG A CA  1 
ATOM   332  C  C   . ARG A 1 93  ? 5.302   8.484   4.437   1.00 13.97 ? 91  ARG A C   1 
ATOM   333  O  O   . ARG A 1 93  ? 4.479   8.966   3.687   1.00 15.07 ? 91  ARG A O   1 
ATOM   334  C  CB  . ARG A 1 93  ? 4.803   7.947   6.804   1.00 14.77 ? 91  ARG A CB  1 
ATOM   335  C  CG  . ARG A 1 93  ? 4.359   6.989   7.881   1.00 18.65 ? 91  ARG A CG  1 
ATOM   336  C  CD  . ARG A 1 93  ? 4.349   7.710   9.223   1.00 22.34 ? 91  ARG A CD  1 
ATOM   337  N  NE  . ARG A 1 93  ? 3.759   6.905   10.287  1.00 25.73 ? 91  ARG A NE  1 
ATOM   338  C  CZ  . ARG A 1 93  ? 3.362   7.389   11.461  1.00 27.58 ? 91  ARG A CZ  1 
ATOM   339  N  NH1 . ARG A 1 93  ? 3.493   8.680   11.730  1.00 27.44 ? 91  ARG A NH1 1 
ATOM   340  N  NH2 . ARG A 1 93  ? 2.822   6.581   12.363  1.00 29.55 ? 91  ARG A NH2 1 
ATOM   341  N  N   . GLU A 1 94  ? 6.564   8.895   4.496   1.00 14.36 ? 92  GLU A N   1 
ATOM   342  C  CA  . GLU A 1 94  ? 7.099   9.966   3.665   1.00 15.86 ? 92  GLU A CA  1 
ATOM   343  C  C   . GLU A 1 94  ? 7.064   9.644   2.176   1.00 14.12 ? 92  GLU A C   1 
ATOM   344  O  O   . GLU A 1 94  ? 6.697   10.483  1.370   1.00 13.18 ? 92  GLU A O   1 
ATOM   345  C  CB  . GLU A 1 94  ? 8.534   10.260  4.087   1.00 21.53 ? 92  GLU A CB  1 
ATOM   346  C  CG  . GLU A 1 94  ? 8.787   11.691  4.489   1.00 30.49 ? 92  GLU A CG  1 
ATOM   347  C  CD  . GLU A 1 94  ? 9.755   11.786  5.650   1.00 36.02 ? 92  GLU A CD  1 
ATOM   348  O  OE1 . GLU A 1 94  ? 9.386   11.356  6.765   1.00 40.32 ? 92  GLU A OE1 1 
ATOM   349  O  OE2 . GLU A 1 94  ? 10.885  12.283  5.449   1.00 39.85 ? 92  GLU A OE2 1 
ATOM   350  N  N   . ALA A 1 95  ? 7.462   8.428   1.813   1.00 12.78 ? 93  ALA A N   1 
ATOM   351  C  CA  . ALA A 1 95  ? 7.448   8.035   0.408   1.00 11.36 ? 93  ALA A CA  1 
ATOM   352  C  C   . ALA A 1 95  ? 6.003   8.017   -0.067  1.00 10.57 ? 93  ALA A C   1 
ATOM   353  O  O   . ALA A 1 95  ? 5.690   8.478   -1.153  1.00 11.55 ? 93  ALA A O   1 
ATOM   354  C  CB  . ALA A 1 95  ? 8.077   6.661   0.237   1.00 11.79 ? 93  ALA A CB  1 
ATOM   355  N  N   . GLY A 1 96  ? 5.125   7.479   0.775   1.00 12.77 ? 94  GLY A N   1 
ATOM   356  C  CA  . GLY A 1 96  ? 3.716   7.412   0.437   1.00 12.05 ? 94  GLY A CA  1 
ATOM   357  C  C   . GLY A 1 96  ? 3.149   8.794   0.158   1.00 12.34 ? 94  GLY A C   1 
ATOM   358  O  O   . GLY A 1 96  ? 2.464   8.991   -0.826  1.00 11.96 ? 94  GLY A O   1 
ATOM   359  N  N   . ASP A 1 97  ? 3.433   9.747   1.042   1.00 12.40 ? 95  ASP A N   1 
ATOM   360  C  CA  . ASP A 1 97  ? 2.938   11.109  0.853   1.00 13.90 ? 95  ASP A CA  1 
ATOM   361  C  C   . ASP A 1 97  ? 3.454   11.677  -0.462  1.00 12.00 ? 95  ASP A C   1 
ATOM   362  O  O   . ASP A 1 97  ? 2.716   12.303  -1.200  1.00 11.46 ? 95  ASP A O   1 
ATOM   363  C  CB  . ASP A 1 97  ? 3.378   12.022  2.007   1.00 14.37 ? 95  ASP A CB  1 
ATOM   364  C  CG  . ASP A 1 97  ? 2.684   11.693  3.314   1.00 16.22 ? 95  ASP A CG  1 
ATOM   365  O  OD1 . ASP A 1 97  ? 1.567   11.133  3.272   1.00 14.25 ? 95  ASP A OD1 1 
ATOM   366  O  OD2 . ASP A 1 97  ? 3.246   12.016  4.387   1.00 17.79 ? 95  ASP A OD2 1 
ATOM   367  N  N   . GLU A 1 98  ? 4.732   11.444  -0.749  1.00 13.24 ? 96  GLU A N   1 
ATOM   368  C  CA  . GLU A 1 98  ? 5.338   11.945  -1.980  1.00 13.48 ? 96  GLU A CA  1 
ATOM   369  C  C   . GLU A 1 98  ? 4.665   11.364  -3.213  1.00 12.63 ? 96  GLU A C   1 
ATOM   370  O  O   . GLU A 1 98  ? 4.446   12.068  -4.194  1.00 10.50 ? 96  GLU A O   1 
ATOM   371  C  CB  . GLU A 1 98  ? 6.835   11.619  -2.008  1.00 17.03 ? 96  GLU A CB  1 
ATOM   372  C  CG  . GLU A 1 98  ? 7.624   12.293  -0.896  1.00 20.46 ? 96  GLU A CG  1 
ATOM   373  C  CD  . GLU A 1 98  ? 9.061   11.838  -0.848  1.00 24.43 ? 96  GLU A CD  1 
ATOM   374  O  OE1 . GLU A 1 98  ? 9.291   10.612  -0.825  1.00 25.29 ? 96  GLU A OE1 1 
ATOM   375  O  OE2 . GLU A 1 98  ? 9.959   12.703  -0.813  1.00 25.47 ? 96  GLU A OE2 1 
ATOM   376  N  N   . PHE A 1 99  ? 4.341   10.075  -3.163  1.00 12.19 ? 97  PHE A N   1 
ATOM   377  C  CA  . PHE A 1 99  ? 3.698   9.425   -4.298  1.00 11.58 ? 97  PHE A CA  1 
ATOM   378  C  C   . PHE A 1 99  ? 2.309   10.028  -4.497  1.00 12.51 ? 97  PHE A C   1 
ATOM   379  O  O   . PHE A 1 99  ? 1.898   10.292  -5.617  1.00 13.62 ? 97  PHE A O   1 
ATOM   380  C  CB  . PHE A 1 99  ? 3.624   7.904   -4.062  1.00 11.75 ? 97  PHE A CB  1 
ATOM   381  C  CG  . PHE A 1 99  ? 3.131   7.120   -5.250  1.00 12.34 ? 97  PHE A CG  1 
ATOM   382  C  CD1 . PHE A 1 99  ? 1.769   6.899   -5.441  1.00 12.62 ? 97  PHE A CD1 1 
ATOM   383  C  CD2 . PHE A 1 99  ? 4.034   6.584   -6.165  1.00 12.10 ? 97  PHE A CD2 1 
ATOM   384  C  CE1 . PHE A 1 99  ? 1.313   6.151   -6.520  1.00 13.25 ? 97  PHE A CE1 1 
ATOM   385  C  CE2 . PHE A 1 99  ? 3.596   5.837   -7.246  1.00 14.39 ? 97  PHE A CE2 1 
ATOM   386  C  CZ  . PHE A 1 99  ? 2.226   5.618   -7.429  1.00 14.02 ? 97  PHE A CZ  1 
ATOM   387  N  N   . GLU A 1 100 ? 1.605   10.267  -3.397  1.00 11.40 ? 98  GLU A N   1 
ATOM   388  C  CA  . GLU A 1 100 ? 0.267   10.852  -3.464  1.00 12.84 ? 98  GLU A CA  1 
ATOM   389  C  C   . GLU A 1 100 ? 0.292   12.297  -3.979  1.00 12.83 ? 98  GLU A C   1 
ATOM   390  O  O   . GLU A 1 100 ? -0.516  12.681  -4.796  1.00 11.64 ? 98  GLU A O   1 
ATOM   391  C  CB  . GLU A 1 100 ? -0.412  10.791  -2.089  1.00 12.33 ? 98  GLU A CB  1 
ATOM   392  C  CG  . GLU A 1 100 ? -1.730  11.543  -2.009  1.00 15.22 ? 98  GLU A CG  1 
ATOM   393  C  CD  . GLU A 1 100 ? -2.380  11.481  -0.635  1.00 19.48 ? 98  GLU A CD  1 
ATOM   394  O  OE1 . GLU A 1 100 ? -3.351  12.232  -0.421  1.00 20.68 ? 98  GLU A OE1 1 
ATOM   395  O  OE2 . GLU A 1 100 ? -1.942  10.686  0.225   1.00 19.99 ? 98  GLU A OE2 1 
ATOM   396  N  N   . LEU A 1 101 ? 1.229   13.093  -3.483  1.00 13.08 ? 99  LEU A N   1 
ATOM   397  C  CA  . LEU A 1 101 ? 1.352   14.480  -3.915  1.00 15.44 ? 99  LEU A CA  1 
ATOM   398  C  C   . LEU A 1 101 ? 1.576   14.557  -5.430  1.00 16.01 ? 99  LEU A C   1 
ATOM   399  O  O   . LEU A 1 101 ? 1.201   15.528  -6.077  1.00 15.78 ? 99  LEU A O   1 
ATOM   400  C  CB  . LEU A 1 101 ? 2.508   15.164  -3.170  1.00 14.37 ? 99  LEU A CB  1 
ATOM   401  C  CG  . LEU A 1 101 ? 2.217   15.501  -1.700  1.00 16.60 ? 99  LEU A CG  1 
ATOM   402  C  CD1 . LEU A 1 101 ? 3.519   15.770  -0.947  1.00 19.83 ? 99  LEU A CD1 1 
ATOM   403  C  CD2 . LEU A 1 101 ? 1.256   16.688  -1.634  1.00 17.55 ? 99  LEU A CD2 1 
ATOM   404  N  N   . ARG A 1 102 ? 2.197   13.522  -5.983  1.00 15.89 ? 100 ARG A N   1 
ATOM   405  C  CA  . ARG A 1 102 ? 2.464   13.450  -7.417  1.00 18.41 ? 100 ARG A CA  1 
ATOM   406  C  C   . ARG A 1 102 ? 1.321   12.873  -8.243  1.00 16.98 ? 100 ARG A C   1 
ATOM   407  O  O   . ARG A 1 102 ? 0.985   13.398  -9.282  1.00 18.45 ? 100 ARG A O   1 
ATOM   408  C  CB  . ARG A 1 102 ? 3.683   12.574  -7.709  1.00 20.52 ? 100 ARG A CB  1 
ATOM   409  C  CG  . ARG A 1 102 ? 5.015   13.269  -7.827  1.00 27.76 ? 100 ARG A CG  1 
ATOM   410  C  CD  . ARG A 1 102 ? 5.897   12.438  -8.762  1.00 33.15 ? 100 ARG A CD  1 
ATOM   411  N  NE  . ARG A 1 102 ? 7.237   12.202  -8.233  1.00 37.51 ? 100 ARG A NE  1 
ATOM   412  C  CZ  . ARG A 1 102 ? 8.118   11.357  -8.765  1.00 39.65 ? 100 ARG A CZ  1 
ATOM   413  N  NH1 . ARG A 1 102 ? 7.811   10.654  -9.854  1.00 37.85 ? 100 ARG A NH1 1 
ATOM   414  N  NH2 . ARG A 1 102 ? 9.306   11.202  -8.197  1.00 41.64 ? 100 ARG A NH2 1 
ATOM   415  N  N   . TYR A 1 103 ? 0.718   11.791  -7.766  1.00 17.03 ? 101 TYR A N   1 
ATOM   416  C  CA  . TYR A 1 103 ? -0.310  11.114  -8.555  1.00 16.67 ? 101 TYR A CA  1 
ATOM   417  C  C   . TYR A 1 103 ? -1.737  10.997  -8.022  1.00 17.85 ? 101 TYR A C   1 
ATOM   418  O  O   . TYR A 1 103 ? -2.576  10.366  -8.662  1.00 16.67 ? 101 TYR A O   1 
ATOM   419  C  CB  . TYR A 1 103 ? 0.188   9.702   -8.879  1.00 15.34 ? 101 TYR A CB  1 
ATOM   420  C  CG  . TYR A 1 103 ? 1.595   9.641   -9.427  1.00 14.77 ? 101 TYR A CG  1 
ATOM   421  C  CD1 . TYR A 1 103 ? 1.900   10.189  -10.669 1.00 14.95 ? 101 TYR A CD1 1 
ATOM   422  C  CD2 . TYR A 1 103 ? 2.621   9.017   -8.708  1.00 15.88 ? 101 TYR A CD2 1 
ATOM   423  C  CE1 . TYR A 1 103 ? 3.187   10.118  -11.188 1.00 16.49 ? 101 TYR A CE1 1 
ATOM   424  C  CE2 . TYR A 1 103 ? 3.915   8.941   -9.221  1.00 16.16 ? 101 TYR A CE2 1 
ATOM   425  C  CZ  . TYR A 1 103 ? 4.187   9.496   -10.467 1.00 16.00 ? 101 TYR A CZ  1 
ATOM   426  O  OH  . TYR A 1 103 ? 5.450   9.427   -11.006 1.00 16.67 ? 101 TYR A OH  1 
ATOM   427  N  N   . ARG A 1 104 ? -2.011  11.589  -6.865  1.00 18.63 ? 102 ARG A N   1 
ATOM   428  C  CA  . ARG A 1 104 ? -3.338  11.502  -6.259  1.00 20.96 ? 102 ARG A CA  1 
ATOM   429  C  C   . ARG A 1 104 ? -4.491  11.734  -7.238  1.00 21.63 ? 102 ARG A C   1 
ATOM   430  O  O   . ARG A 1 104 ? -5.426  10.945  -7.313  1.00 21.57 ? 102 ARG A O   1 
ATOM   431  C  CB  . ARG A 1 104 ? -3.441  12.486  -5.097  1.00 21.04 ? 102 ARG A CB  1 
ATOM   432  N  N   . ARG A 1 105 ? -4.410  12.824  -7.991  1.00 21.93 ? 103 ARG A N   1 
ATOM   433  C  CA  . ARG A 1 105 ? -5.464  13.165  -8.939  1.00 24.81 ? 103 ARG A CA  1 
ATOM   434  C  C   . ARG A 1 105 ? -5.793  12.058  -9.939  1.00 23.38 ? 103 ARG A C   1 
ATOM   435  O  O   . ARG A 1 105 ? -6.951  11.787  -10.206 1.00 22.73 ? 103 ARG A O   1 
ATOM   436  C  CB  . ARG A 1 105 ? -5.103  14.451  -9.686  1.00 27.35 ? 103 ARG A CB  1 
ATOM   437  C  CG  . ARG A 1 105 ? -5.115  15.698  -8.805  1.00 32.49 ? 103 ARG A CG  1 
ATOM   438  C  CD  . ARG A 1 105 ? -4.777  16.949  -9.604  1.00 36.44 ? 103 ARG A CD  1 
ATOM   439  N  NE  . ARG A 1 105 ? -3.414  16.919  -10.127 1.00 38.44 ? 103 ARG A NE  1 
ATOM   440  C  CZ  . ARG A 1 105 ? -2.961  17.728  -11.080 1.00 40.91 ? 103 ARG A CZ  1 
ATOM   441  N  NH1 . ARG A 1 105 ? -3.764  18.632  -11.624 1.00 40.66 ? 103 ARG A NH1 1 
ATOM   442  N  NH2 . ARG A 1 105 ? -1.700  17.639  -11.488 1.00 42.10 ? 103 ARG A NH2 1 
ATOM   443  N  N   . ALA A 1 106 ? -4.769  11.419  -10.486 1.00 21.78 ? 104 ALA A N   1 
ATOM   444  C  CA  . ALA A 1 106 ? -4.998  10.352  -11.449 1.00 21.75 ? 104 ALA A CA  1 
ATOM   445  C  C   . ALA A 1 106 ? -5.588  9.104   -10.796 1.00 21.59 ? 104 ALA A C   1 
ATOM   446  O  O   . ALA A 1 106 ? -6.172  8.270   -11.464 1.00 22.06 ? 104 ALA A O   1 
ATOM   447  C  CB  . ALA A 1 106 ? -3.702  10.010  -12.154 1.00 21.62 ? 104 ALA A CB  1 
ATOM   448  N  N   . PHE A 1 107 ? -5.428  8.993   -9.481  1.00 20.88 ? 105 PHE A N   1 
ATOM   449  C  CA  . PHE A 1 107 ? -5.944  7.851   -8.726  1.00 21.39 ? 105 PHE A CA  1 
ATOM   450  C  C   . PHE A 1 107 ? -7.054  8.322   -7.784  1.00 23.73 ? 105 PHE A C   1 
ATOM   451  O  O   . PHE A 1 107 ? -7.253  7.747   -6.718  1.00 24.43 ? 105 PHE A O   1 
ATOM   452  C  CB  . PHE A 1 107 ? -4.831  7.220   -7.875  1.00 18.15 ? 105 PHE A CB  1 
ATOM   453  C  CG  . PHE A 1 107 ? -3.730  6.563   -8.672  1.00 16.70 ? 105 PHE A CG  1 
ATOM   454  C  CD1 . PHE A 1 107 ? -3.989  5.437   -9.452  1.00 15.90 ? 105 PHE A CD1 1 
ATOM   455  C  CD2 . PHE A 1 107 ? -2.417  7.028   -8.581  1.00 14.85 ? 105 PHE A CD2 1 
ATOM   456  C  CE1 . PHE A 1 107 ? -2.954  4.778   -10.129 1.00 15.75 ? 105 PHE A CE1 1 
ATOM   457  C  CE2 . PHE A 1 107 ? -1.375  6.379   -9.253  1.00 15.62 ? 105 PHE A CE2 1 
ATOM   458  C  CZ  . PHE A 1 107 ? -1.644  5.251   -10.025 1.00 15.81 ? 105 PHE A CZ  1 
ATOM   459  N  N   . SER A 1 108 ? -7.781  9.359   -8.181  1.00 22.80 ? 106 SER A N   1 
ATOM   460  C  CA  . SER A 1 108 ? -8.819  9.925   -7.319  1.00 24.04 ? 106 SER A CA  1 
ATOM   461  C  C   . SER A 1 108 ? -10.096 9.117   -7.101  1.00 24.16 ? 106 SER A C   1 
ATOM   462  O  O   . SER A 1 108 ? -10.774 9.319   -6.104  1.00 24.75 ? 106 SER A O   1 
ATOM   463  C  CB  . SER A 1 108 ? -9.203  11.319  -7.821  1.00 22.86 ? 106 SER A CB  1 
ATOM   464  O  OG  . SER A 1 108 ? -9.758  11.240  -9.121  1.00 24.16 ? 106 SER A OG  1 
ATOM   465  N  N   . ASP A 1 109 ? -10.426 8.210   -8.016  1.00 23.62 ? 107 ASP A N   1 
ATOM   466  C  CA  . ASP A 1 109 ? -11.658 7.437   -7.862  1.00 22.86 ? 107 ASP A CA  1 
ATOM   467  C  C   . ASP A 1 109 ? -11.447 5.956   -8.136  1.00 21.87 ? 107 ASP A C   1 
ATOM   468  O  O   . ASP A 1 109 ? -11.985 5.410   -9.086  1.00 21.97 ? 107 ASP A O   1 
ATOM   469  C  CB  . ASP A 1 109 ? -12.733 7.972   -8.806  1.00 24.59 ? 107 ASP A CB  1 
ATOM   470  C  CG  . ASP A 1 109 ? -14.133 7.552   -8.394  1.00 26.74 ? 107 ASP A CG  1 
ATOM   471  O  OD1 . ASP A 1 109 ? -14.276 6.533   -7.682  1.00 25.43 ? 107 ASP A OD1 1 
ATOM   472  O  OD2 . ASP A 1 109 ? -15.092 8.241   -8.793  1.00 28.72 ? 107 ASP A OD2 1 
ATOM   473  N  N   . LEU A 1 110 ? -10.662 5.317   -7.277  1.00 20.38 ? 108 LEU A N   1 
ATOM   474  C  CA  . LEU A 1 110 ? -10.350 3.906   -7.412  1.00 20.25 ? 108 LEU A CA  1 
ATOM   475  C  C   . LEU A 1 110 ? -11.564 2.980   -7.379  1.00 19.23 ? 108 LEU A C   1 
ATOM   476  O  O   . LEU A 1 110 ? -11.695 2.098   -8.214  1.00 19.62 ? 108 LEU A O   1 
ATOM   477  C  CB  . LEU A 1 110 ? -9.365  3.496   -6.316  1.00 21.43 ? 108 LEU A CB  1 
ATOM   478  C  CG  . LEU A 1 110 ? -7.861  3.614   -6.580  1.00 22.12 ? 108 LEU A CG  1 
ATOM   479  C  CD1 . LEU A 1 110 ? -7.523  4.811   -7.459  1.00 23.80 ? 108 LEU A CD1 1 
ATOM   480  C  CD2 . LEU A 1 110 ? -7.158  3.676   -5.227  1.00 23.55 ? 108 LEU A CD2 1 
ATOM   481  N  N   . THR A 1 111 ? -12.452 3.186   -6.415  1.00 18.79 ? 109 THR A N   1 
ATOM   482  C  CA  . THR A 1 111 ? -13.627 2.334   -6.287  1.00 18.38 ? 109 THR A CA  1 
ATOM   483  C  C   . THR A 1 111 ? -14.534 2.343   -7.512  1.00 17.43 ? 109 THR A C   1 
ATOM   484  O  O   . THR A 1 111 ? -15.164 1.350   -7.821  1.00 18.67 ? 109 THR A O   1 
ATOM   485  C  CB  . THR A 1 111 ? -14.457 2.709   -5.050  1.00 17.70 ? 109 THR A CB  1 
ATOM   486  O  OG1 . THR A 1 111 ? -14.874 4.074   -5.139  1.00 20.86 ? 109 THR A OG1 1 
ATOM   487  C  CG2 . THR A 1 111 ? -13.640 2.504   -3.789  1.00 16.56 ? 109 THR A CG2 1 
ATOM   488  N  N   . SER A 1 112 ? -14.600 3.466   -8.214  1.00 18.17 ? 110 SER A N   1 
ATOM   489  C  CA  . SER A 1 112 ? -15.436 3.538   -9.412  1.00 18.65 ? 110 SER A CA  1 
ATOM   490  C  C   . SER A 1 112 ? -14.691 2.919   -10.579 1.00 18.40 ? 110 SER A C   1 
ATOM   491  O  O   . SER A 1 112 ? -15.262 2.181   -11.368 1.00 19.25 ? 110 SER A O   1 
ATOM   492  C  CB  . SER A 1 112 ? -15.777 4.987   -9.751  1.00 20.74 ? 110 SER A CB  1 
ATOM   493  O  OG  . SER A 1 112 ? -16.499 5.584   -8.682  1.00 25.35 ? 110 SER A OG  1 
ATOM   494  N  N   . GLN A 1 113 ? -13.400 3.222   -10.670 1.00 16.79 ? 111 GLN A N   1 
ATOM   495  C  CA  . GLN A 1 113 ? -12.579 2.698   -11.748 1.00 17.13 ? 111 GLN A CA  1 
ATOM   496  C  C   . GLN A 1 113 ? -12.521 1.175   -11.689 1.00 16.71 ? 111 GLN A C   1 
ATOM   497  O  O   . GLN A 1 113 ? -12.506 0.515   -12.716 1.00 16.65 ? 111 GLN A O   1 
ATOM   498  C  CB  . GLN A 1 113 ? -11.166 3.305   -11.682 1.00 18.46 ? 111 GLN A CB  1 
ATOM   499  C  CG  . GLN A 1 113 ? -10.211 2.794   -12.760 1.00 18.79 ? 111 GLN A CG  1 
ATOM   500  C  CD  . GLN A 1 113 ? -9.020  3.719   -12.986 1.00 21.56 ? 111 GLN A CD  1 
ATOM   501  O  OE1 . GLN A 1 113 ? -8.778  4.641   -12.215 1.00 21.05 ? 111 GLN A OE1 1 
ATOM   502  N  NE2 . GLN A 1 113 ? -8.270  3.463   -14.055 1.00 17.51 ? 111 GLN A NE2 1 
ATOM   503  N  N   . LEU A 1 114 ? -12.510 0.631   -10.474 1.00 16.15 ? 112 LEU A N   1 
ATOM   504  C  CA  . LEU A 1 114 ? -12.466 -0.815  -10.276 1.00 15.91 ? 112 LEU A CA  1 
ATOM   505  C  C   . LEU A 1 114 ? -13.830 -1.422  -9.930  1.00 16.65 ? 112 LEU A C   1 
ATOM   506  O  O   . LEU A 1 114 ? -13.939 -2.625  -9.762  1.00 15.74 ? 112 LEU A O   1 
ATOM   507  C  CB  . LEU A 1 114 ? -11.475 -1.169  -9.168  1.00 13.57 ? 112 LEU A CB  1 
ATOM   508  C  CG  . LEU A 1 114 ? -9.991  -0.911  -9.438  1.00 14.28 ? 112 LEU A CG  1 
ATOM   509  C  CD1 . LEU A 1 114 ? -9.192  -1.219  -8.189  1.00 12.87 ? 112 LEU A CD1 1 
ATOM   510  C  CD2 . LEU A 1 114 ? -9.518  -1.771  -10.593 1.00 13.38 ? 112 LEU A CD2 1 
ATOM   511  N  N   . HIS A 1 115 ? -14.860 -0.584  -9.816  1.00 17.10 ? 113 HIS A N   1 
ATOM   512  C  CA  . HIS A 1 115 ? -16.204 -1.062  -9.485  1.00 18.81 ? 113 HIS A CA  1 
ATOM   513  C  C   . HIS A 1 115 ? -16.166 -1.860  -8.182  1.00 18.35 ? 113 HIS A C   1 
ATOM   514  O  O   . HIS A 1 115 ? -16.722 -2.936  -8.080  1.00 16.04 ? 113 HIS A O   1 
ATOM   515  C  CB  . HIS A 1 115 ? -16.736 -1.935  -10.625 1.00 22.17 ? 113 HIS A CB  1 
ATOM   516  C  CG  . HIS A 1 115 ? -16.767 -1.237  -11.949 1.00 24.59 ? 113 HIS A CG  1 
ATOM   517  N  ND1 . HIS A 1 115 ? -17.731 -0.307  -12.276 1.00 27.77 ? 113 HIS A ND1 1 
ATOM   518  C  CD2 . HIS A 1 115 ? -15.928 -1.296  -13.010 1.00 26.74 ? 113 HIS A CD2 1 
ATOM   519  C  CE1 . HIS A 1 115 ? -17.483 0.175   -13.480 1.00 27.96 ? 113 HIS A CE1 1 
ATOM   520  N  NE2 . HIS A 1 115 ? -16.394 -0.407  -13.947 1.00 29.21 ? 113 HIS A NE2 1 
ATOM   521  N  N   . ILE A 1 116 ? -15.497 -1.301  -7.183  1.00 18.22 ? 114 ILE A N   1 
ATOM   522  C  CA  . ILE A 1 116 ? -15.360 -1.960  -5.896  1.00 19.21 ? 114 ILE A CA  1 
ATOM   523  C  C   . ILE A 1 116 ? -16.663 -2.092  -5.119  1.00 20.00 ? 114 ILE A C   1 
ATOM   524  O  O   . ILE A 1 116 ? -17.447 -1.158  -5.029  1.00 17.87 ? 114 ILE A O   1 
ATOM   525  C  CB  . ILE A 1 116 ? -14.337 -1.222  -4.995  1.00 19.22 ? 114 ILE A CB  1 
ATOM   526  C  CG1 . ILE A 1 116 ? -12.949 -1.244  -5.650  1.00 18.85 ? 114 ILE A CG1 1 
ATOM   527  C  CG2 . ILE A 1 116 ? -14.294 -1.868  -3.609  1.00 17.98 ? 114 ILE A CG2 1 
ATOM   528  C  CD1 . ILE A 1 116 ? -12.334 -2.633  -5.775  1.00 18.35 ? 114 ILE A CD1 1 
ATOM   529  N  N   . THR A 1 117 ? -16.872 -3.288  -4.579  1.00 20.24 ? 115 THR A N   1 
ATOM   530  C  CA  . THR A 1 117 ? -18.024 -3.604  -3.744  1.00 20.21 ? 115 THR A CA  1 
ATOM   531  C  C   . THR A 1 117 ? -17.490 -4.642  -2.769  1.00 19.48 ? 115 THR A C   1 
ATOM   532  O  O   . THR A 1 117 ? -16.510 -5.318  -3.055  1.00 19.56 ? 115 THR A O   1 
ATOM   533  C  CB  . THR A 1 117 ? -19.188 -4.229  -4.530  1.00 20.08 ? 115 THR A CB  1 
ATOM   534  O  OG1 . THR A 1 117 ? -18.826 -5.546  -4.958  1.00 21.39 ? 115 THR A OG1 1 
ATOM   535  C  CG2 . THR A 1 117 ? -19.530 -3.378  -5.738  1.00 21.67 ? 115 THR A CG2 1 
ATOM   536  N  N   . PRO A 1 118 ? -18.119 -4.780  -1.598  1.00 18.98 ? 116 PRO A N   1 
ATOM   537  C  CA  . PRO A 1 118 ? -17.618 -5.772  -0.643  1.00 19.02 ? 116 PRO A CA  1 
ATOM   538  C  C   . PRO A 1 118 ? -17.439 -7.156  -1.270  1.00 19.04 ? 116 PRO A C   1 
ATOM   539  O  O   . PRO A 1 118 ? -16.541 -7.890  -0.906  1.00 19.03 ? 116 PRO A O   1 
ATOM   540  C  CB  . PRO A 1 118 ? -18.681 -5.758  0.453   1.00 19.12 ? 116 PRO A CB  1 
ATOM   541  C  CG  . PRO A 1 118 ? -19.142 -4.332  0.433   1.00 19.10 ? 116 PRO A CG  1 
ATOM   542  C  CD  . PRO A 1 118 ? -19.261 -4.035  -1.039  1.00 17.54 ? 116 PRO A CD  1 
ATOM   543  N  N   . GLY A 1 119 ? -18.297 -7.481  -2.233  1.00 19.73 ? 117 GLY A N   1 
ATOM   544  C  CA  . GLY A 1 119 ? -18.233 -8.776  -2.880  1.00 19.51 ? 117 GLY A CA  1 
ATOM   545  C  C   . GLY A 1 119 ? -17.221 -8.941  -4.001  1.00 19.69 ? 117 GLY A C   1 
ATOM   546  O  O   . GLY A 1 119 ? -17.015 -10.053 -4.471  1.00 19.43 ? 117 GLY A O   1 
ATOM   547  N  N   . THR A 1 120 ? -16.586 -7.853  -4.432  1.00 17.53 ? 118 THR A N   1 
ATOM   548  C  CA  . THR A 1 120 ? -15.610 -7.947  -5.516  1.00 14.70 ? 118 THR A CA  1 
ATOM   549  C  C   . THR A 1 120 ? -14.222 -7.445  -5.127  1.00 13.59 ? 118 THR A C   1 
ATOM   550  O  O   . THR A 1 120 ? -13.264 -7.615  -5.878  1.00 11.88 ? 118 THR A O   1 
ATOM   551  C  CB  . THR A 1 120 ? -16.062 -7.159  -6.765  1.00 15.67 ? 118 THR A CB  1 
ATOM   552  O  OG1 . THR A 1 120 ? -16.178 -5.768  -6.444  1.00 14.46 ? 118 THR A OG1 1 
ATOM   553  C  CG2 . THR A 1 120 ? -17.404 -7.672  -7.268  1.00 16.24 ? 118 THR A CG2 1 
ATOM   554  N  N   . ALA A 1 121 ? -14.117 -6.840  -3.946  1.00 12.77 ? 119 ALA A N   1 
ATOM   555  C  CA  . ALA A 1 121 ? -12.848 -6.291  -3.467  1.00 13.57 ? 119 ALA A CA  1 
ATOM   556  C  C   . ALA A 1 121 ? -11.716 -7.315  -3.364  1.00 12.21 ? 119 ALA A C   1 
ATOM   557  O  O   . ALA A 1 121 ? -10.593 -7.053  -3.766  1.00 11.09 ? 119 ALA A O   1 
ATOM   558  C  CB  . ALA A 1 121 ? -13.063 -5.612  -2.107  1.00 11.83 ? 119 ALA A CB  1 
ATOM   559  N  N   . TYR A 1 122 ? -12.031 -8.478  -2.809  1.00 12.10 ? 120 TYR A N   1 
ATOM   560  C  CA  . TYR A 1 122 ? -11.051 -9.543  -2.619  1.00 12.02 ? 120 TYR A CA  1 
ATOM   561  C  C   . TYR A 1 122 ? -10.272 -9.902  -3.891  1.00 11.76 ? 120 TYR A C   1 
ATOM   562  O  O   . TYR A 1 122 ? -9.050  -9.824  -3.929  1.00 10.56 ? 120 TYR A O   1 
ATOM   563  C  CB  . TYR A 1 122 ? -11.760 -10.787 -2.072  1.00 10.92 ? 120 TYR A CB  1 
ATOM   564  C  CG  . TYR A 1 122 ? -10.849 -11.918 -1.677  1.00 12.30 ? 120 TYR A CG  1 
ATOM   565  C  CD1 . TYR A 1 122 ? -10.774 -13.080 -2.446  1.00 11.93 ? 120 TYR A CD1 1 
ATOM   566  C  CD2 . TYR A 1 122 ? -10.071 -11.838 -0.518  1.00 12.40 ? 120 TYR A CD2 1 
ATOM   567  C  CE1 . TYR A 1 122 ? -9.948  -14.142 -2.063  1.00 12.69 ? 120 TYR A CE1 1 
ATOM   568  C  CE2 . TYR A 1 122 ? -9.247  -12.887 -0.132  1.00 12.71 ? 120 TYR A CE2 1 
ATOM   569  C  CZ  . TYR A 1 122 ? -9.193  -14.039 -0.907  1.00 14.12 ? 120 TYR A CZ  1 
ATOM   570  O  OH  . TYR A 1 122 ? -8.410  -15.098 -0.499  1.00 13.24 ? 120 TYR A OH  1 
ATOM   571  N  N   . GLN A 1 123 ? -10.997 -10.291 -4.933  1.00 12.25 ? 121 GLN A N   1 
ATOM   572  C  CA  . GLN A 1 123 ? -10.370 -10.672 -6.188  1.00 13.85 ? 121 GLN A CA  1 
ATOM   573  C  C   . GLN A 1 123 ? -9.725  -9.500  -6.922  1.00 13.61 ? 121 GLN A C   1 
ATOM   574  O  O   . GLN A 1 123 ? -8.638  -9.634  -7.473  1.00 12.55 ? 121 GLN A O   1 
ATOM   575  C  CB  . GLN A 1 123 ? -11.393 -11.338 -7.105  1.00 15.96 ? 121 GLN A CB  1 
ATOM   576  C  CG  . GLN A 1 123 ? -10.792 -11.908 -8.363  1.00 22.34 ? 121 GLN A CG  1 
ATOM   577  C  CD  . GLN A 1 123 ? -11.835 -12.506 -9.275  1.00 28.99 ? 121 GLN A CD  1 
ATOM   578  O  OE1 . GLN A 1 123 ? -12.695 -11.804 -9.799  1.00 34.03 ? 121 GLN A OE1 1 
ATOM   579  N  NE2 . GLN A 1 123 ? -11.767 -13.818 -9.465  1.00 32.59 ? 121 GLN A NE2 1 
ATOM   580  N  N   . SER A 1 124 ? -10.403 -8.356  -6.937  1.00 12.37 ? 122 SER A N   1 
ATOM   581  C  CA  . SER A 1 124 ? -9.872  -7.180  -7.618  1.00 12.68 ? 122 SER A CA  1 
ATOM   582  C  C   . SER A 1 124 ? -8.529  -6.747  -7.040  1.00 12.07 ? 122 SER A C   1 
ATOM   583  O  O   . SER A 1 124 ? -7.589  -6.484  -7.774  1.00 12.78 ? 122 SER A O   1 
ATOM   584  C  CB  . SER A 1 124 ? -10.860 -6.015  -7.535  1.00 12.20 ? 122 SER A CB  1 
ATOM   585  O  OG  . SER A 1 124 ? -12.019 -6.287  -8.301  1.00 13.44 ? 122 SER A OG  1 
ATOM   586  N  N   . PHE A 1 125 ? -8.446  -6.673  -5.718  1.00 11.07 ? 123 PHE A N   1 
ATOM   587  C  CA  . PHE A 1 125 ? -7.202  -6.266  -5.070  1.00 11.68 ? 123 PHE A CA  1 
ATOM   588  C  C   . PHE A 1 125 ? -6.044  -7.186  -5.457  1.00 11.30 ? 123 PHE A C   1 
ATOM   589  O  O   . PHE A 1 125 ? -4.974  -6.730  -5.803  1.00 11.71 ? 123 PHE A O   1 
ATOM   590  C  CB  . PHE A 1 125 ? -7.356  -6.287  -3.547  1.00 11.09 ? 123 PHE A CB  1 
ATOM   591  C  CG  . PHE A 1 125 ? -6.097  -5.936  -2.818  1.00 11.04 ? 123 PHE A CG  1 
ATOM   592  C  CD1 . PHE A 1 125 ? -5.789  -4.608  -2.541  1.00 11.43 ? 123 PHE A CD1 1 
ATOM   593  C  CD2 . PHE A 1 125 ? -5.181  -6.928  -2.471  1.00 10.64 ? 123 PHE A CD2 1 
ATOM   594  C  CE1 . PHE A 1 125 ? -4.588  -4.267  -1.937  1.00 12.21 ? 123 PHE A CE1 1 
ATOM   595  C  CE2 . PHE A 1 125 ? -3.974  -6.599  -1.864  1.00 11.53 ? 123 PHE A CE2 1 
ATOM   596  C  CZ  . PHE A 1 125 ? -3.675  -5.266  -1.596  1.00 12.00 ? 123 PHE A CZ  1 
ATOM   597  N  N   . GLU A 1 126 ? -6.287  -8.489  -5.388  1.00 13.44 ? 124 GLU A N   1 
ATOM   598  C  CA  . GLU A 1 126 ? -5.279  -9.492  -5.706  1.00 13.62 ? 124 GLU A CA  1 
ATOM   599  C  C   . GLU A 1 126 ? -4.816  -9.410  -7.165  1.00 13.37 ? 124 GLU A C   1 
ATOM   600  O  O   . GLU A 1 126 ? -3.635  -9.541  -7.450  1.00 11.35 ? 124 GLU A O   1 
ATOM   601  C  CB  . GLU A 1 126 ? -5.837  -10.887 -5.405  1.00 14.08 ? 124 GLU A CB  1 
ATOM   602  C  CG  . GLU A 1 126 ? -4.784  -11.966 -5.204  1.00 18.02 ? 124 GLU A CG  1 
ATOM   603  C  CD  . GLU A 1 126 ? -3.825  -11.660 -4.059  1.00 19.77 ? 124 GLU A CD  1 
ATOM   604  O  OE1 . GLU A 1 126 ? -4.159  -10.825 -3.186  1.00 20.71 ? 124 GLU A OE1 1 
ATOM   605  O  OE2 . GLU A 1 126 ? -2.736  -12.271 -4.025  1.00 24.10 ? 124 GLU A OE2 1 
ATOM   606  N  N   . GLN A 1 127 ? -5.760  -9.196  -8.079  1.00 12.96 ? 125 GLN A N   1 
ATOM   607  C  CA  . GLN A 1 127 ? -5.440  -9.084  -9.502  1.00 13.32 ? 125 GLN A CA  1 
ATOM   608  C  C   . GLN A 1 127 ? -4.540  -7.878  -9.763  1.00 12.03 ? 125 GLN A C   1 
ATOM   609  O  O   . GLN A 1 127 ? -3.608  -7.963  -10.530 1.00 11.60 ? 125 GLN A O   1 
ATOM   610  C  CB  . GLN A 1 127 ? -6.714  -8.930  -10.336 1.00 15.32 ? 125 GLN A CB  1 
ATOM   611  C  CG  . GLN A 1 127 ? -7.569  -10.175 -10.443 1.00 23.26 ? 125 GLN A CG  1 
ATOM   612  C  CD  . GLN A 1 127 ? -8.880  -9.905  -11.166 1.00 26.07 ? 125 GLN A CD  1 
ATOM   613  O  OE1 . GLN A 1 127 ? -8.905  -9.244  -12.197 1.00 28.70 ? 125 GLN A OE1 1 
ATOM   614  N  NE2 . GLN A 1 127 ? -9.969  -10.423 -10.622 1.00 27.74 ? 125 GLN A NE2 1 
ATOM   615  N  N   . VAL A 1 128 ? -4.843  -6.754  -9.122  1.00 11.67 ? 126 VAL A N   1 
ATOM   616  C  CA  . VAL A 1 128 ? -4.044  -5.543  -9.298  1.00 10.51 ? 126 VAL A CA  1 
ATOM   617  C  C   . VAL A 1 128 ? -2.611  -5.743  -8.812  1.00 11.41 ? 126 VAL A C   1 
ATOM   618  O  O   . VAL A 1 128 ? -1.659  -5.438  -9.519  1.00 11.38 ? 126 VAL A O   1 
ATOM   619  C  CB  . VAL A 1 128 ? -4.673  -4.344  -8.540  1.00 10.32 ? 126 VAL A CB  1 
ATOM   620  C  CG1 . VAL A 1 128 ? -3.682  -3.180  -8.458  1.00 8.64  ? 126 VAL A CG1 1 
ATOM   621  C  CG2 . VAL A 1 128 ? -5.932  -3.895  -9.256  1.00 9.30  ? 126 VAL A CG2 1 
ATOM   622  N  N   . VAL A 1 129 ? -2.471  -6.268  -7.601  1.00 11.08 ? 127 VAL A N   1 
ATOM   623  C  CA  . VAL A 1 129 ? -1.158  -6.490  -7.016  1.00 12.02 ? 127 VAL A CA  1 
ATOM   624  C  C   . VAL A 1 129 ? -0.368  -7.563  -7.764  1.00 11.71 ? 127 VAL A C   1 
ATOM   625  O  O   . VAL A 1 129 ? 0.838   -7.466  -7.890  1.00 9.99  ? 127 VAL A O   1 
ATOM   626  C  CB  . VAL A 1 129 ? -1.289  -6.855  -5.520  1.00 14.11 ? 127 VAL A CB  1 
ATOM   627  C  CG1 . VAL A 1 129 ? 0.081   -7.029  -4.894  1.00 16.62 ? 127 VAL A CG1 1 
ATOM   628  C  CG2 . VAL A 1 129 ? -2.050  -5.752  -4.798  1.00 14.40 ? 127 VAL A CG2 1 
ATOM   629  N  N   . ASN A 1 130 ? -1.049  -8.589  -8.268  1.00 12.17 ? 128 ASN A N   1 
ATOM   630  C  CA  . ASN A 1 130 ? -0.333  -9.614  -9.017  1.00 12.63 ? 128 ASN A CA  1 
ATOM   631  C  C   . ASN A 1 130 ? 0.225   -9.019  -10.314 1.00 11.05 ? 128 ASN A C   1 
ATOM   632  O  O   . ASN A 1 130 ? 1.355   -9.278  -10.677 1.00 11.82 ? 128 ASN A O   1 
ATOM   633  C  CB  . ASN A 1 130 ? -1.241  -10.815 -9.318  1.00 13.13 ? 128 ASN A CB  1 
ATOM   634  C  CG  . ASN A 1 130 ? -1.417  -11.727 -8.111  1.00 16.16 ? 128 ASN A CG  1 
ATOM   635  O  OD1 . ASN A 1 130 ? -0.545  -11.803 -7.265  1.00 15.35 ? 128 ASN A OD1 1 
ATOM   636  N  ND2 . ASN A 1 130 ? -2.546  -12.433 -8.045  1.00 12.74 ? 128 ASN A ND2 1 
ATOM   637  N  N   . GLU A 1 131 ? -0.569  -8.196  -10.993 1.00 10.04 ? 129 GLU A N   1 
ATOM   638  C  CA  . GLU A 1 131 ? -0.125  -7.580  -12.245 1.00 10.90 ? 129 GLU A CA  1 
ATOM   639  C  C   . GLU A 1 131 ? 1.011   -6.577  -11.985 1.00 10.75 ? 129 GLU A C   1 
ATOM   640  O  O   . GLU A 1 131 ? 1.984   -6.524  -12.716 1.00 10.36 ? 129 GLU A O   1 
ATOM   641  C  CB  . GLU A 1 131 ? -1.312  -6.892  -12.931 1.00 11.77 ? 129 GLU A CB  1 
ATOM   642  C  CG  . GLU A 1 131 ? -0.994  -6.186  -14.256 1.00 15.69 ? 129 GLU A CG  1 
ATOM   643  C  CD  . GLU A 1 131 ? -0.682  -7.142  -15.399 1.00 18.11 ? 129 GLU A CD  1 
ATOM   644  O  OE1 . GLU A 1 131 ? -0.473  -6.666  -16.537 1.00 16.71 ? 129 GLU A OE1 1 
ATOM   645  O  OE2 . GLU A 1 131 ? -0.644  -8.368  -15.163 1.00 19.10 ? 129 GLU A OE2 1 
ATOM   646  N  N   . LEU A 1 132 ? 0.882   -5.794  -10.922 1.00 10.41 ? 130 LEU A N   1 
ATOM   647  C  CA  . LEU A 1 132 ? 1.901   -4.808  -10.576 1.00 10.93 ? 130 LEU A CA  1 
ATOM   648  C  C   . LEU A 1 132 ? 3.299   -5.411  -10.416 1.00 10.82 ? 130 LEU A C   1 
ATOM   649  O  O   . LEU A 1 132 ? 4.282   -4.826  -10.841 1.00 9.80  ? 130 LEU A O   1 
ATOM   650  C  CB  . LEU A 1 132 ? 1.504   -4.085  -9.282  1.00 11.86 ? 130 LEU A CB  1 
ATOM   651  C  CG  . LEU A 1 132 ? 2.546   -3.200  -8.582  1.00 11.53 ? 130 LEU A CG  1 
ATOM   652  C  CD1 . LEU A 1 132 ? 2.993   -2.074  -9.491  1.00 8.09  ? 130 LEU A CD1 1 
ATOM   653  C  CD2 . LEU A 1 132 ? 1.943   -2.636  -7.301  1.00 10.32 ? 130 LEU A CD2 1 
ATOM   654  N  N   . PHE A 1 133 ? 3.377   -6.593  -9.816  1.00 9.96  ? 131 PHE A N   1 
ATOM   655  C  CA  . PHE A 1 133 ? 4.668   -7.233  -9.588  1.00 11.89 ? 131 PHE A CA  1 
ATOM   656  C  C   . PHE A 1 133 ? 4.892   -8.480  -10.447 1.00 12.34 ? 131 PHE A C   1 
ATOM   657  O  O   . PHE A 1 133 ? 5.778   -9.275  -10.157 1.00 11.56 ? 131 PHE A O   1 
ATOM   658  C  CB  . PHE A 1 133 ? 4.803   -7.607  -8.103  1.00 11.07 ? 131 PHE A CB  1 
ATOM   659  C  CG  . PHE A 1 133 ? 4.789   -6.420  -7.164  1.00 11.33 ? 131 PHE A CG  1 
ATOM   660  C  CD1 . PHE A 1 133 ? 5.883   -5.563  -7.079  1.00 9.75  ? 131 PHE A CD1 1 
ATOM   661  C  CD2 . PHE A 1 133 ? 3.679   -6.174  -6.352  1.00 10.02 ? 131 PHE A CD2 1 
ATOM   662  C  CE1 . PHE A 1 133 ? 5.878   -4.474  -6.194  1.00 10.49 ? 131 PHE A CE1 1 
ATOM   663  C  CE2 . PHE A 1 133 ? 3.660   -5.093  -5.467  1.00 11.06 ? 131 PHE A CE2 1 
ATOM   664  C  CZ  . PHE A 1 133 ? 4.766   -4.238  -5.387  1.00 8.82  ? 131 PHE A CZ  1 
ATOM   665  N  N   . ARG A 1 134 ? 4.111   -8.644  -11.513 1.00 14.68 ? 132 ARG A N   1 
ATOM   666  C  CA  . ARG A 1 134 ? 4.239   -9.838  -12.347 1.00 15.86 ? 132 ARG A CA  1 
ATOM   667  C  C   . ARG A 1 134 ? 5.616   -10.130 -12.927 1.00 16.24 ? 132 ARG A C   1 
ATOM   668  O  O   . ARG A 1 134 ? 5.961   -11.282 -13.089 1.00 15.40 ? 132 ARG A O   1 
ATOM   669  C  CB  . ARG A 1 134 ? 3.209   -9.820  -13.486 1.00 19.60 ? 132 ARG A CB  1 
ATOM   670  C  CG  . ARG A 1 134 ? 3.240   -8.590  -14.364 1.00 25.93 ? 132 ARG A CG  1 
ATOM   671  C  CD  . ARG A 1 134 ? 2.255   -8.739  -15.527 1.00 31.44 ? 132 ARG A CD  1 
ATOM   672  N  NE  . ARG A 1 134 ? 2.697   -9.730  -16.499 1.00 33.75 ? 132 ARG A NE  1 
ATOM   673  C  CZ  . ARG A 1 134 ? 3.583   -9.480  -17.451 1.00 34.38 ? 132 ARG A CZ  1 
ATOM   674  N  NH1 . ARG A 1 134 ? 3.946   -10.430 -18.298 1.00 36.94 ? 132 ARG A NH1 1 
ATOM   675  N  NH2 . ARG A 1 134 ? 4.100   -8.274  -17.560 1.00 35.16 ? 132 ARG A NH2 1 
ATOM   676  N  N   . ASP A 1 135 ? 6.397   -9.096  -13.230 1.00 16.60 ? 133 ASP A N   1 
ATOM   677  C  CA  . ASP A 1 135 ? 7.719   -9.303  -13.820 1.00 18.00 ? 133 ASP A CA  1 
ATOM   678  C  C   . ASP A 1 135 ? 8.886   -8.832  -12.954 1.00 18.60 ? 133 ASP A C   1 
ATOM   679  O  O   . ASP A 1 135 ? 10.023  -8.786  -13.411 1.00 18.80 ? 133 ASP A O   1 
ATOM   680  C  CB  . ASP A 1 135 ? 7.800   -8.615  -15.192 1.00 17.76 ? 133 ASP A CB  1 
ATOM   681  C  CG  . ASP A 1 135 ? 7.759   -7.103  -15.087 1.00 16.08 ? 133 ASP A CG  1 
ATOM   682  O  OD1 . ASP A 1 135 ? 7.383   -6.590  -14.011 1.00 16.23 ? 133 ASP A OD1 1 
ATOM   683  O  OD2 . ASP A 1 135 ? 8.091   -6.423  -16.075 1.00 15.27 ? 133 ASP A OD2 1 
ATOM   684  N  N   . GLY A 1 136 ? 8.609   -8.487  -11.702 1.00 17.75 ? 134 GLY A N   1 
ATOM   685  C  CA  . GLY A 1 136 ? 9.689   -8.035  -10.846 1.00 17.74 ? 134 GLY A CA  1 
ATOM   686  C  C   . GLY A 1 136 ? 9.277   -7.017  -9.806  1.00 16.43 ? 134 GLY A C   1 
ATOM   687  O  O   . GLY A 1 136 ? 8.142   -6.584  -9.769  1.00 13.94 ? 134 GLY A O   1 
ATOM   688  N  N   . VAL A 1 137 ? 10.237  -6.620  -8.977  1.00 15.97 ? 135 VAL A N   1 
ATOM   689  C  CA  . VAL A 1 137 ? 9.993   -5.668  -7.902  1.00 14.87 ? 135 VAL A CA  1 
ATOM   690  C  C   . VAL A 1 137 ? 11.082  -4.605  -7.803  1.00 14.22 ? 135 VAL A C   1 
ATOM   691  O  O   . VAL A 1 137 ? 12.222  -4.843  -8.154  1.00 12.89 ? 135 VAL A O   1 
ATOM   692  C  CB  . VAL A 1 137 ? 9.948   -6.397  -6.532  1.00 13.31 ? 135 VAL A CB  1 
ATOM   693  C  CG1 . VAL A 1 137 ? 9.710   -5.397  -5.402  1.00 12.93 ? 135 VAL A CG1 1 
ATOM   694  C  CG2 . VAL A 1 137 ? 8.882   -7.492  -6.550  1.00 12.78 ? 135 VAL A CG2 1 
ATOM   695  N  N   . ASN A 1 138 ? 10.686  -3.422  -7.336  1.00 14.06 ? 136 ASN A N   1 
ATOM   696  C  CA  . ASN A 1 138 ? 11.597  -2.311  -7.072  1.00 12.56 ? 136 ASN A CA  1 
ATOM   697  C  C   . ASN A 1 138 ? 10.931  -1.480  -5.974  1.00 10.85 ? 136 ASN A C   1 
ATOM   698  O  O   . ASN A 1 138 ? 9.749   -1.629  -5.725  1.00 10.81 ? 136 ASN A O   1 
ATOM   699  C  CB  . ASN A 1 138 ? 11.907  -1.471  -8.331  1.00 13.65 ? 136 ASN A CB  1 
ATOM   700  C  CG  . ASN A 1 138 ? 10.695  -0.770  -8.909  1.00 14.15 ? 136 ASN A CG  1 
ATOM   701  O  OD1 . ASN A 1 138 ? 9.954   -0.112  -8.212  1.00 15.55 ? 136 ASN A OD1 1 
ATOM   702  N  ND2 . ASN A 1 138 ? 10.519  -0.896  -10.221 1.00 15.20 ? 136 ASN A ND2 1 
ATOM   703  N  N   . TRP A 1 139 ? 11.697  -0.637  -5.297  1.00 9.89  ? 137 TRP A N   1 
ATOM   704  C  CA  . TRP A 1 139 ? 11.157  0.168   -4.204  1.00 10.27 ? 137 TRP A CA  1 
ATOM   705  C  C   . TRP A 1 139 ? 9.994   1.063   -4.619  1.00 8.94  ? 137 TRP A C   1 
ATOM   706  O  O   . TRP A 1 139 ? 9.055   1.244   -3.866  1.00 9.26  ? 137 TRP A O   1 
ATOM   707  C  CB  . TRP A 1 139 ? 12.268  1.012   -3.574  1.00 9.15  ? 137 TRP A CB  1 
ATOM   708  C  CG  . TRP A 1 139 ? 13.304  0.183   -2.874  1.00 13.15 ? 137 TRP A CG  1 
ATOM   709  C  CD1 . TRP A 1 139 ? 14.619  0.043   -3.221  1.00 14.42 ? 137 TRP A CD1 1 
ATOM   710  C  CD2 . TRP A 1 139 ? 13.102  -0.641  -1.718  1.00 13.09 ? 137 TRP A CD2 1 
ATOM   711  N  NE1 . TRP A 1 139 ? 15.248  -0.817  -2.352  1.00 13.30 ? 137 TRP A NE1 1 
ATOM   712  C  CE2 . TRP A 1 139 ? 14.341  -1.250  -1.419  1.00 14.38 ? 137 TRP A CE2 1 
ATOM   713  C  CE3 . TRP A 1 139 ? 11.994  -0.924  -0.907  1.00 13.04 ? 137 TRP A CE3 1 
ATOM   714  C  CZ2 . TRP A 1 139 ? 14.504  -2.129  -0.338  1.00 15.53 ? 137 TRP A CZ2 1 
ATOM   715  C  CZ3 . TRP A 1 139 ? 12.154  -1.800  0.168   1.00 14.48 ? 137 TRP A CZ3 1 
ATOM   716  C  CH2 . TRP A 1 139 ? 13.405  -2.390  0.442   1.00 14.21 ? 137 TRP A CH2 1 
ATOM   717  N  N   . GLY A 1 140 ? 10.069  1.620   -5.823  1.00 10.05 ? 138 GLY A N   1 
ATOM   718  C  CA  . GLY A 1 140 ? 9.004   2.485   -6.300  1.00 9.28  ? 138 GLY A CA  1 
ATOM   719  C  C   . GLY A 1 140 ? 7.670   1.765   -6.385  1.00 9.77  ? 138 GLY A C   1 
ATOM   720  O  O   . GLY A 1 140 ? 6.650   2.298   -5.985  1.00 9.70  ? 138 GLY A O   1 
ATOM   721  N  N   . ARG A 1 141 ? 7.684   0.547   -6.918  1.00 9.47  ? 139 ARG A N   1 
ATOM   722  C  CA  . ARG A 1 141 ? 6.463   -0.246  -7.038  1.00 10.29 ? 139 ARG A CA  1 
ATOM   723  C  C   . ARG A 1 141 ? 5.936   -0.629  -5.656  1.00 10.09 ? 139 ARG A C   1 
ATOM   724  O  O   . ARG A 1 141 ? 4.742   -0.757  -5.453  1.00 8.36  ? 139 ARG A O   1 
ATOM   725  C  CB  . ARG A 1 141 ? 6.724   -1.505  -7.869  1.00 11.82 ? 139 ARG A CB  1 
ATOM   726  C  CG  . ARG A 1 141 ? 7.009   -1.216  -9.341  1.00 10.39 ? 139 ARG A CG  1 
ATOM   727  C  CD  . ARG A 1 141 ? 7.276   -2.483  -10.135 1.00 12.09 ? 139 ARG A CD  1 
ATOM   728  N  NE  . ARG A 1 141 ? 7.630   -2.169  -11.516 1.00 11.32 ? 139 ARG A NE  1 
ATOM   729  C  CZ  . ARG A 1 141 ? 8.037   -3.062  -12.412 1.00 14.12 ? 139 ARG A CZ  1 
ATOM   730  N  NH1 . ARG A 1 141 ? 8.145   -4.344  -12.085 1.00 11.28 ? 139 ARG A NH1 1 
ATOM   731  N  NH2 . ARG A 1 141 ? 8.350   -2.665  -13.640 1.00 13.54 ? 139 ARG A NH2 1 
ATOM   732  N  N   . ILE A 1 142 ? 6.842   -0.816  -4.706  1.00 8.98  ? 140 ILE A N   1 
ATOM   733  C  CA  . ILE A 1 142 ? 6.414   -1.149  -3.361  1.00 8.84  ? 140 ILE A CA  1 
ATOM   734  C  C   . ILE A 1 142 ? 5.697   0.065   -2.773  1.00 7.53  ? 140 ILE A C   1 
ATOM   735  O  O   . ILE A 1 142 ? 4.691   -0.071  -2.102  1.00 7.26  ? 140 ILE A O   1 
ATOM   736  C  CB  . ILE A 1 142 ? 7.607   -1.561  -2.477  1.00 7.58  ? 140 ILE A CB  1 
ATOM   737  C  CG1 . ILE A 1 142 ? 8.108   -2.941  -2.917  1.00 7.73  ? 140 ILE A CG1 1 
ATOM   738  C  CG2 . ILE A 1 142 ? 7.189   -1.604  -1.015  1.00 5.85  ? 140 ILE A CG2 1 
ATOM   739  C  CD1 . ILE A 1 142 ? 9.381   -3.397  -2.219  1.00 8.42  ? 140 ILE A CD1 1 
ATOM   740  N  N   . VAL A 1 143 ? 6.210   1.259   -3.049  1.00 8.02  ? 141 VAL A N   1 
ATOM   741  C  CA  . VAL A 1 143 ? 5.567   2.467   -2.540  1.00 9.89  ? 141 VAL A CA  1 
ATOM   742  C  C   . VAL A 1 143 ? 4.191   2.634   -3.195  1.00 8.20  ? 141 VAL A C   1 
ATOM   743  O  O   . VAL A 1 143 ? 3.234   3.025   -2.546  1.00 9.10  ? 141 VAL A O   1 
ATOM   744  C  CB  . VAL A 1 143 ? 6.427   3.725   -2.815  1.00 9.34  ? 141 VAL A CB  1 
ATOM   745  C  CG1 . VAL A 1 143 ? 5.655   4.976   -2.430  1.00 11.75 ? 141 VAL A CG1 1 
ATOM   746  C  CG2 . VAL A 1 143 ? 7.714   3.657   -2.006  1.00 8.52  ? 141 VAL A CG2 1 
ATOM   747  N  N   . ALA A 1 144 ? 4.105   2.329   -4.487  1.00 8.59  ? 142 ALA A N   1 
ATOM   748  C  CA  . ALA A 1 144 ? 2.840   2.441   -5.207  1.00 9.75  ? 142 ALA A CA  1 
ATOM   749  C  C   . ALA A 1 144 ? 1.832   1.467   -4.596  1.00 9.75  ? 142 ALA A C   1 
ATOM   750  O  O   . ALA A 1 144 ? 0.666   1.784   -4.428  1.00 11.49 ? 142 ALA A O   1 
ATOM   751  C  CB  . ALA A 1 144 ? 3.050   2.129   -6.677  1.00 9.74  ? 142 ALA A CB  1 
ATOM   752  N  N   . PHE A 1 145 ? 2.322   0.276   -4.265  1.00 10.41 ? 143 PHE A N   1 
ATOM   753  C  CA  . PHE A 1 145 ? 1.527   -0.782  -3.648  1.00 9.16  ? 143 PHE A CA  1 
ATOM   754  C  C   . PHE A 1 145 ? 0.904   -0.261  -2.348  1.00 8.11  ? 143 PHE A C   1 
ATOM   755  O  O   . PHE A 1 145 ? -0.289  -0.390  -2.135  1.00 7.89  ? 143 PHE A O   1 
ATOM   756  C  CB  . PHE A 1 145 ? 2.439   -1.991  -3.380  1.00 8.94  ? 143 PHE A CB  1 
ATOM   757  C  CG  . PHE A 1 145 ? 1.878   -2.991  -2.398  1.00 10.66 ? 143 PHE A CG  1 
ATOM   758  C  CD1 . PHE A 1 145 ? 0.932   -3.933  -2.798  1.00 10.31 ? 143 PHE A CD1 1 
ATOM   759  C  CD2 . PHE A 1 145 ? 2.320   -3.003  -1.083  1.00 9.65  ? 143 PHE A CD2 1 
ATOM   760  C  CE1 . PHE A 1 145 ? 0.439   -4.876  -1.898  1.00 11.65 ? 143 PHE A CE1 1 
ATOM   761  C  CE2 . PHE A 1 145 ? 1.837   -3.941  -0.173  1.00 12.28 ? 143 PHE A CE2 1 
ATOM   762  C  CZ  . PHE A 1 145 ? 0.892   -4.881  -0.584  1.00 11.39 ? 143 PHE A CZ  1 
ATOM   763  N  N   . PHE A 1 146 ? 1.725   0.342   -1.493  1.00 8.05  ? 144 PHE A N   1 
ATOM   764  C  CA  . PHE A 1 146 ? 1.247   0.899   -0.233  1.00 8.44  ? 144 PHE A CA  1 
ATOM   765  C  C   . PHE A 1 146 ? 0.251   2.044   -0.461  1.00 9.86  ? 144 PHE A C   1 
ATOM   766  O  O   . PHE A 1 146 ? -0.821  2.050   0.111   1.00 10.12 ? 144 PHE A O   1 
ATOM   767  C  CB  . PHE A 1 146 ? 2.433   1.389   0.615   1.00 9.33  ? 144 PHE A CB  1 
ATOM   768  C  CG  . PHE A 1 146 ? 3.013   0.331   1.527   1.00 10.96 ? 144 PHE A CG  1 
ATOM   769  C  CD1 . PHE A 1 146 ? 2.468   0.101   2.785   1.00 10.18 ? 144 PHE A CD1 1 
ATOM   770  C  CD2 . PHE A 1 146 ? 4.093   -0.450  1.116   1.00 11.85 ? 144 PHE A CD2 1 
ATOM   771  C  CE1 . PHE A 1 146 ? 2.990   -0.894  3.625   1.00 12.93 ? 144 PHE A CE1 1 
ATOM   772  C  CE2 . PHE A 1 146 ? 4.623   -1.446  1.943   1.00 13.13 ? 144 PHE A CE2 1 
ATOM   773  C  CZ  . PHE A 1 146 ? 4.072   -1.670  3.198   1.00 13.94 ? 144 PHE A CZ  1 
ATOM   774  N  N   . SER A 1 147 ? 0.612   3.001   -1.312  1.00 11.40 ? 145 SER A N   1 
ATOM   775  C  CA  . SER A 1 147 ? -0.262  4.143   -1.594  1.00 13.33 ? 145 SER A CA  1 
ATOM   776  C  C   . SER A 1 147 ? -1.608  3.660   -2.104  1.00 12.31 ? 145 SER A C   1 
ATOM   777  O  O   . SER A 1 147 ? -2.652  4.173   -1.716  1.00 10.99 ? 145 SER A O   1 
ATOM   778  C  CB  . SER A 1 147 ? 0.376   5.067   -2.637  1.00 15.45 ? 145 SER A CB  1 
ATOM   779  O  OG  . SER A 1 147 ? 1.647   5.515   -2.202  1.00 20.35 ? 145 SER A OG  1 
ATOM   780  N  N   . PHE A 1 148 ? -1.561  2.667   -2.985  1.00 12.85 ? 146 PHE A N   1 
ATOM   781  C  CA  . PHE A 1 148 ? -2.764  2.077   -3.551  1.00 10.77 ? 146 PHE A CA  1 
ATOM   782  C  C   . PHE A 1 148 ? -3.658  1.546   -2.441  1.00 10.86 ? 146 PHE A C   1 
ATOM   783  O  O   . PHE A 1 148 ? -4.834  1.874   -2.377  1.00 10.15 ? 146 PHE A O   1 
ATOM   784  C  CB  . PHE A 1 148 ? -2.396  0.925   -4.494  1.00 11.20 ? 146 PHE A CB  1 
ATOM   785  C  CG  . PHE A 1 148 ? -3.580  0.125   -4.958  1.00 13.18 ? 146 PHE A CG  1 
ATOM   786  C  CD1 . PHE A 1 148 ? -4.592  0.723   -5.709  1.00 13.74 ? 146 PHE A CD1 1 
ATOM   787  C  CD2 . PHE A 1 148 ? -3.703  -1.217  -4.615  1.00 13.77 ? 146 PHE A CD2 1 
ATOM   788  C  CE1 . PHE A 1 148 ? -5.711  -0.004  -6.109  1.00 13.27 ? 146 PHE A CE1 1 
ATOM   789  C  CE2 . PHE A 1 148 ? -4.815  -1.955  -5.009  1.00 15.16 ? 146 PHE A CE2 1 
ATOM   790  C  CZ  . PHE A 1 148 ? -5.823  -1.344  -5.758  1.00 16.08 ? 146 PHE A CZ  1 
ATOM   791  N  N   . GLY A 1 149 ? -3.081  0.710   -1.577  1.00 12.49 ? 147 GLY A N   1 
ATOM   792  C  CA  . GLY A 1 149 ? -3.827  0.134   -0.472  1.00 10.71 ? 147 GLY A CA  1 
ATOM   793  C  C   . GLY A 1 149 ? -4.378  1.203   0.455   1.00 10.24 ? 147 GLY A C   1 
ATOM   794  O  O   . GLY A 1 149 ? -5.523  1.133   0.882   1.00 9.89  ? 147 GLY A O   1 
ATOM   795  N  N   . GLY A 1 150 ? -3.547  2.194   0.761   1.00 10.40 ? 148 GLY A N   1 
ATOM   796  C  CA  . GLY A 1 150 ? -3.971  3.275   1.628   1.00 10.59 ? 148 GLY A CA  1 
ATOM   797  C  C   . GLY A 1 150 ? -5.107  4.075   1.017   1.00 10.94 ? 148 GLY A C   1 
ATOM   798  O  O   . GLY A 1 150 ? -6.067  4.398   1.691   1.00 11.94 ? 148 GLY A O   1 
ATOM   799  N  N   . ALA A 1 151 ? -4.990  4.398   -0.266  1.00 10.51 ? 149 ALA A N   1 
ATOM   800  C  CA  . ALA A 1 151 ? -6.028  5.164   -0.946  1.00 12.02 ? 149 ALA A CA  1 
ATOM   801  C  C   . ALA A 1 151 ? -7.324  4.362   -1.012  1.00 12.19 ? 149 ALA A C   1 
ATOM   802  O  O   . ALA A 1 151 ? -8.404  4.906   -0.852  1.00 12.93 ? 149 ALA A O   1 
ATOM   803  C  CB  . ALA A 1 151 ? -5.570  5.541   -2.350  1.00 11.50 ? 149 ALA A CB  1 
ATOM   804  N  N   . LEU A 1 152 ? -7.199  3.061   -1.257  1.00 12.39 ? 150 LEU A N   1 
ATOM   805  C  CA  . LEU A 1 152 ? -8.364  2.186   -1.341  1.00 12.89 ? 150 LEU A CA  1 
ATOM   806  C  C   . LEU A 1 152 ? -9.075  2.162   0.012   1.00 14.59 ? 150 LEU A C   1 
ATOM   807  O  O   . LEU A 1 152 ? -10.296 2.149   0.079   1.00 13.19 ? 150 LEU A O   1 
ATOM   808  C  CB  . LEU A 1 152 ? -7.930  0.770   -1.738  1.00 13.73 ? 150 LEU A CB  1 
ATOM   809  C  CG  . LEU A 1 152 ? -9.015  -0.252  -2.095  1.00 14.00 ? 150 LEU A CG  1 
ATOM   810  C  CD1 . LEU A 1 152 ? -9.769  0.209   -3.331  1.00 15.65 ? 150 LEU A CD1 1 
ATOM   811  C  CD2 . LEU A 1 152 ? -8.381  -1.604  -2.347  1.00 13.50 ? 150 LEU A CD2 1 
ATOM   812  N  N   . CYS A 1 153 ? -8.296  2.165   1.091   1.00 13.71 ? 151 CYS A N   1 
ATOM   813  C  CA  . CYS A 1 153 ? -8.879  2.153   2.428   1.00 13.97 ? 151 CYS A CA  1 
ATOM   814  C  C   . CYS A 1 153 ? -9.701  3.408   2.697   1.00 13.55 ? 151 CYS A C   1 
ATOM   815  O  O   . CYS A 1 153 ? -10.824 3.319   3.151   1.00 11.20 ? 151 CYS A O   1 
ATOM   816  C  CB  . CYS A 1 153 ? -7.793  2.014   3.492   1.00 12.76 ? 151 CYS A CB  1 
ATOM   817  S  SG  . CYS A 1 153 ? -7.235  0.316   3.756   1.00 14.86 ? 151 CYS A SG  1 
ATOM   818  N  N   . VAL A 1 154 ? -9.133  4.574   2.404   1.00 14.42 ? 152 VAL A N   1 
ATOM   819  C  CA  . VAL A 1 154 ? -9.841  5.830   2.629   1.00 14.90 ? 152 VAL A CA  1 
ATOM   820  C  C   . VAL A 1 154 ? -11.130 5.899   1.810   1.00 16.39 ? 152 VAL A C   1 
ATOM   821  O  O   . VAL A 1 154 ? -12.187 6.222   2.335   1.00 16.48 ? 152 VAL A O   1 
ATOM   822  C  CB  . VAL A 1 154 ? -8.967  7.046   2.275   1.00 13.92 ? 152 VAL A CB  1 
ATOM   823  C  CG1 . VAL A 1 154 ? -9.786  8.331   2.406   1.00 15.85 ? 152 VAL A CG1 1 
ATOM   824  C  CG2 . VAL A 1 154 ? -7.765  7.108   3.196   1.00 13.74 ? 152 VAL A CG2 1 
ATOM   825  N  N   . GLU A 1 155 ? -11.032 5.596   0.520   1.00 16.48 ? 153 GLU A N   1 
ATOM   826  C  CA  . GLU A 1 155 ? -12.206 5.628   -0.344  1.00 18.73 ? 153 GLU A CA  1 
ATOM   827  C  C   . GLU A 1 155 ? -13.292 4.682   0.148   1.00 19.01 ? 153 GLU A C   1 
ATOM   828  O  O   . GLU A 1 155 ? -14.463 5.012   0.117   1.00 18.40 ? 153 GLU A O   1 
ATOM   829  C  CB  . GLU A 1 155 ? -11.836 5.257   -1.782  1.00 18.38 ? 153 GLU A CB  1 
ATOM   830  C  CG  . GLU A 1 155 ? -11.284 6.410   -2.607  1.00 20.63 ? 153 GLU A CG  1 
ATOM   831  C  CD  . GLU A 1 155 ? -11.239 6.083   -4.086  1.00 22.81 ? 153 GLU A CD  1 
ATOM   832  O  OE1 . GLU A 1 155 ? -12.260 5.594   -4.618  1.00 20.44 ? 153 GLU A OE1 1 
ATOM   833  O  OE2 . GLU A 1 155 ? -10.187 6.320   -4.717  1.00 23.65 ? 153 GLU A OE2 1 
ATOM   834  N  N   . SER A 1 156 ? -12.890 3.501   0.602   1.00 19.38 ? 154 SER A N   1 
ATOM   835  C  CA  . SER A 1 156 ? -13.853 2.523   1.085   1.00 19.89 ? 154 SER A CA  1 
ATOM   836  C  C   . SER A 1 156 ? -14.698 3.040   2.244   1.00 20.15 ? 154 SER A C   1 
ATOM   837  O  O   . SER A 1 156 ? -15.903 2.842   2.267   1.00 20.18 ? 154 SER A O   1 
ATOM   838  C  CB  . SER A 1 156 ? -13.133 1.236   1.492   1.00 20.19 ? 154 SER A CB  1 
ATOM   839  O  OG  . SER A 1 156 ? -12.589 0.587   0.352   1.00 21.61 ? 154 SER A OG  1 
ATOM   840  N  N   . VAL A 1 157 ? -14.064 3.699   3.207   1.00 20.42 ? 155 VAL A N   1 
ATOM   841  C  CA  . VAL A 1 157 ? -14.794 4.229   4.353   1.00 22.72 ? 155 VAL A CA  1 
ATOM   842  C  C   . VAL A 1 157 ? -15.624 5.446   3.940   1.00 23.19 ? 155 VAL A C   1 
ATOM   843  O  O   . VAL A 1 157 ? -16.722 5.654   4.444   1.00 22.35 ? 155 VAL A O   1 
ATOM   844  C  CB  . VAL A 1 157 ? -13.828 4.606   5.511   1.00 23.56 ? 155 VAL A CB  1 
ATOM   845  C  CG1 . VAL A 1 157 ? -13.003 3.395   5.902   1.00 24.19 ? 155 VAL A CG1 1 
ATOM   846  C  CG2 . VAL A 1 157 ? -12.912 5.732   5.095   1.00 27.61 ? 155 VAL A CG2 1 
ATOM   847  N  N   . ASP A 1 158 ? -15.094 6.236   3.008   1.00 22.92 ? 156 ASP A N   1 
ATOM   848  C  CA  . ASP A 1 158 ? -15.805 7.415   2.514   1.00 22.12 ? 156 ASP A CA  1 
ATOM   849  C  C   . ASP A 1 158 ? -17.055 6.981   1.776   1.00 19.71 ? 156 ASP A C   1 
ATOM   850  O  O   . ASP A 1 158 ? -18.035 7.702   1.730   1.00 18.79 ? 156 ASP A O   1 
ATOM   851  C  CB  . ASP A 1 158 ? -14.943 8.223   1.540   1.00 23.76 ? 156 ASP A CB  1 
ATOM   852  C  CG  . ASP A 1 158 ? -13.834 8.985   2.229   1.00 26.71 ? 156 ASP A CG  1 
ATOM   853  O  OD1 . ASP A 1 158 ? -14.073 9.544   3.319   1.00 28.75 ? 156 ASP A OD1 1 
ATOM   854  O  OD2 . ASP A 1 158 ? -12.722 9.046   1.669   1.00 29.75 ? 156 ASP A OD2 1 
ATOM   855  N  N   . LYS A 1 159 ? -17.000 5.786   1.201   1.00 18.64 ? 157 LYS A N   1 
ATOM   856  C  CA  . LYS A 1 159 ? -18.120 5.266   0.435   1.00 18.26 ? 157 LYS A CA  1 
ATOM   857  C  C   . LYS A 1 159 ? -18.872 4.111   1.096   1.00 18.00 ? 157 LYS A C   1 
ATOM   858  O  O   . LYS A 1 159 ? -19.328 3.185   0.437   1.00 18.08 ? 157 LYS A O   1 
ATOM   859  C  CB  . LYS A 1 159 ? -17.627 4.888   -0.963  1.00 19.30 ? 157 LYS A CB  1 
ATOM   860  C  CG  . LYS A 1 159 ? -17.041 6.098   -1.693  1.00 20.50 ? 157 LYS A CG  1 
ATOM   861  C  CD  . LYS A 1 159 ? -16.298 5.741   -2.973  1.00 22.12 ? 157 LYS A CD  1 
ATOM   862  C  CE  . LYS A 1 159 ? -15.525 6.958   -3.470  1.00 21.43 ? 157 LYS A CE  1 
ATOM   863  N  NZ  . LYS A 1 159 ? -14.726 6.681   -4.691  1.00 24.74 ? 157 LYS A NZ  1 
ATOM   864  N  N   . GLU A 1 160 ? -18.990 4.193   2.416   1.00 16.65 ? 158 GLU A N   1 
ATOM   865  C  CA  . GLU A 1 160 ? -19.723 3.211   3.201   1.00 18.80 ? 158 GLU A CA  1 
ATOM   866  C  C   . GLU A 1 160 ? -19.362 1.742   2.987   1.00 19.05 ? 158 GLU A C   1 
ATOM   867  O  O   . GLU A 1 160 ? -20.230 0.892   2.844   1.00 17.91 ? 158 GLU A O   1 
ATOM   868  C  CB  . GLU A 1 160 ? -21.225 3.438   2.991   1.00 20.68 ? 158 GLU A CB  1 
ATOM   869  C  CG  . GLU A 1 160 ? -21.734 4.693   3.705   1.00 26.77 ? 158 GLU A CG  1 
ATOM   870  C  CD  . GLU A 1 160 ? -23.029 5.240   3.131   1.00 31.26 ? 158 GLU A CD  1 
ATOM   871  O  OE1 . GLU A 1 160 ? -23.973 4.454   2.914   1.00 34.58 ? 158 GLU A OE1 1 
ATOM   872  O  OE2 . GLU A 1 160 ? -23.110 6.467   2.905   1.00 33.72 ? 158 GLU A OE2 1 
ATOM   873  N  N   . MET A 1 161 ? -18.063 1.463   2.977   1.00 18.32 ? 159 MET A N   1 
ATOM   874  C  CA  . MET A 1 161 ? -17.555 0.103   2.824   1.00 18.29 ? 159 MET A CA  1 
ATOM   875  C  C   . MET A 1 161 ? -16.388 -0.037  3.797   1.00 18.52 ? 159 MET A C   1 
ATOM   876  O  O   . MET A 1 161 ? -15.376 -0.636  3.480   1.00 18.36 ? 159 MET A O   1 
ATOM   877  C  CB  . MET A 1 161 ? -17.069 -0.141  1.391   1.00 16.88 ? 159 MET A CB  1 
ATOM   878  C  CG  . MET A 1 161 ? -18.167 -0.127  0.341   1.00 19.06 ? 159 MET A CG  1 
ATOM   879  S  SD  . MET A 1 161 ? -17.601 -0.666  -1.300  1.00 17.63 ? 159 MET A SD  1 
ATOM   880  C  CE  . MET A 1 161 ? -16.799 0.813   -1.878  1.00 16.26 ? 159 MET A CE  1 
ATOM   881  N  N   . GLN A 1 162 ? -16.547 0.533   4.989   1.00 17.38 ? 160 GLN A N   1 
ATOM   882  C  CA  . GLN A 1 162 ? -15.488 0.498   5.995   1.00 18.38 ? 160 GLN A CA  1 
ATOM   883  C  C   . GLN A 1 162 ? -15.063 -0.922  6.376   1.00 16.53 ? 160 GLN A C   1 
ATOM   884  O  O   . GLN A 1 162 ? -13.969 -1.133  6.865   1.00 16.95 ? 160 GLN A O   1 
ATOM   885  C  CB  . GLN A 1 162 ? -15.934 1.253   7.244   1.00 18.40 ? 160 GLN A CB  1 
ATOM   886  C  CG  . GLN A 1 162 ? -16.947 0.505   8.080   1.00 21.65 ? 160 GLN A CG  1 
ATOM   887  C  CD  . GLN A 1 162 ? -17.490 1.344   9.217   1.00 25.33 ? 160 GLN A CD  1 
ATOM   888  O  OE1 . GLN A 1 162 ? -18.586 1.873   9.133   1.00 28.68 ? 160 GLN A OE1 1 
ATOM   889  N  NE2 . GLN A 1 162 ? -16.708 1.476   10.287  1.00 24.96 ? 160 GLN A NE2 1 
ATOM   890  N  N   . VAL A 1 163 ? -15.948 -1.886  6.160   1.00 16.77 ? 161 VAL A N   1 
ATOM   891  C  CA  . VAL A 1 163 ? -15.649 -3.273  6.476   1.00 17.08 ? 161 VAL A CA  1 
ATOM   892  C  C   . VAL A 1 163 ? -14.424 -3.748  5.681   1.00 15.74 ? 161 VAL A C   1 
ATOM   893  O  O   . VAL A 1 163 ? -13.795 -4.729  6.028   1.00 15.42 ? 161 VAL A O   1 
ATOM   894  C  CB  . VAL A 1 163 ? -16.859 -4.182  6.150   1.00 17.89 ? 161 VAL A CB  1 
ATOM   895  C  CG1 . VAL A 1 163 ? -17.149 -4.151  4.649   1.00 19.51 ? 161 VAL A CG1 1 
ATOM   896  C  CG2 . VAL A 1 163 ? -16.591 -5.599  6.622   1.00 17.88 ? 161 VAL A CG2 1 
ATOM   897  N  N   . LEU A 1 164 ? -14.092 -3.025  4.617   1.00 15.45 ? 162 LEU A N   1 
ATOM   898  C  CA  . LEU A 1 164 ? -12.950 -3.383  3.777   1.00 14.17 ? 162 LEU A CA  1 
ATOM   899  C  C   . LEU A 1 164 ? -11.581 -2.991  4.346   1.00 13.64 ? 162 LEU A C   1 
ATOM   900  O  O   . LEU A 1 164 ? -10.574 -3.575  3.975   1.00 14.02 ? 162 LEU A O   1 
ATOM   901  C  CB  . LEU A 1 164 ? -13.099 -2.756  2.389   1.00 12.42 ? 162 LEU A CB  1 
ATOM   902  C  CG  . LEU A 1 164 ? -14.295 -3.159  1.526   1.00 14.70 ? 162 LEU A CG  1 
ATOM   903  C  CD1 . LEU A 1 164 ? -14.129 -2.533  0.141   1.00 12.68 ? 162 LEU A CD1 1 
ATOM   904  C  CD2 . LEU A 1 164 ? -14.393 -4.679  1.423   1.00 13.02 ? 162 LEU A CD2 1 
ATOM   905  N  N   . VAL A 1 165 ? -11.542 -2.001  5.236   1.00 13.09 ? 163 VAL A N   1 
ATOM   906  C  CA  . VAL A 1 165 ? -10.268 -1.554  5.802   1.00 12.80 ? 163 VAL A CA  1 
ATOM   907  C  C   . VAL A 1 165 ? -9.451  -2.680  6.422   1.00 12.67 ? 163 VAL A C   1 
ATOM   908  O  O   . VAL A 1 165 ? -8.286  -2.839  6.107   1.00 11.72 ? 163 VAL A O   1 
ATOM   909  C  CB  . VAL A 1 165 ? -10.458 -0.454  6.878   1.00 12.31 ? 163 VAL A CB  1 
ATOM   910  C  CG1 . VAL A 1 165 ? -9.104  -0.034  7.428   1.00 11.93 ? 163 VAL A CG1 1 
ATOM   911  C  CG2 . VAL A 1 165 ? -11.153 0.750   6.277   1.00 11.07 ? 163 VAL A CG2 1 
ATOM   912  N  N   . SER A 1 166 ? -10.065 -3.453  7.314   1.00 11.49 ? 164 SER A N   1 
ATOM   913  C  CA  . SER A 1 166 ? -9.355  -4.557  7.953   1.00 13.35 ? 164 SER A CA  1 
ATOM   914  C  C   . SER A 1 166 ? -8.899  -5.606  6.947   1.00 12.30 ? 164 SER A C   1 
ATOM   915  O  O   . SER A 1 166 ? -7.803  -6.132  7.048   1.00 13.06 ? 164 SER A O   1 
ATOM   916  C  CB  . SER A 1 166 ? -10.231 -5.232  9.011   1.00 12.29 ? 164 SER A CB  1 
ATOM   917  O  OG  . SER A 1 166 ? -10.223 -4.493  10.212  1.00 17.10 ? 164 SER A OG  1 
ATOM   918  N  N   . ARG A 1 167 ? -9.761  -5.917  5.988   1.00 14.02 ? 165 ARG A N   1 
ATOM   919  C  CA  . ARG A 1 167 ? -9.436  -6.912  4.972   1.00 14.02 ? 165 ARG A CA  1 
ATOM   920  C  C   . ARG A 1 167 ? -8.242  -6.458  4.139   1.00 14.26 ? 165 ARG A C   1 
ATOM   921  O  O   . ARG A 1 167 ? -7.288  -7.205  3.955   1.00 14.09 ? 165 ARG A O   1 
ATOM   922  C  CB  . ARG A 1 167 ? -10.652 -7.153  4.076   1.00 13.25 ? 165 ARG A CB  1 
ATOM   923  C  CG  . ARG A 1 167 ? -11.832 -7.754  4.824   1.00 12.20 ? 165 ARG A CG  1 
ATOM   924  C  CD  . ARG A 1 167 ? -13.046 -7.888  3.932   1.00 11.17 ? 165 ARG A CD  1 
ATOM   925  N  NE  . ARG A 1 167 ? -14.186 -8.398  4.686   1.00 14.33 ? 165 ARG A NE  1 
ATOM   926  C  CZ  . ARG A 1 167 ? -15.448 -8.326  4.282   1.00 14.07 ? 165 ARG A CZ  1 
ATOM   927  N  NH1 . ARG A 1 167 ? -15.746 -7.761  3.122   1.00 14.42 ? 165 ARG A NH1 1 
ATOM   928  N  NH2 . ARG A 1 167 ? -16.413 -8.821  5.045   1.00 14.74 ? 165 ARG A NH2 1 
ATOM   929  N  N   . ILE A 1 168 ? -8.304  -5.222  3.652   1.00 13.25 ? 166 ILE A N   1 
ATOM   930  C  CA  . ILE A 1 168 ? -7.229  -4.660  2.840   1.00 13.50 ? 166 ILE A CA  1 
ATOM   931  C  C   . ILE A 1 168 ? -5.908  -4.664  3.611   1.00 13.13 ? 166 ILE A C   1 
ATOM   932  O  O   . ILE A 1 168 ? -4.865  -4.998  3.059   1.00 15.01 ? 166 ILE A O   1 
ATOM   933  C  CB  . ILE A 1 168 ? -7.572  -3.211  2.394   1.00 12.78 ? 166 ILE A CB  1 
ATOM   934  C  CG1 . ILE A 1 168 ? -8.814  -3.228  1.495   1.00 12.91 ? 166 ILE A CG1 1 
ATOM   935  C  CG2 . ILE A 1 168 ? -6.399  -2.600  1.639   1.00 11.59 ? 166 ILE A CG2 1 
ATOM   936  C  CD1 . ILE A 1 168 ? -9.393  -1.855  1.214   1.00 11.79 ? 166 ILE A CD1 1 
ATOM   937  N  N   . ALA A 1 169 ? -5.964  -4.298  4.888   1.00 10.96 ? 167 ALA A N   1 
ATOM   938  C  CA  . ALA A 1 169 ? -4.770  -4.275  5.721   1.00 11.53 ? 167 ALA A CA  1 
ATOM   939  C  C   . ALA A 1 169 ? -4.156  -5.672  5.733   1.00 11.20 ? 167 ALA A C   1 
ATOM   940  O  O   . ALA A 1 169 ? -2.970  -5.833  5.516   1.00 11.99 ? 167 ALA A O   1 
ATOM   941  C  CB  . ALA A 1 169 ? -5.123  -3.840  7.146   1.00 7.13  ? 167 ALA A CB  1 
ATOM   942  N  N   . SER A 1 170 ? -4.985  -6.677  5.991   1.00 10.72 ? 168 SER A N   1 
ATOM   943  C  CA  . SER A 1 170 ? -4.509  -8.055  6.011   1.00 10.70 ? 168 SER A CA  1 
ATOM   944  C  C   . SER A 1 170 ? -3.978  -8.466  4.634   1.00 10.16 ? 168 SER A C   1 
ATOM   945  O  O   . SER A 1 170 ? -2.912  -9.042  4.535   1.00 9.53  ? 168 SER A O   1 
ATOM   946  C  CB  . SER A 1 170 ? -5.632  -9.007  6.441   1.00 10.05 ? 168 SER A CB  1 
ATOM   947  O  OG  . SER A 1 170 ? -5.204  -10.361 6.398   1.00 9.78  ? 168 SER A OG  1 
ATOM   948  N  N   . TRP A 1 171 ? -4.722  -8.157  3.574   1.00 9.01  ? 169 TRP A N   1 
ATOM   949  C  CA  . TRP A 1 171 ? -4.290  -8.517  2.221   1.00 8.50  ? 169 TRP A CA  1 
ATOM   950  C  C   . TRP A 1 171 ? -2.926  -7.931  1.909   1.00 9.83  ? 169 TRP A C   1 
ATOM   951  O  O   . TRP A 1 171 ? -2.087  -8.588  1.310   1.00 8.68  ? 169 TRP A O   1 
ATOM   952  C  CB  . TRP A 1 171 ? -5.295  -8.030  1.170   1.00 8.86  ? 169 TRP A CB  1 
ATOM   953  C  CG  . TRP A 1 171 ? -6.659  -8.617  1.330   1.00 9.48  ? 169 TRP A CG  1 
ATOM   954  C  CD1 . TRP A 1 171 ? -6.978  -9.789  1.954   1.00 6.15  ? 169 TRP A CD1 1 
ATOM   955  C  CD2 . TRP A 1 171 ? -7.892  -8.061  0.864   1.00 9.56  ? 169 TRP A CD2 1 
ATOM   956  N  NE1 . TRP A 1 171 ? -8.332  -9.995  1.910   1.00 9.51  ? 169 TRP A NE1 1 
ATOM   957  C  CE2 . TRP A 1 171 ? -8.920  -8.951  1.246   1.00 10.58 ? 169 TRP A CE2 1 
ATOM   958  C  CE3 . TRP A 1 171 ? -8.230  -6.896  0.159   1.00 10.81 ? 169 TRP A CE3 1 
ATOM   959  C  CZ2 . TRP A 1 171 ? -10.269 -8.710  0.951   1.00 8.45  ? 169 TRP A CZ2 1 
ATOM   960  C  CZ3 . TRP A 1 171 ? -9.576  -6.657  -0.135  1.00 9.53  ? 169 TRP A CZ3 1 
ATOM   961  C  CH2 . TRP A 1 171 ? -10.574 -7.561  0.261   1.00 7.84  ? 169 TRP A CH2 1 
ATOM   962  N  N   . MET A 1 172 ? -2.721  -6.683  2.322   1.00 11.00 ? 170 MET A N   1 
ATOM   963  C  CA  . MET A 1 172 ? -1.457  -5.992  2.104   1.00 10.71 ? 170 MET A CA  1 
ATOM   964  C  C   . MET A 1 172 ? -0.323  -6.676  2.858   1.00 11.28 ? 170 MET A C   1 
ATOM   965  O  O   . MET A 1 172 ? 0.720   -6.967  2.290   1.00 11.80 ? 170 MET A O   1 
ATOM   966  C  CB  . MET A 1 172 ? -1.561  -4.539  2.568   1.00 10.38 ? 170 MET A CB  1 
ATOM   967  C  CG  . MET A 1 172 ? -2.359  -3.639  1.643   1.00 11.45 ? 170 MET A CG  1 
ATOM   968  S  SD  . MET A 1 172 ? -2.572  -1.973  2.325   1.00 12.26 ? 170 MET A SD  1 
ATOM   969  C  CE  . MET A 1 172 ? -0.949  -1.236  2.035   1.00 9.57  ? 170 MET A CE  1 
ATOM   970  N  N   . ALA A 1 173 ? -0.543  -6.924  4.143   1.00 11.21 ? 171 ALA A N   1 
ATOM   971  C  CA  . ALA A 1 173 ? 0.465   -7.565  4.977   1.00 12.50 ? 171 ALA A CA  1 
ATOM   972  C  C   . ALA A 1 173 ? 0.778   -8.979  4.493   1.00 11.69 ? 171 ALA A C   1 
ATOM   973  O  O   . ALA A 1 173 ? 1.921   -9.393  4.490   1.00 10.65 ? 171 ALA A O   1 
ATOM   974  C  CB  . ALA A 1 173 ? 0.000   -7.599  6.430   1.00 10.79 ? 171 ALA A CB  1 
ATOM   975  N  N   . THR A 1 174 ? -0.247  -9.714  4.076   1.00 12.50 ? 172 THR A N   1 
ATOM   976  C  CA  . THR A 1 174 ? -0.019  -11.076 3.613   1.00 12.13 ? 172 THR A CA  1 
ATOM   977  C  C   . THR A 1 174 ? 0.800   -11.091 2.331   1.00 12.36 ? 172 THR A C   1 
ATOM   978  O  O   . THR A 1 174 ? 1.722   -11.882 2.193   1.00 12.79 ? 172 THR A O   1 
ATOM   979  C  CB  . THR A 1 174 ? -1.337  -11.830 3.360   1.00 12.24 ? 172 THR A CB  1 
ATOM   980  O  OG1 . THR A 1 174 ? -2.086  -11.905 4.577   1.00 11.07 ? 172 THR A OG1 1 
ATOM   981  C  CG2 . THR A 1 174 ? -1.042  -13.249 2.856   1.00 11.26 ? 172 THR A CG2 1 
ATOM   982  N  N   . TYR A 1 175 ? 0.460   -10.217 1.392   1.00 11.41 ? 173 TYR A N   1 
ATOM   983  C  CA  . TYR A 1 175 ? 1.198   -10.174 0.142   1.00 10.17 ? 173 TYR A CA  1 
ATOM   984  C  C   . TYR A 1 175 ? 2.636   -9.707  0.391   1.00 11.56 ? 173 TYR A C   1 
ATOM   985  O  O   . TYR A 1 175 ? 3.573   -10.209 -0.212  1.00 8.11  ? 173 TYR A O   1 
ATOM   986  C  CB  . TYR A 1 175 ? 0.496   -9.259  -0.870  1.00 10.18 ? 173 TYR A CB  1 
ATOM   987  C  CG  . TYR A 1 175 ? 1.145   -9.301  -2.236  1.00 9.92  ? 173 TYR A CG  1 
ATOM   988  C  CD1 . TYR A 1 175 ? 2.239   -8.486  -2.537  1.00 9.30  ? 173 TYR A CD1 1 
ATOM   989  C  CD2 . TYR A 1 175 ? 0.719   -10.216 -3.199  1.00 9.41  ? 173 TYR A CD2 1 
ATOM   990  C  CE1 . TYR A 1 175 ? 2.898   -8.585  -3.763  1.00 11.70 ? 173 TYR A CE1 1 
ATOM   991  C  CE2 . TYR A 1 175 ? 1.377   -10.329 -4.437  1.00 11.47 ? 173 TYR A CE2 1 
ATOM   992  C  CZ  . TYR A 1 175 ? 2.463   -9.515  -4.707  1.00 11.87 ? 173 TYR A CZ  1 
ATOM   993  O  OH  . TYR A 1 175 ? 3.138   -9.650  -5.898  1.00 14.51 ? 173 TYR A OH  1 
ATOM   994  N  N   . LEU A 1 176 ? 2.805   -8.750  1.296   1.00 11.05 ? 174 LEU A N   1 
ATOM   995  C  CA  . LEU A 1 176 ? 4.139   -8.259  1.617   1.00 13.12 ? 174 LEU A CA  1 
ATOM   996  C  C   . LEU A 1 176 ? 5.006   -9.408  2.147   1.00 13.43 ? 174 LEU A C   1 
ATOM   997  O  O   . LEU A 1 176 ? 6.100   -9.654  1.648   1.00 11.44 ? 174 LEU A O   1 
ATOM   998  C  CB  . LEU A 1 176 ? 4.038   -7.146  2.664   1.00 12.10 ? 174 LEU A CB  1 
ATOM   999  C  CG  . LEU A 1 176 ? 5.295   -6.668  3.399   1.00 15.21 ? 174 LEU A CG  1 
ATOM   1000 C  CD1 . LEU A 1 176 ? 6.367   -6.200  2.421   1.00 12.50 ? 174 LEU A CD1 1 
ATOM   1001 C  CD2 . LEU A 1 176 ? 4.903   -5.532  4.338   1.00 13.34 ? 174 LEU A CD2 1 
ATOM   1002 N  N   . ASN A 1 177 ? 4.489   -10.109 3.154   1.00 12.56 ? 175 ASN A N   1 
ATOM   1003 C  CA  . ASN A 1 177 ? 5.187   -11.225 3.778   1.00 14.91 ? 175 ASN A CA  1 
ATOM   1004 C  C   . ASN A 1 177 ? 5.461   -12.408 2.862   1.00 14.70 ? 175 ASN A C   1 
ATOM   1005 O  O   . ASN A 1 177 ? 6.519   -12.999 2.921   1.00 15.31 ? 175 ASN A O   1 
ATOM   1006 C  CB  . ASN A 1 177 ? 4.404   -11.738 4.995   1.00 15.61 ? 175 ASN A CB  1 
ATOM   1007 C  CG  . ASN A 1 177 ? 4.721   -10.972 6.257   1.00 20.38 ? 175 ASN A CG  1 
ATOM   1008 O  OD1 . ASN A 1 177 ? 5.883   -10.781 6.597   1.00 23.80 ? 175 ASN A OD1 1 
ATOM   1009 N  ND2 . ASN A 1 177 ? 3.679   -10.542 6.974   1.00 19.58 ? 175 ASN A ND2 1 
ATOM   1010 N  N   . ASP A 1 178 ? 4.490   -12.757 2.028   1.00 14.10 ? 176 ASP A N   1 
ATOM   1011 C  CA  . ASP A 1 178 ? 4.639   -13.900 1.136   1.00 14.55 ? 176 ASP A CA  1 
ATOM   1012 C  C   . ASP A 1 178 ? 5.306   -13.611 -0.205  1.00 14.62 ? 176 ASP A C   1 
ATOM   1013 O  O   . ASP A 1 178 ? 6.018   -14.451 -0.724  1.00 13.44 ? 176 ASP A O   1 
ATOM   1014 C  CB  . ASP A 1 178 ? 3.269   -14.545 0.869   1.00 14.83 ? 176 ASP A CB  1 
ATOM   1015 C  CG  . ASP A 1 178 ? 2.675   -15.208 2.100   1.00 13.16 ? 176 ASP A CG  1 
ATOM   1016 O  OD1 . ASP A 1 178 ? 3.242   -15.070 3.198   1.00 13.64 ? 176 ASP A OD1 1 
ATOM   1017 O  OD2 . ASP A 1 178 ? 1.626   -15.868 1.965   1.00 17.32 ? 176 ASP A OD2 1 
ATOM   1018 N  N   . HIS A 1 179 ? 5.082   -12.423 -0.761  1.00 13.76 ? 177 HIS A N   1 
ATOM   1019 C  CA  . HIS A 1 179 ? 5.644   -12.116 -2.072  1.00 13.19 ? 177 HIS A CA  1 
ATOM   1020 C  C   . HIS A 1 179 ? 6.532   -10.896 -2.256  1.00 12.81 ? 177 HIS A C   1 
ATOM   1021 O  O   . HIS A 1 179 ? 6.974   -10.640 -3.356  1.00 13.96 ? 177 HIS A O   1 
ATOM   1022 C  CB  . HIS A 1 179 ? 4.512   -12.060 -3.096  1.00 13.89 ? 177 HIS A CB  1 
ATOM   1023 C  CG  . HIS A 1 179 ? 3.707   -13.315 -3.158  1.00 14.68 ? 177 HIS A CG  1 
ATOM   1024 N  ND1 . HIS A 1 179 ? 4.162   -14.461 -3.769  1.00 16.66 ? 177 HIS A ND1 1 
ATOM   1025 C  CD2 . HIS A 1 179 ? 2.454   -13.589 -2.724  1.00 15.65 ? 177 HIS A CD2 1 
ATOM   1026 C  CE1 . HIS A 1 179 ? 3.222   -15.389 -3.710  1.00 14.77 ? 177 HIS A CE1 1 
ATOM   1027 N  NE2 . HIS A 1 179 ? 2.177   -14.883 -3.080  1.00 17.28 ? 177 HIS A NE2 1 
ATOM   1028 N  N   . LEU A 1 180 ? 6.794   -10.149 -1.191  1.00 11.82 ? 178 LEU A N   1 
ATOM   1029 C  CA  . LEU A 1 180 ? 7.647   -8.969  -1.300  1.00 12.84 ? 178 LEU A CA  1 
ATOM   1030 C  C   . LEU A 1 180 ? 8.871   -9.100  -0.387  1.00 13.89 ? 178 LEU A C   1 
ATOM   1031 O  O   . LEU A 1 180 ? 9.968   -8.708  -0.747  1.00 13.70 ? 178 LEU A O   1 
ATOM   1032 C  CB  . LEU A 1 180 ? 6.837   -7.711  -0.949  1.00 10.31 ? 178 LEU A CB  1 
ATOM   1033 C  CG  . LEU A 1 180 ? 6.391   -6.722  -2.044  1.00 13.20 ? 178 LEU A CG  1 
ATOM   1034 C  CD1 . LEU A 1 180 ? 6.211   -7.385  -3.395  1.00 7.93  ? 178 LEU A CD1 1 
ATOM   1035 C  CD2 . LEU A 1 180 ? 5.101   -6.054  -1.596  1.00 10.55 ? 178 LEU A CD2 1 
ATOM   1036 N  N   . GLU A 1 181 ? 8.658   -9.674  0.792   1.00 15.21 ? 179 GLU A N   1 
ATOM   1037 C  CA  . GLU A 1 181 ? 9.711   -9.873  1.787   1.00 17.13 ? 179 GLU A CA  1 
ATOM   1038 C  C   . GLU A 1 181 ? 10.976  -10.500 1.198   1.00 16.38 ? 179 GLU A C   1 
ATOM   1039 O  O   . GLU A 1 181 ? 12.074  -10.074 1.502   1.00 17.65 ? 179 GLU A O   1 
ATOM   1040 C  CB  . GLU A 1 181 ? 9.162   -10.729 2.937   1.00 17.35 ? 179 GLU A CB  1 
ATOM   1041 C  CG  . GLU A 1 181 ? 10.128  -11.032 4.075   1.00 21.84 ? 179 GLU A CG  1 
ATOM   1042 C  CD  . GLU A 1 181 ? 11.057  -12.197 3.772   1.00 25.50 ? 179 GLU A CD  1 
ATOM   1043 O  OE1 . GLU A 1 181 ? 10.653  -13.114 3.021   1.00 24.17 ? 179 GLU A OE1 1 
ATOM   1044 O  OE2 . GLU A 1 181 ? 12.186  -12.205 4.303   1.00 29.75 ? 179 GLU A OE2 1 
ATOM   1045 N  N   . PRO A 1 182 ? 10.826  -11.529 0.351   1.00 15.87 ? 180 PRO A N   1 
ATOM   1046 C  CA  . PRO A 1 182 ? 11.997  -12.174 -0.252  1.00 16.88 ? 180 PRO A CA  1 
ATOM   1047 C  C   . PRO A 1 182 ? 12.862  -11.193 -1.047  1.00 17.10 ? 180 PRO A C   1 
ATOM   1048 O  O   . PRO A 1 182 ? 14.065  -11.154 -0.876  1.00 17.62 ? 180 PRO A O   1 
ATOM   1049 C  CB  . PRO A 1 182 ? 11.378  -13.246 -1.139  1.00 16.72 ? 180 PRO A CB  1 
ATOM   1050 C  CG  . PRO A 1 182 ? 10.153  -13.630 -0.368  1.00 16.97 ? 180 PRO A CG  1 
ATOM   1051 C  CD  . PRO A 1 182 ? 9.602   -12.293 0.055   1.00 14.75 ? 180 PRO A CD  1 
ATOM   1052 N  N   . TRP A 1 183 ? 12.227  -10.408 -1.916  1.00 15.85 ? 181 TRP A N   1 
ATOM   1053 C  CA  . TRP A 1 183 ? 12.939  -9.422  -2.724  1.00 14.27 ? 181 TRP A CA  1 
ATOM   1054 C  C   . TRP A 1 183 ? 13.562  -8.376  -1.807  1.00 13.38 ? 181 TRP A C   1 
ATOM   1055 O  O   . TRP A 1 183 ? 14.691  -7.943  -1.999  1.00 11.53 ? 181 TRP A O   1 
ATOM   1056 C  CB  . TRP A 1 183 ? 11.981  -8.720  -3.693  1.00 12.24 ? 181 TRP A CB  1 
ATOM   1057 C  CG  . TRP A 1 183 ? 12.672  -7.703  -4.555  1.00 11.95 ? 181 TRP A CG  1 
ATOM   1058 C  CD1 . TRP A 1 183 ? 13.256  -7.919  -5.772  1.00 11.35 ? 181 TRP A CD1 1 
ATOM   1059 C  CD2 . TRP A 1 183 ? 12.922  -6.329  -4.231  1.00 11.63 ? 181 TRP A CD2 1 
ATOM   1060 N  NE1 . TRP A 1 183 ? 13.856  -6.771  -6.221  1.00 10.58 ? 181 TRP A NE1 1 
ATOM   1061 C  CE2 . TRP A 1 183 ? 13.667  -5.777  -5.297  1.00 10.72 ? 181 TRP A CE2 1 
ATOM   1062 C  CE3 . TRP A 1 183 ? 12.592  -5.509  -3.139  1.00 10.71 ? 181 TRP A CE3 1 
ATOM   1063 C  CZ2 . TRP A 1 183 ? 14.090  -4.441  -5.309  1.00 12.34 ? 181 TRP A CZ2 1 
ATOM   1064 C  CZ3 . TRP A 1 183 ? 13.013  -4.179  -3.151  1.00 10.83 ? 181 TRP A CZ3 1 
ATOM   1065 C  CH2 . TRP A 1 183 ? 13.755  -3.661  -4.229  1.00 10.99 ? 181 TRP A CH2 1 
ATOM   1066 N  N   . ILE A 1 184 ? 12.793  -7.968  -0.805  1.00 13.75 ? 182 ILE A N   1 
ATOM   1067 C  CA  . ILE A 1 184 ? 13.253  -6.968  0.140   1.00 13.27 ? 182 ILE A CA  1 
ATOM   1068 C  C   . ILE A 1 184 ? 14.526  -7.407  0.871   1.00 13.94 ? 182 ILE A C   1 
ATOM   1069 O  O   . ILE A 1 184 ? 15.488  -6.657  0.954   1.00 13.15 ? 182 ILE A O   1 
ATOM   1070 C  CB  . ILE A 1 184 ? 12.129  -6.633  1.152   1.00 12.59 ? 182 ILE A CB  1 
ATOM   1071 C  CG1 . ILE A 1 184 ? 10.997  -5.900  0.418   1.00 13.84 ? 182 ILE A CG1 1 
ATOM   1072 C  CG2 . ILE A 1 184 ? 12.670  -5.793  2.292   1.00 11.61 ? 182 ILE A CG2 1 
ATOM   1073 C  CD1 . ILE A 1 184 ? 9.768   -5.620  1.265   1.00 13.35 ? 182 ILE A CD1 1 
ATOM   1074 N  N   . GLN A 1 185 ? 14.536  -8.632  1.379   1.00 14.12 ? 183 GLN A N   1 
ATOM   1075 C  CA  . GLN A 1 185 ? 15.701  -9.115  2.106   1.00 15.45 ? 183 GLN A CA  1 
ATOM   1076 C  C   . GLN A 1 185 ? 16.905  -9.387  1.215   1.00 14.99 ? 183 GLN A C   1 
ATOM   1077 O  O   . GLN A 1 185 ? 18.021  -9.412  1.686   1.00 15.66 ? 183 GLN A O   1 
ATOM   1078 C  CB  . GLN A 1 185 ? 15.336  -10.363 2.909   1.00 16.11 ? 183 GLN A CB  1 
ATOM   1079 C  CG  . GLN A 1 185 ? 14.269  -10.094 3.950   1.00 17.16 ? 183 GLN A CG  1 
ATOM   1080 C  CD  . GLN A 1 185 ? 14.665  -8.998  4.928   1.00 20.73 ? 183 GLN A CD  1 
ATOM   1081 O  OE1 . GLN A 1 185 ? 15.507  -9.195  5.790   1.00 21.85 ? 183 GLN A OE1 1 
ATOM   1082 N  NE2 . GLN A 1 185 ? 14.052  -7.833  4.783   1.00 20.27 ? 183 GLN A NE2 1 
ATOM   1083 N  N   . GLU A 1 186 ? 16.663  -9.574  -0.078  1.00 15.27 ? 184 GLU A N   1 
ATOM   1084 C  CA  . GLU A 1 186 ? 17.738  -9.825  -1.028  1.00 16.95 ? 184 GLU A CA  1 
ATOM   1085 C  C   . GLU A 1 186 ? 18.217  -8.531  -1.673  1.00 17.16 ? 184 GLU A C   1 
ATOM   1086 O  O   . GLU A 1 186 ? 19.142  -8.542  -2.466  1.00 18.70 ? 184 GLU A O   1 
ATOM   1087 C  CB  . GLU A 1 186 ? 17.266  -10.780 -2.122  1.00 17.17 ? 184 GLU A CB  1 
ATOM   1088 C  CG  . GLU A 1 186 ? 16.876  -12.145 -1.614  1.00 17.82 ? 184 GLU A CG  1 
ATOM   1089 C  CD  . GLU A 1 186 ? 16.300  -13.028 -2.697  1.00 18.92 ? 184 GLU A CD  1 
ATOM   1090 O  OE1 . GLU A 1 186 ? 15.997  -14.200 -2.401  1.00 24.93 ? 184 GLU A OE1 1 
ATOM   1091 O  OE2 . GLU A 1 186 ? 16.144  -12.557 -3.841  1.00 21.10 ? 184 GLU A OE2 1 
ATOM   1092 N  N   . ASN A 1 187 ? 17.582  -7.420  -1.317  1.00 17.27 ? 185 ASN A N   1 
ATOM   1093 C  CA  . ASN A 1 187 ? 17.938  -6.125  -1.882  1.00 18.40 ? 185 ASN A CA  1 
ATOM   1094 C  C   . ASN A 1 187 ? 18.252  -5.061  -0.838  1.00 18.41 ? 185 ASN A C   1 
ATOM   1095 O  O   . ASN A 1 187 ? 17.925  -3.899  -1.017  1.00 19.02 ? 185 ASN A O   1 
ATOM   1096 C  CB  . ASN A 1 187 ? 16.815  -5.642  -2.805  1.00 19.07 ? 185 ASN A CB  1 
ATOM   1097 C  CG  . ASN A 1 187 ? 16.778  -6.401  -4.119  1.00 20.52 ? 185 ASN A CG  1 
ATOM   1098 O  OD1 . ASN A 1 187 ? 17.426  -6.020  -5.076  1.00 23.40 ? 185 ASN A OD1 1 
ATOM   1099 N  ND2 . ASN A 1 187 ? 16.029  -7.497  -4.153  1.00 20.07 ? 185 ASN A ND2 1 
ATOM   1100 N  N   . GLY A 1 188 ? 18.892  -5.475  0.253   1.00 18.21 ? 186 GLY A N   1 
ATOM   1101 C  CA  . GLY A 1 188 ? 19.269  -4.538  1.295   1.00 17.19 ? 186 GLY A CA  1 
ATOM   1102 C  C   . GLY A 1 188 ? 18.290  -4.362  2.439   1.00 17.18 ? 186 GLY A C   1 
ATOM   1103 O  O   . GLY A 1 188 ? 18.568  -3.633  3.372   1.00 16.48 ? 186 GLY A O   1 
ATOM   1104 N  N   . GLY A 1 189 ? 17.141  -5.027  2.369   1.00 17.56 ? 187 GLY A N   1 
ATOM   1105 C  CA  . GLY A 1 189 ? 16.161  -4.893  3.432   1.00 16.35 ? 187 GLY A CA  1 
ATOM   1106 C  C   . GLY A 1 189 ? 15.604  -3.480  3.542   1.00 17.02 ? 187 GLY A C   1 
ATOM   1107 O  O   . GLY A 1 189 ? 16.008  -2.589  2.803   1.00 14.48 ? 187 GLY A O   1 
ATOM   1108 N  N   . TRP A 1 190 ? 14.669  -3.281  4.469   1.00 16.91 ? 188 TRP A N   1 
ATOM   1109 C  CA  . TRP A 1 190 ? 14.063  -1.972  4.669   1.00 18.88 ? 188 TRP A CA  1 
ATOM   1110 C  C   . TRP A 1 190 ? 15.085  -0.893  5.005   1.00 20.33 ? 188 TRP A C   1 
ATOM   1111 O  O   . TRP A 1 190 ? 14.866  0.276   4.713   1.00 20.32 ? 188 TRP A O   1 
ATOM   1112 C  CB  . TRP A 1 190 ? 12.990  -2.032  5.760   1.00 18.62 ? 188 TRP A CB  1 
ATOM   1113 C  CG  . TRP A 1 190 ? 11.705  -2.644  5.283   1.00 21.17 ? 188 TRP A CG  1 
ATOM   1114 C  CD1 . TRP A 1 190 ? 11.206  -3.876  5.606   1.00 21.96 ? 188 TRP A CD1 1 
ATOM   1115 C  CD2 . TRP A 1 190 ? 10.774  -2.065  4.358   1.00 21.09 ? 188 TRP A CD2 1 
ATOM   1116 N  NE1 . TRP A 1 190 ? 10.023  -4.100  4.938   1.00 20.36 ? 188 TRP A NE1 1 
ATOM   1117 C  CE2 . TRP A 1 190 ? 9.736   -3.004  4.166   1.00 21.75 ? 188 TRP A CE2 1 
ATOM   1118 C  CE3 . TRP A 1 190 ? 10.720  -0.844  3.672   1.00 20.97 ? 188 TRP A CE3 1 
ATOM   1119 C  CZ2 . TRP A 1 190 ? 8.653   -2.759  3.314   1.00 21.05 ? 188 TRP A CZ2 1 
ATOM   1120 C  CZ3 . TRP A 1 190 ? 9.643   -0.601  2.826   1.00 22.03 ? 188 TRP A CZ3 1 
ATOM   1121 C  CH2 . TRP A 1 190 ? 8.623   -1.557  2.655   1.00 21.20 ? 188 TRP A CH2 1 
ATOM   1122 N  N   . ASP A 1 191 ? 16.200  -1.285  5.621   1.00 21.09 ? 189 ASP A N   1 
ATOM   1123 C  CA  . ASP A 1 191 ? 17.245  -0.324  5.959   1.00 21.64 ? 189 ASP A CA  1 
ATOM   1124 C  C   . ASP A 1 191 ? 17.733  0.386   4.700   1.00 21.49 ? 189 ASP A C   1 
ATOM   1125 O  O   . ASP A 1 191 ? 17.975  1.581   4.722   1.00 22.30 ? 189 ASP A O   1 
ATOM   1126 C  CB  . ASP A 1 191 ? 18.431  -1.008  6.651   1.00 23.55 ? 189 ASP A CB  1 
ATOM   1127 C  CG  . ASP A 1 191 ? 18.148  -1.346  8.103   1.00 26.46 ? 189 ASP A CG  1 
ATOM   1128 O  OD1 . ASP A 1 191 ? 17.359  -0.621  8.747   1.00 26.68 ? 189 ASP A OD1 1 
ATOM   1129 O  OD2 . ASP A 1 191 ? 18.730  -2.328  8.610   1.00 30.21 ? 189 ASP A OD2 1 
ATOM   1130 N  N   . THR A 1 192 ? 17.887  -0.359  3.606   1.00 18.57 ? 190 THR A N   1 
ATOM   1131 C  CA  . THR A 1 192 ? 18.326  0.242   2.350   1.00 18.57 ? 190 THR A CA  1 
ATOM   1132 C  C   . THR A 1 192 ? 17.236  1.169   1.804   1.00 17.66 ? 190 THR A C   1 
ATOM   1133 O  O   . THR A 1 192 ? 17.532  2.172   1.191   1.00 15.90 ? 190 THR A O   1 
ATOM   1134 C  CB  . THR A 1 192 ? 18.666  -0.829  1.294   1.00 18.24 ? 190 THR A CB  1 
ATOM   1135 O  OG1 . THR A 1 192 ? 19.860  -1.515  1.688   1.00 19.37 ? 190 THR A OG1 1 
ATOM   1136 C  CG2 . THR A 1 192 ? 18.885  -0.191  -0.075  1.00 18.78 ? 190 THR A CG2 1 
ATOM   1137 N  N   . PHE A 1 193 ? 15.973  0.812   2.030   1.00 18.04 ? 191 PHE A N   1 
ATOM   1138 C  CA  . PHE A 1 193 ? 14.866  1.654   1.583   1.00 19.35 ? 191 PHE A CA  1 
ATOM   1139 C  C   . PHE A 1 193 ? 14.993  2.991   2.308   1.00 19.50 ? 191 PHE A C   1 
ATOM   1140 O  O   . PHE A 1 193 ? 14.837  4.046   1.710   1.00 19.60 ? 191 PHE A O   1 
ATOM   1141 C  CB  . PHE A 1 193 ? 13.516  1.023   1.933   1.00 17.79 ? 191 PHE A CB  1 
ATOM   1142 C  CG  . PHE A 1 193 ? 12.334  1.919   1.653   1.00 17.58 ? 191 PHE A CG  1 
ATOM   1143 C  CD1 . PHE A 1 193 ? 11.952  2.208   0.347   1.00 16.78 ? 191 PHE A CD1 1 
ATOM   1144 C  CD2 . PHE A 1 193 ? 11.601  2.470   2.701   1.00 17.16 ? 191 PHE A CD2 1 
ATOM   1145 C  CE1 . PHE A 1 193 ? 10.849  3.034   0.088   1.00 16.76 ? 191 PHE A CE1 1 
ATOM   1146 C  CE2 . PHE A 1 193 ? 10.502  3.293   2.456   1.00 16.46 ? 191 PHE A CE2 1 
ATOM   1147 C  CZ  . PHE A 1 193 ? 10.126  3.575   1.146   1.00 16.89 ? 191 PHE A CZ  1 
ATOM   1148 N  N   . VAL A 1 194 ? 15.275  2.925   3.608   1.00 18.87 ? 192 VAL A N   1 
ATOM   1149 C  CA  . VAL A 1 194 ? 15.434  4.127   4.415   1.00 20.41 ? 192 VAL A CA  1 
ATOM   1150 C  C   . VAL A 1 194 ? 16.581  4.972   3.875   1.00 21.17 ? 192 VAL A C   1 
ATOM   1151 O  O   . VAL A 1 194 ? 16.466  6.171   3.776   1.00 20.32 ? 192 VAL A O   1 
ATOM   1152 C  CB  . VAL A 1 194 ? 15.699  3.783   5.902   1.00 20.57 ? 192 VAL A CB  1 
ATOM   1153 C  CG1 . VAL A 1 194 ? 16.123  5.028   6.660   1.00 17.87 ? 192 VAL A CG1 1 
ATOM   1154 C  CG2 . VAL A 1 194 ? 14.442  3.204   6.532   1.00 17.75 ? 192 VAL A CG2 1 
ATOM   1155 N  N   . ASP A 1 195 ? 17.688  4.334   3.514   1.00 23.30 ? 193 ASP A N   1 
ATOM   1156 C  CA  . ASP A 1 195 ? 18.825  5.072   2.975   1.00 26.12 ? 193 ASP A CA  1 
ATOM   1157 C  C   . ASP A 1 195 ? 18.466  5.773   1.667   1.00 27.40 ? 193 ASP A C   1 
ATOM   1158 O  O   . ASP A 1 195 ? 18.908  6.881   1.415   1.00 26.83 ? 193 ASP A O   1 
ATOM   1159 C  CB  . ASP A 1 195 ? 20.016  4.143   2.722   1.00 27.88 ? 193 ASP A CB  1 
ATOM   1160 C  CG  . ASP A 1 195 ? 20.596  3.572   4.000   1.00 30.26 ? 193 ASP A CG  1 
ATOM   1161 O  OD1 . ASP A 1 195 ? 20.625  4.296   5.019   1.00 32.69 ? 193 ASP A OD1 1 
ATOM   1162 O  OD2 . ASP A 1 195 ? 21.039  2.405   3.984   1.00 31.43 ? 193 ASP A OD2 1 
ATOM   1163 N  N   . LEU A 1 196 ? 17.655  5.117   0.846   1.00 27.49 ? 194 LEU A N   1 
ATOM   1164 C  CA  . LEU A 1 196 ? 17.271  5.678   -0.446  1.00 28.02 ? 194 LEU A CA  1 
ATOM   1165 C  C   . LEU A 1 196 ? 16.120  6.679   -0.417  1.00 27.28 ? 194 LEU A C   1 
ATOM   1166 O  O   . LEU A 1 196 ? 16.171  7.692   -1.089  1.00 28.78 ? 194 LEU A O   1 
ATOM   1167 C  CB  . LEU A 1 196 ? 16.928  4.547   -1.418  1.00 27.90 ? 194 LEU A CB  1 
ATOM   1168 C  CG  . LEU A 1 196 ? 18.053  3.559   -1.727  1.00 26.91 ? 194 LEU A CG  1 
ATOM   1169 C  CD1 . LEU A 1 196 ? 17.524  2.451   -2.628  1.00 27.36 ? 194 LEU A CD1 1 
ATOM   1170 C  CD2 . LEU A 1 196 ? 19.210  4.285   -2.396  1.00 28.07 ? 194 LEU A CD2 1 
ATOM   1171 N  N   . TYR A 1 197 ? 15.088  6.388   0.368   1.00 28.63 ? 195 TYR A N   1 
ATOM   1172 C  CA  . TYR A 1 197 ? 13.911  7.253   0.456   1.00 29.07 ? 195 TYR A CA  1 
ATOM   1173 C  C   . TYR A 1 197 ? 13.737  7.933   1.810   1.00 30.02 ? 195 TYR A C   1 
ATOM   1174 O  O   . TYR A 1 197 ? 12.893  8.798   1.959   1.00 30.20 ? 195 TYR A O   1 
ATOM   1175 C  CB  . TYR A 1 197 ? 12.654  6.438   0.157   1.00 28.50 ? 195 TYR A CB  1 
ATOM   1176 C  CG  . TYR A 1 197 ? 12.610  5.847   -1.231  1.00 28.75 ? 195 TYR A CG  1 
ATOM   1177 C  CD1 . TYR A 1 197 ? 11.808  6.412   -2.221  1.00 29.81 ? 195 TYR A CD1 1 
ATOM   1178 C  CD2 . TYR A 1 197 ? 13.354  4.710   -1.554  1.00 28.51 ? 195 TYR A CD2 1 
ATOM   1179 C  CE1 . TYR A 1 197 ? 11.738  5.857   -3.497  1.00 29.01 ? 195 TYR A CE1 1 
ATOM   1180 C  CE2 . TYR A 1 197 ? 13.292  4.145   -2.831  1.00 29.34 ? 195 TYR A CE2 1 
ATOM   1181 C  CZ  . TYR A 1 197 ? 12.479  4.725   -3.795  1.00 28.73 ? 195 TYR A CZ  1 
ATOM   1182 O  OH  . TYR A 1 197 ? 12.391  4.171   -5.050  1.00 28.12 ? 195 TYR A OH  1 
ATOM   1183 N  N   . GLY A 1 198 ? 14.537  7.512   2.783   1.00 30.80 ? 196 GLY A N   1 
ATOM   1184 C  CA  . GLY A 1 198 ? 14.477  8.056   4.131   1.00 33.08 ? 196 GLY A CA  1 
ATOM   1185 C  C   . GLY A 1 198 ? 14.003  9.486   4.270   1.00 35.02 ? 196 GLY A C   1 
ATOM   1186 O  O   . GLY A 1 198 ? 14.861  10.383  4.416   1.00 33.54 ? 196 GLY A O   1 
ATOM   1187 O  OXT . GLY A 1 198 ? 12.774  9.711   4.225   1.00 38.63 ? 196 GLY A OXT 1 
HETATM 1188 C  CA  . NLG B 2 1   ? -7.500  -4.319  -12.529 1.00 16.48 ? 145 NLG B CA  1 
HETATM 1189 C  C   . NLG B 2 1   ? -6.160  -4.221  -13.259 1.00 16.34 ? 145 NLG B C   1 
HETATM 1190 O  O   . NLG B 2 1   ? -5.201  -3.675  -12.734 1.00 15.49 ? 145 NLG B O   1 
HETATM 1191 C  CB  . NLG B 2 1   ? -7.695  -5.741  -11.990 1.00 16.12 ? 145 NLG B CB  1 
HETATM 1192 C  CG  . NLG B 2 1   ? -8.876  -5.911  -11.029 1.00 15.38 ? 145 NLG B CG  1 
HETATM 1193 C  CD  . NLG B 2 1   ? -10.228 -5.865  -11.727 1.00 16.08 ? 145 NLG B CD  1 
HETATM 1194 O  OE1 . NLG B 2 1   ? -10.269 -6.054  -12.959 1.00 18.20 ? 145 NLG B OE1 1 
HETATM 1195 O  OE2 . NLG B 2 1   ? -11.253 -5.657  -11.044 1.00 16.77 ? 145 NLG B OE2 1 
HETATM 1196 C  C7  . NLG B 2 1   ? -8.851  -2.674  -13.732 1.00 18.55 ? 145 NLG B C7  1 
HETATM 1197 C  C8  . NLG B 2 1   ? -7.703  -1.723  -13.877 1.00 12.51 ? 145 NLG B C8  1 
HETATM 1198 O  O7  . NLG B 2 1   ? -9.984  -2.251  -13.953 1.00 24.67 ? 145 NLG B O7  1 
HETATM 1199 N  N2  . NLG B 2 1   ? -8.611  -3.943  -13.396 1.00 16.87 ? 145 NLG B N2  1 
ATOM   1200 N  N   . ILE B 2 2   ? -6.109  -4.751  -14.478 1.00 15.53 ? 146 ILE B N   1 
ATOM   1201 C  CA  . ILE B 2 2   ? -4.889  -4.714  -15.280 1.00 15.84 ? 146 ILE B CA  1 
ATOM   1202 C  C   . ILE B 2 2   ? -4.448  -3.279  -15.566 1.00 14.71 ? 146 ILE B C   1 
ATOM   1203 O  O   . ILE B 2 2   ? -3.285  -2.941  -15.420 1.00 12.61 ? 146 ILE B O   1 
ATOM   1204 C  CB  . ILE B 2 2   ? -5.087  -5.417  -16.637 1.00 15.46 ? 146 ILE B CB  1 
ATOM   1205 C  CG1 . ILE B 2 2   ? -5.424  -6.890  -16.421 1.00 16.52 ? 146 ILE B CG1 1 
ATOM   1206 C  CG2 . ILE B 2 2   ? -3.830  -5.261  -17.491 1.00 16.69 ? 146 ILE B CG2 1 
ATOM   1207 C  CD1 . ILE B 2 2   ? -4.374  -7.651  -15.642 1.00 19.41 ? 146 ILE B CD1 1 
ATOM   1208 N  N   . TRP B 2 3   ? -5.406  -2.452  -15.974 1.00 15.16 ? 147 TRP B N   1 
ATOM   1209 C  CA  . TRP B 2 3   ? -5.157  -1.056  -16.311 1.00 14.50 ? 147 TRP B CA  1 
ATOM   1210 C  C   . TRP B 2 3   ? -4.575  -0.299  -15.127 1.00 15.31 ? 147 TRP B C   1 
ATOM   1211 O  O   . TRP B 2 3   ? -3.586  0.404   -15.258 1.00 16.09 ? 147 TRP B O   1 
ATOM   1212 C  CB  . TRP B 2 3   ? -6.465  -0.398  -16.758 1.00 14.21 ? 147 TRP B CB  1 
ATOM   1213 C  CG  . TRP B 2 3   ? -6.284  0.914   -17.449 1.00 13.40 ? 147 TRP B CG  1 
ATOM   1214 C  CD1 . TRP B 2 3   ? -5.681  2.033   -16.946 1.00 12.82 ? 147 TRP B CD1 1 
ATOM   1215 C  CD2 . TRP B 2 3   ? -6.720  1.251   -18.770 1.00 13.08 ? 147 TRP B CD2 1 
ATOM   1216 N  NE1 . TRP B 2 3   ? -5.715  3.048   -17.872 1.00 13.92 ? 147 TRP B NE1 1 
ATOM   1217 C  CE2 . TRP B 2 3   ? -6.347  2.597   -19.003 1.00 13.00 ? 147 TRP B CE2 1 
ATOM   1218 C  CE3 . TRP B 2 3   ? -7.389  0.548   -19.784 1.00 13.59 ? 147 TRP B CE3 1 
ATOM   1219 C  CZ2 . TRP B 2 3   ? -6.624  3.257   -20.209 1.00 11.97 ? 147 TRP B CZ2 1 
ATOM   1220 C  CZ3 . TRP B 2 3   ? -7.664  1.205   -20.984 1.00 11.42 ? 147 TRP B CZ3 1 
ATOM   1221 C  CH2 . TRP B 2 3   ? -7.281  2.547   -21.184 1.00 11.58 ? 147 TRP B CH2 1 
ATOM   1222 N  N   . ILE B 2 4   ? -5.207  -0.447  -13.971 1.00 14.72 ? 148 ILE B N   1 
ATOM   1223 C  CA  . ILE B 2 4   ? -4.740  0.214   -12.761 1.00 15.26 ? 148 ILE B CA  1 
ATOM   1224 C  C   . ILE B 2 4   ? -3.356  -0.291  -12.375 1.00 12.49 ? 148 ILE B C   1 
ATOM   1225 O  O   . ILE B 2 4   ? -2.489  0.484   -12.019 1.00 12.95 ? 148 ILE B O   1 
ATOM   1226 C  CB  . ILE B 2 4   ? -5.718  -0.023  -11.578 1.00 17.21 ? 148 ILE B CB  1 
ATOM   1227 C  CG1 . ILE B 2 4   ? -6.887  0.960   -11.671 1.00 21.26 ? 148 ILE B CG1 1 
ATOM   1228 C  CG2 . ILE B 2 4   ? -4.991  0.145   -10.240 1.00 18.74 ? 148 ILE B CG2 1 
ATOM   1229 C  CD1 . ILE B 2 4   ? -6.472  2.421   -11.524 1.00 21.71 ? 148 ILE B CD1 1 
ATOM   1230 N  N   . ALA B 2 5   ? -3.158  -1.600  -12.448 1.00 9.98  ? 149 ALA B N   1 
ATOM   1231 C  CA  . ALA B 2 5   ? -1.869  -2.174  -12.094 1.00 11.26 ? 149 ALA B CA  1 
ATOM   1232 C  C   . ALA B 2 5   ? -0.771  -1.578  -12.963 1.00 11.85 ? 149 ALA B C   1 
ATOM   1233 O  O   . ALA B 2 5   ? 0.324   -1.287  -12.482 1.00 11.88 ? 149 ALA B O   1 
ATOM   1234 C  CB  . ALA B 2 5   ? -1.905  -3.684  -12.254 1.00 10.41 ? 149 ALA B CB  1 
ATOM   1235 N  N   . GLN B 2 6   ? -1.077  -1.386  -14.246 1.00 10.33 ? 150 GLN B N   1 
ATOM   1236 C  CA  . GLN B 2 6   ? -0.104  -0.829  -15.174 1.00 10.08 ? 150 GLN B CA  1 
ATOM   1237 C  C   . GLN B 2 6   ? 0.152   0.656   -14.913 1.00 10.35 ? 150 GLN B C   1 
ATOM   1238 O  O   . GLN B 2 6   ? 1.220   1.158   -15.219 1.00 10.22 ? 150 GLN B O   1 
ATOM   1239 C  CB  . GLN B 2 6   ? -0.546  -1.068  -16.623 1.00 11.41 ? 150 GLN B CB  1 
ATOM   1240 C  CG  . GLN B 2 6   ? -0.411  -2.524  -17.082 1.00 11.43 ? 150 GLN B CG  1 
ATOM   1241 C  CD  . GLN B 2 6   ? 1.012   -3.061  -16.968 1.00 12.89 ? 150 GLN B CD  1 
ATOM   1242 O  OE1 . GLN B 2 6   ? 1.971   -2.318  -17.059 1.00 12.68 ? 150 GLN B OE1 1 
ATOM   1243 N  NE2 . GLN B 2 6   ? 1.140   -4.370  -16.782 1.00 14.89 ? 150 GLN B NE2 1 
ATOM   1244 N  N   . GLU B 2 7   ? -0.826  1.358   -14.346 1.00 10.20 ? 151 GLU B N   1 
ATOM   1245 C  CA  . GLU B 2 7   ? -0.611  2.769   -14.020 1.00 13.34 ? 151 GLU B CA  1 
ATOM   1246 C  C   . GLU B 2 7   ? 0.364   2.811   -12.839 1.00 13.58 ? 151 GLU B C   1 
ATOM   1247 O  O   . GLU B 2 7   ? 1.252   3.645   -12.781 1.00 14.61 ? 151 GLU B O   1 
ATOM   1248 C  CB  . GLU B 2 7   ? -1.910  3.459   -13.589 1.00 12.77 ? 151 GLU B CB  1 
ATOM   1249 C  CG  . GLU B 2 7   ? -3.015  3.508   -14.633 1.00 14.53 ? 151 GLU B CG  1 
ATOM   1250 C  CD  . GLU B 2 7   ? -4.259  4.182   -14.094 1.00 15.53 ? 151 GLU B CD  1 
ATOM   1251 O  OE1 . GLU B 2 7   ? -5.355  3.911   -14.606 1.00 14.81 ? 151 GLU B OE1 1 
ATOM   1252 O  OE2 . GLU B 2 7   ? -4.132  5.004   -13.160 1.00 17.96 ? 151 GLU B OE2 1 
ATOM   1253 N  N   . LEU B 2 8   ? 0.160   1.898   -11.890 1.00 12.82 ? 152 LEU B N   1 
ATOM   1254 C  CA  . LEU B 2 8   ? 0.997   1.810   -10.700 1.00 12.67 ? 152 LEU B CA  1 
ATOM   1255 C  C   . LEU B 2 8   ? 2.426   1.408   -11.055 1.00 12.10 ? 152 LEU B C   1 
ATOM   1256 O  O   . LEU B 2 8   ? 3.372   1.838   -10.406 1.00 10.91 ? 152 LEU B O   1 
ATOM   1257 C  CB  . LEU B 2 8   ? 0.395   0.802   -9.700  1.00 11.42 ? 152 LEU B CB  1 
ATOM   1258 C  CG  . LEU B 2 8   ? -0.964  1.191   -9.105  1.00 11.93 ? 152 LEU B CG  1 
ATOM   1259 C  CD1 . LEU B 2 8   ? -1.556  0.029   -8.295  1.00 13.03 ? 152 LEU B CD1 1 
ATOM   1260 C  CD2 . LEU B 2 8   ? -0.806  2.438   -8.247  1.00 11.04 ? 152 LEU B CD2 1 
ATOM   1261 N  N   . ARG B 2 9   ? 2.564   0.570   -12.083 1.00 11.28 ? 153 ARG B N   1 
ATOM   1262 C  CA  . ARG B 2 9   ? 3.873   0.112   -12.542 1.00 12.71 ? 153 ARG B CA  1 
ATOM   1263 C  C   . ARG B 2 9   ? 4.673   1.275   -13.136 1.00 12.25 ? 153 ARG B C   1 
ATOM   1264 O  O   . ARG B 2 9   ? 5.782   1.551   -12.709 1.00 13.12 ? 153 ARG B O   1 
ATOM   1265 C  CB  . ARG B 2 9   ? 3.719   -1.013  -13.583 1.00 11.95 ? 153 ARG B CB  1 
ATOM   1266 C  CG  . ARG B 2 9   ? 3.338   -2.374  -12.991 1.00 11.08 ? 153 ARG B CG  1 
ATOM   1267 C  CD  . ARG B 2 9   ? 2.867   -3.343  -14.063 1.00 10.07 ? 153 ARG B CD  1 
ATOM   1268 N  NE  . ARG B 2 9   ? 3.875   -3.550  -15.096 1.00 11.83 ? 153 ARG B NE  1 
ATOM   1269 C  CZ  . ARG B 2 9   ? 4.958   -4.303  -14.957 1.00 10.12 ? 153 ARG B CZ  1 
ATOM   1270 N  NH1 . ARG B 2 9   ? 5.811   -4.412  -15.959 1.00 9.81  ? 153 ARG B NH1 1 
ATOM   1271 N  NH2 . ARG B 2 9   ? 5.184   -4.955  -13.828 1.00 11.99 ? 153 ARG B NH2 1 
ATOM   1272 N  N   . ARG B 2 10  ? 4.084   1.955   -14.116 1.00 12.11 ? 154 ARG B N   1 
ATOM   1273 C  CA  . ARG B 2 10  ? 4.732   3.090   -14.762 1.00 12.15 ? 154 ARG B CA  1 
ATOM   1274 C  C   . ARG B 2 10  ? 5.046   4.191   -13.752 1.00 12.32 ? 154 ARG B C   1 
ATOM   1275 O  O   . ARG B 2 10  ? 6.126   4.751   -13.754 1.00 13.36 ? 154 ARG B O   1 
ATOM   1276 C  CB  . ARG B 2 10  ? 3.832   3.679   -15.852 1.00 9.72  ? 154 ARG B CB  1 
ATOM   1277 C  CG  . ARG B 2 10  ? 3.631   2.797   -17.067 1.00 11.65 ? 154 ARG B CG  1 
ATOM   1278 C  CD  . ARG B 2 10  ? 4.944   2.567   -17.780 1.00 12.74 ? 154 ARG B CD  1 
ATOM   1279 N  NE  . ARG B 2 10  ? 4.755   1.901   -19.057 1.00 11.94 ? 154 ARG B NE  1 
ATOM   1280 C  CZ  . ARG B 2 10  ? 5.703   1.219   -19.688 1.00 9.53  ? 154 ARG B CZ  1 
ATOM   1281 N  NH1 . ARG B 2 10  ? 6.911   1.114   -19.152 1.00 10.11 ? 154 ARG B NH1 1 
ATOM   1282 N  NH2 . ARG B 2 10  ? 5.435   0.630   -20.847 1.00 8.01  ? 154 ARG B NH2 1 
ATOM   1283 N  N   . ARG B 2 11  ? 4.086   4.502   -12.893 1.00 11.61 ? 155 ARG B N   1 
ATOM   1284 C  CA  . ARG B 2 11  ? 4.299   5.558   -11.918 1.00 11.39 ? 155 ARG B CA  1 
ATOM   1285 C  C   . ARG B 2 11  ? 5.235   5.127   -10.801 1.00 11.95 ? 155 ARG B C   1 
ATOM   1286 O  O   . ARG B 2 11  ? 6.042   5.907   -10.331 1.00 13.47 ? 155 ARG B O   1 
ATOM   1287 C  CB  . ARG B 2 11  ? 2.953   6.051   -11.387 1.00 8.64  ? 155 ARG B CB  1 
ATOM   1288 C  CG  . ARG B 2 11  ? 2.228   6.911   -12.428 1.00 7.26  ? 155 ARG B CG  1 
ATOM   1289 C  CD  . ARG B 2 11  ? 0.741   7.070   -12.189 1.00 5.33  ? 155 ARG B CD  1 
ATOM   1290 N  NE  . ARG B 2 11  ? 0.167   7.955   -13.204 1.00 9.18  ? 155 ARG B NE  1 
ATOM   1291 C  CZ  . ARG B 2 11  ? -1.096  7.919   -13.619 1.00 9.76  ? 155 ARG B CZ  1 
ATOM   1292 N  NH1 . ARG B 2 11  ? -1.947  7.038   -13.108 1.00 13.52 ? 155 ARG B NH1 1 
ATOM   1293 N  NH2 . ARG B 2 11  ? -1.508  8.760   -14.559 1.00 13.00 ? 155 ARG B NH2 1 
ATOM   1294 N  N   . GLY B 2 12  ? 5.135   3.870   -10.396 1.00 12.33 ? 156 GLY B N   1 
ATOM   1295 C  CA  . GLY B 2 12  ? 6.020   3.377   -9.361  1.00 10.99 ? 156 GLY B CA  1 
ATOM   1296 C  C   . GLY B 2 12  ? 7.438   3.380   -9.901  1.00 10.93 ? 156 GLY B C   1 
ATOM   1297 O  O   . GLY B 2 12  ? 8.372   3.739   -9.197  1.00 10.66 ? 156 GLY B O   1 
ATOM   1298 N  N   . ASP B 2 13  ? 7.582   2.978   -11.165 1.00 10.74 ? 157 ASP B N   1 
ATOM   1299 C  CA  . ASP B 2 13  ? 8.885   2.935   -11.829 1.00 12.56 ? 157 ASP B CA  1 
ATOM   1300 C  C   . ASP B 2 13  ? 9.448   4.340   -11.942 1.00 11.56 ? 157 ASP B C   1 
ATOM   1301 O  O   . ASP B 2 13  ? 10.635  4.567   -11.724 1.00 13.11 ? 157 ASP B O   1 
ATOM   1302 C  CB  . ASP B 2 13  ? 8.766   2.312   -13.225 1.00 11.66 ? 157 ASP B CB  1 
ATOM   1303 C  CG  . ASP B 2 13  ? 8.638   0.805   -13.175 1.00 12.79 ? 157 ASP B CG  1 
ATOM   1304 O  OD1 . ASP B 2 13  ? 8.646   0.249   -12.053 1.00 14.72 ? 157 ASP B OD1 1 
ATOM   1305 O  OD2 . ASP B 2 13  ? 8.528   0.178   -14.248 1.00 11.41 ? 157 ASP B OD2 1 
HETATM 1306 N  N   . SEP B 2 14  ? 8.548   5.377   -12.322 1.00 12.51 ? 158 SEP B N   1 
HETATM 1307 C  CA  . SEP B 2 14  ? 9.007   6.756   -12.374 1.00 13.42 ? 158 SEP B CA  1 
HETATM 1308 C  CB  . SEP B 2 14  ? 7.974   7.579   -13.106 0.50 15.48 ? 158 SEP B CB  1 
HETATM 1309 O  OG  A SEP B 2 14  ? 7.926   7.491   -14.261 0.50 22.08 ? 158 SEP B OG  1 
HETATM 1310 O  OG  B SEP B 2 14  ? 7.966   8.710   -12.741 0.50 24.96 ? 158 SEP B OG  1 
HETATM 1311 C  C   . SEP B 2 14  ? 9.478   7.253   -11.031 1.00 13.76 ? 158 SEP B C   1 
HETATM 1312 O  O   . SEP B 2 14  ? 10.477  7.945   -10.909 1.00 16.14 ? 158 SEP B O   1 
HETATM 1313 P  P   A SEP B 2 14  ? 7.523   8.590   -15.279 0.50 26.03 ? 158 SEP B P   1 
HETATM 1314 P  P   B SEP B 2 14  ? 7.362   9.865   -13.609 0.50 26.76 ? 158 SEP B P   1 
HETATM 1315 O  O1P A SEP B 2 14  ? 8.783   9.165   -15.894 0.50 27.62 ? 158 SEP B O1P 1 
HETATM 1316 O  O1P B SEP B 2 14  ? 5.913   10.077  -13.202 0.50 26.08 ? 158 SEP B O1P 1 
HETATM 1317 O  O2P A SEP B 2 14  ? 6.647   7.955   -16.323 0.50 26.06 ? 158 SEP B O2P 1 
HETATM 1318 O  O2P B SEP B 2 14  ? 8.171   11.110  -13.327 0.50 26.11 ? 158 SEP B O2P 1 
HETATM 1319 O  O3P A SEP B 2 14  ? 6.766   9.668   -14.529 0.50 26.73 ? 158 SEP B O3P 1 
HETATM 1320 O  O3P B SEP B 2 14  ? 7.443   9.497   -15.073 0.50 25.79 ? 158 SEP B O3P 1 
ATOM   1321 N  N   . PHE B 2 15  ? 8.729   6.841   -10.009 1.00 13.39 ? 159 PHE B N   1 
ATOM   1322 C  CA  . PHE B 2 15  ? 9.033   7.247   -8.643  1.00 15.64 ? 159 PHE B CA  1 
ATOM   1323 C  C   . PHE B 2 15  ? 10.365  6.618   -8.226  1.00 16.81 ? 159 PHE B C   1 
ATOM   1324 O  O   . PHE B 2 15  ? 11.197  7.265   -7.608  1.00 17.48 ? 159 PHE B O   1 
ATOM   1325 C  CB  . PHE B 2 15  ? 7.918   6.762   -7.713  1.00 15.42 ? 159 PHE B CB  1 
ATOM   1326 C  CG  . PHE B 2 15  ? 7.965   7.353   -6.337  1.00 17.37 ? 159 PHE B CG  1 
ATOM   1327 C  CD1 . PHE B 2 15  ? 7.466   8.630   -6.097  1.00 18.10 ? 159 PHE B CD1 1 
ATOM   1328 C  CD2 . PHE B 2 15  ? 8.480   6.623   -5.269  1.00 17.08 ? 159 PHE B CD2 1 
ATOM   1329 C  CE1 . PHE B 2 15  ? 7.474   9.173   -4.811  1.00 18.57 ? 159 PHE B CE1 1 
ATOM   1330 C  CE2 . PHE B 2 15  ? 8.494   7.156   -3.980  1.00 16.94 ? 159 PHE B CE2 1 
ATOM   1331 C  CZ  . PHE B 2 15  ? 7.987   8.434   -3.752  1.00 17.05 ? 159 PHE B CZ  1 
ATOM   1332 N  N   . ASN B 2 16  ? 10.552  5.350   -8.586  1.00 16.17 ? 160 ASN B N   1 
ATOM   1333 C  CA  . ASN B 2 16  ? 11.773  4.616   -8.260  1.00 18.29 ? 160 ASN B CA  1 
ATOM   1334 C  C   . ASN B 2 16  ? 13.004  5.321   -8.837  1.00 19.85 ? 160 ASN B C   1 
ATOM   1335 O  O   . ASN B 2 16  ? 13.992  5.507   -8.150  1.00 19.22 ? 160 ASN B O   1 
ATOM   1336 C  CB  . ASN B 2 16  ? 11.689  3.187   -8.819  1.00 18.00 ? 160 ASN B CB  1 
ATOM   1337 C  CG  . ASN B 2 16  ? 12.768  2.268   -8.259  1.00 19.95 ? 160 ASN B CG  1 
ATOM   1338 O  OD1 . ASN B 2 16  ? 12.698  1.839   -7.115  1.00 21.54 ? 160 ASN B OD1 1 
ATOM   1339 N  ND2 . ASN B 2 16  ? 13.772  1.967   -9.074  1.00 16.48 ? 160 ASN B ND2 1 
ATOM   1340 N  N   . ALA B 2 17  ? 12.916  5.714   -10.105 1.00 23.56 ? 161 ALA B N   1 
ATOM   1341 C  CA  . ALA B 2 17  ? 14.015  6.386   -10.798 1.00 26.68 ? 161 ALA B CA  1 
ATOM   1342 C  C   . ALA B 2 17  ? 14.393  7.717   -10.163 1.00 29.15 ? 161 ALA B C   1 
ATOM   1343 O  O   . ALA B 2 17  ? 15.553  8.077   -10.123 1.00 30.64 ? 161 ALA B O   1 
ATOM   1344 C  CB  . ALA B 2 17  ? 13.655  6.599   -12.262 1.00 25.75 ? 161 ALA B CB  1 
ATOM   1345 N  N   . TYR B 2 18  ? 13.398  8.444   -9.675  1.00 32.02 ? 162 TYR B N   1 
ATOM   1346 C  CA  . TYR B 2 18  ? 13.646  9.728   -9.047  1.00 36.31 ? 162 TYR B CA  1 
ATOM   1347 C  C   . TYR B 2 18  ? 14.537  9.580   -7.814  1.00 38.46 ? 162 TYR B C   1 
ATOM   1348 O  O   . TYR B 2 18  ? 15.320  10.462  -7.514  1.00 39.54 ? 162 TYR B O   1 
ATOM   1349 C  CB  . TYR B 2 18  ? 12.324  10.387  -8.662  1.00 37.58 ? 162 TYR B CB  1 
ATOM   1350 C  CG  . TYR B 2 18  ? 12.477  11.811  -8.192  1.00 41.04 ? 162 TYR B CG  1 
ATOM   1351 C  CD1 . TYR B 2 18  ? 13.083  12.102  -6.969  1.00 41.59 ? 162 TYR B CD1 1 
ATOM   1352 C  CD2 . TYR B 2 18  ? 12.034  12.873  -8.978  1.00 41.94 ? 162 TYR B CD2 1 
ATOM   1353 C  CE1 . TYR B 2 18  ? 13.248  13.417  -6.541  1.00 42.92 ? 162 TYR B CE1 1 
ATOM   1354 C  CE2 . TYR B 2 18  ? 12.193  14.194  -8.559  1.00 44.07 ? 162 TYR B CE2 1 
ATOM   1355 C  CZ  . TYR B 2 18  ? 12.802  14.456  -7.340  1.00 43.40 ? 162 TYR B CZ  1 
ATOM   1356 O  OH  . TYR B 2 18  ? 12.977  15.755  -6.921  1.00 45.15 ? 162 TYR B OH  1 
ATOM   1357 N  N   . TYR B 2 19  ? 14.418  8.455   -7.112  1.00 40.43 ? 163 TYR B N   1 
ATOM   1358 C  CA  . TYR B 2 19  ? 15.224  8.221   -5.914  1.00 42.59 ? 163 TYR B CA  1 
ATOM   1359 C  C   . TYR B 2 19  ? 16.244  7.090   -6.085  1.00 43.11 ? 163 TYR B C   1 
ATOM   1360 O  O   . TYR B 2 19  ? 16.349  6.530   -7.197  1.00 44.13 ? 163 TYR B O   1 
ATOM   1361 C  CB  . TYR B 2 19  ? 14.325  7.916   -4.713  1.00 44.28 ? 163 TYR B CB  1 
ATOM   1362 C  CG  . TYR B 2 19  ? 13.244  8.952   -4.465  1.00 46.46 ? 163 TYR B CG  1 
ATOM   1363 C  CD1 . TYR B 2 19  ? 12.120  9.023   -5.287  1.00 47.06 ? 163 TYR B CD1 1 
ATOM   1364 C  CD2 . TYR B 2 19  ? 13.352  9.870   -3.419  1.00 47.27 ? 163 TYR B CD2 1 
ATOM   1365 C  CE1 . TYR B 2 19  ? 11.127  9.980   -5.078  1.00 47.65 ? 163 TYR B CE1 1 
ATOM   1366 C  CE2 . TYR B 2 19  ? 12.365  10.837  -3.199  1.00 47.25 ? 163 TYR B CE2 1 
ATOM   1367 C  CZ  . TYR B 2 19  ? 11.255  10.886  -4.036  1.00 48.28 ? 163 TYR B CZ  1 
ATOM   1368 O  OH  . TYR B 2 19  ? 10.284  11.848  -3.846  1.00 48.55 ? 163 TYR B OH  1 
HETATM 1369 C  C   . ACT C 3 .   ? -3.705  8.787   -2.700  1.00 48.09 ? 201 ACT A C   1 
HETATM 1370 O  O   . ACT C 3 .   ? -2.630  8.456   -3.258  1.00 47.98 ? 201 ACT A O   1 
HETATM 1371 O  OXT . ACT C 3 .   ? -3.789  8.783   -1.468  1.00 47.19 ? 201 ACT A OXT 1 
HETATM 1372 C  CH3 . ACT C 3 .   ? -4.892  9.182   -3.544  1.00 46.91 ? 201 ACT A CH3 1 
HETATM 1373 CL CL  . CL  D 4 .   ? -4.295  7.556   -15.518 1.00 22.75 ? 201 CL  B CL  1 
HETATM 1374 CL CL  . CL  E 4 .   ? 3.953   -5.580  -18.406 1.00 14.57 ? 202 CL  B CL  1 
HETATM 1375 O  O   . HOH F 5 .   ? -1.318  7.492   -4.921  1.00 34.31 ? 301 HOH A O   1 
HETATM 1376 O  O   . HOH F 5 .   ? 14.683  3.877   -5.708  1.00 23.81 ? 302 HOH A O   1 
HETATM 1377 O  O   . HOH F 5 .   ? -8.475  7.792   -3.790  1.00 22.18 ? 303 HOH A O   1 
HETATM 1378 O  O   . HOH F 5 .   ? -6.304  5.824   -11.891 1.00 24.80 ? 304 HOH A O   1 
HETATM 1379 O  O   . HOH F 5 .   ? -8.062  -5.606  11.734  1.00 23.48 ? 305 HOH A O   1 
HETATM 1380 O  O   . HOH F 5 .   ? -7.233  -9.253  -14.057 1.00 30.03 ? 306 HOH A O   1 
HETATM 1381 O  O   . HOH F 5 .   ? 9.136   -5.572  8.472   1.00 21.49 ? 307 HOH A O   1 
HETATM 1382 O  O   . HOH F 5 .   ? -12.063 10.415  12.969  1.00 19.47 ? 308 HOH A O   1 
HETATM 1383 O  O   . HOH F 5 .   ? 12.234  9.736   6.722   1.00 33.68 ? 309 HOH A O   1 
HETATM 1384 O  O   . HOH F 5 .   ? -14.152 -4.895  -8.002  1.00 21.07 ? 310 HOH A O   1 
HETATM 1385 O  O   . HOH F 5 .   ? 0.513   -9.594  14.208  1.00 32.22 ? 311 HOH A O   1 
HETATM 1386 O  O   . HOH F 5 .   ? 11.726  9.901   -0.432  1.00 29.22 ? 312 HOH A O   1 
HETATM 1387 O  O   . HOH F 5 .   ? -0.940  -10.534 -13.816 1.00 33.49 ? 313 HOH A O   1 
HETATM 1388 O  O   . HOH F 5 .   ? 6.517   -14.499 -4.817  1.00 19.44 ? 314 HOH A O   1 
HETATM 1389 O  O   . HOH F 5 .   ? 6.806   -2.446  14.379  1.00 30.83 ? 315 HOH A O   1 
HETATM 1390 O  O   . HOH F 5 .   ? -3.903  12.265  2.119   1.00 25.31 ? 316 HOH A O   1 
HETATM 1391 O  O   . HOH F 5 .   ? 1.870   -0.866  13.894  1.00 26.60 ? 317 HOH A O   1 
HETATM 1392 O  O   . HOH F 5 .   ? 16.621  1.818   9.375   1.00 35.58 ? 318 HOH A O   1 
HETATM 1393 O  O   . HOH F 5 .   ? -7.048  -0.544  17.216  1.00 29.26 ? 319 HOH A O   1 
HETATM 1394 O  O   . HOH F 5 .   ? 2.425   -11.755 -7.334  1.00 22.56 ? 320 HOH A O   1 
HETATM 1395 O  O   . HOH F 5 .   ? 17.832  -1.932  -2.787  1.00 16.40 ? 321 HOH A O   1 
HETATM 1396 O  O   . HOH F 5 .   ? -4.639  -11.573 3.897   1.00 12.91 ? 322 HOH A O   1 
HETATM 1397 O  O   . HOH F 5 .   ? -13.425 -6.187  8.233   1.00 19.11 ? 323 HOH A O   1 
HETATM 1398 O  O   . HOH F 5 .   ? 9.505   -4.242  -15.465 1.00 23.56 ? 324 HOH A O   1 
HETATM 1399 O  O   . HOH F 5 .   ? 2.640   -11.490 -9.865  1.00 18.92 ? 325 HOH A O   1 
HETATM 1400 O  O   . HOH F 5 .   ? 20.045  -7.820  0.899   1.00 25.97 ? 326 HOH A O   1 
HETATM 1401 O  O   . HOH F 5 .   ? 14.629  -3.939  -9.004  1.00 27.93 ? 327 HOH A O   1 
HETATM 1402 O  O   . HOH F 5 .   ? 4.798   3.352   7.746   1.00 19.58 ? 328 HOH A O   1 
HETATM 1403 O  O   . HOH F 5 .   ? -3.397  -10.128 -12.161 1.00 18.86 ? 329 HOH A O   1 
HETATM 1404 O  O   . HOH F 5 .   ? 8.572   -14.748 3.736   1.00 42.02 ? 330 HOH A O   1 
HETATM 1405 O  O   . HOH F 5 .   ? 5.290   13.844  4.520   1.00 35.14 ? 331 HOH A O   1 
HETATM 1406 O  O   . HOH F 5 .   ? 7.130   -2.771  11.884  1.00 17.17 ? 332 HOH A O   1 
HETATM 1407 O  O   . HOH F 5 .   ? -2.201  6.251   0.031   1.00 22.27 ? 333 HOH A O   1 
HETATM 1408 O  O   . HOH F 5 .   ? 5.801   -11.915 -19.687 1.00 27.44 ? 334 HOH A O   1 
HETATM 1409 O  O   . HOH F 5 .   ? 17.891  8.546   -3.068  1.00 29.68 ? 335 HOH A O   1 
HETATM 1410 O  O   . HOH F 5 .   ? 13.284  7.635   8.076   1.00 16.07 ? 336 HOH A O   1 
HETATM 1411 O  O   . HOH F 5 .   ? -12.405 -2.732  8.608   1.00 15.36 ? 337 HOH A O   1 
HETATM 1412 O  O   . HOH F 5 .   ? 0.356   -3.340  14.716  1.00 23.75 ? 338 HOH A O   1 
HETATM 1413 O  O   . HOH F 5 .   ? -3.156  -10.643 -0.215  1.00 9.36  ? 339 HOH A O   1 
HETATM 1414 O  O   . HOH F 5 .   ? 19.489  -11.703 2.271   1.00 20.41 ? 340 HOH A O   1 
HETATM 1415 O  O   . HOH F 5 .   ? -14.144 -7.910  0.839   1.00 13.39 ? 341 HOH A O   1 
HETATM 1416 O  O   . HOH F 5 .   ? -12.028 0.760   -15.458 1.00 18.45 ? 342 HOH A O   1 
HETATM 1417 O  O   . HOH F 5 .   ? -10.372 -5.968  14.826  1.00 38.69 ? 343 HOH A O   1 
HETATM 1418 O  O   . HOH F 5 .   ? 7.154   -15.988 7.982   1.00 25.17 ? 344 HOH A O   1 
HETATM 1419 O  O   . HOH F 5 .   ? 14.346  -5.490  6.287   1.00 14.88 ? 345 HOH A O   1 
HETATM 1420 O  O   . HOH F 5 .   ? 6.238   14.178  -4.609  1.00 29.65 ? 346 HOH A O   1 
HETATM 1421 O  O   . HOH F 5 .   ? 9.869   -11.217 -3.204  1.00 22.64 ? 347 HOH A O   1 
HETATM 1422 O  O   . HOH F 5 .   ? 21.840  1.032   1.645   1.00 39.37 ? 348 HOH A O   1 
HETATM 1423 O  O   . HOH F 5 .   ? 5.956   -9.925  -5.970  1.00 27.14 ? 349 HOH A O   1 
HETATM 1424 O  O   . HOH F 5 .   ? 19.409  2.745   7.067   1.00 27.69 ? 350 HOH A O   1 
HETATM 1425 O  O   . HOH F 5 .   ? 3.564   2.051   14.649  1.00 30.81 ? 351 HOH A O   1 
HETATM 1426 O  O   . HOH F 5 .   ? -8.958  6.699   -10.250 1.00 21.15 ? 352 HOH A O   1 
HETATM 1427 O  O   . HOH F 5 .   ? 10.187  -0.847  11.927  1.00 23.13 ? 353 HOH A O   1 
HETATM 1428 O  O   . HOH F 5 .   ? -5.256  6.120   12.582  1.00 24.88 ? 354 HOH A O   1 
HETATM 1429 O  O   . HOH F 5 .   ? -14.849 -9.577  -2.548  1.00 20.71 ? 355 HOH A O   1 
HETATM 1430 O  O   . HOH F 5 .   ? -17.539 3.998   -6.278  1.00 28.62 ? 356 HOH A O   1 
HETATM 1431 O  O   . HOH F 5 .   ? 2.262   -11.806 -20.216 1.00 14.39 ? 357 HOH A O   1 
HETATM 1432 O  O   . HOH F 5 .   ? -20.826 -7.233  -6.216  1.00 37.53 ? 358 HOH A O   1 
HETATM 1433 O  O   . HOH F 5 .   ? 16.446  -9.187  -6.477  1.00 39.68 ? 359 HOH A O   1 
HETATM 1434 O  O   . HOH F 5 .   ? 7.625   -15.659 1.375   1.00 22.62 ? 360 HOH A O   1 
HETATM 1435 O  O   . HOH F 5 .   ? 0.136   7.391   -0.121  1.00 27.44 ? 361 HOH A O   1 
HETATM 1436 O  O   . HOH F 5 .   ? 3.537   -14.296 13.874  1.00 14.58 ? 362 HOH A O   1 
HETATM 1437 O  O   . HOH F 5 .   ? -4.206  -12.451 -10.443 1.00 17.84 ? 363 HOH A O   1 
HETATM 1438 O  O   . HOH F 5 .   ? 7.476   -10.527 -8.110  1.00 24.22 ? 364 HOH A O   1 
HETATM 1439 O  O   . HOH F 5 .   ? 20.787  -3.232  5.272   1.00 41.86 ? 365 HOH A O   1 
HETATM 1440 O  O   . HOH F 5 .   ? -13.530 -8.770  -8.826  1.00 25.58 ? 366 HOH A O   1 
HETATM 1441 O  O   . HOH F 5 .   ? -8.273  7.842   -1.173  1.00 21.01 ? 367 HOH A O   1 
HETATM 1442 O  O   . HOH F 5 .   ? -25.823 7.603   2.583   1.00 24.06 ? 368 HOH A O   1 
HETATM 1443 O  O   . HOH F 5 .   ? 8.319   1.804   15.634  1.00 28.37 ? 369 HOH A O   1 
HETATM 1444 O  O   . HOH F 5 .   ? -7.873  12.171  12.149  1.00 40.42 ? 370 HOH A O   1 
HETATM 1445 O  O   . HOH F 5 .   ? -1.679  14.722  -9.040  1.00 33.73 ? 371 HOH A O   1 
HETATM 1446 O  O   . HOH F 5 .   ? -10.476 11.052  -3.691  1.00 30.73 ? 372 HOH A O   1 
HETATM 1447 O  O   . HOH F 5 .   ? -6.502  4.559   16.246  1.00 32.11 ? 373 HOH A O   1 
HETATM 1448 O  O   . HOH F 5 .   ? 7.219   13.299  2.251   1.00 32.13 ? 374 HOH A O   1 
HETATM 1449 O  O   . HOH F 5 .   ? 7.890   -14.751 10.728  1.00 19.00 ? 375 HOH A O   1 
HETATM 1450 O  O   . HOH F 5 .   ? 4.072   -1.688  15.886  1.00 32.84 ? 376 HOH A O   1 
HETATM 1451 O  O   . HOH F 5 .   ? -13.968 -10.923 -4.738  1.00 15.69 ? 377 HOH A O   1 
HETATM 1452 O  O   . HOH F 5 .   ? 0.708   -10.559 17.469  1.00 41.90 ? 378 HOH A O   1 
HETATM 1453 O  O   . HOH F 5 .   ? 12.764  -8.309  -9.366  1.00 16.79 ? 379 HOH A O   1 
HETATM 1454 O  O   . HOH F 5 .   ? 14.731  3.364   13.920  1.00 31.12 ? 380 HOH A O   1 
HETATM 1455 O  O   . HOH F 5 .   ? -21.251 -6.674  -2.500  1.00 8.71  ? 381 HOH A O   1 
HETATM 1456 O  O   . HOH F 5 .   ? -12.768 4.237   17.730  1.00 30.13 ? 382 HOH A O   1 
HETATM 1457 O  O   . HOH F 5 .   ? -17.807 -11.505 -7.094  1.00 34.92 ? 383 HOH A O   1 
HETATM 1458 O  O   . HOH F 5 .   ? -9.950  2.246   -16.374 1.00 33.96 ? 384 HOH A O   1 
HETATM 1459 O  O   . HOH F 5 .   ? -3.102  3.070   15.223  1.00 33.49 ? 385 HOH A O   1 
HETATM 1460 O  O   . HOH F 5 .   ? 8.087   -12.898 5.930   1.00 31.64 ? 386 HOH A O   1 
HETATM 1461 O  O   . HOH F 5 .   ? -2.382  -8.717  -17.949 1.00 29.53 ? 387 HOH A O   1 
HETATM 1462 O  O   . HOH F 5 .   ? 13.963  1.512   11.663  1.00 32.63 ? 388 HOH A O   1 
HETATM 1463 O  O   . HOH F 5 .   ? 12.891  -5.165  -11.234 1.00 33.31 ? 389 HOH A O   1 
HETATM 1464 O  O   . HOH F 5 .   ? -3.994  -15.065 -6.973  1.00 34.77 ? 390 HOH A O   1 
HETATM 1465 O  O   . HOH F 5 .   ? -19.071 -1.377  5.703   1.00 12.56 ? 391 HOH A O   1 
HETATM 1466 O  O   . HOH F 5 .   ? 10.913  -14.385 11.938  1.00 36.51 ? 392 HOH A O   1 
HETATM 1467 O  O   . HOH F 5 .   ? -18.603 -12.565 -3.254  1.00 36.60 ? 393 HOH A O   1 
HETATM 1468 O  O   . HOH F 5 .   ? 10.910  -5.671  -13.189 1.00 37.24 ? 394 HOH A O   1 
HETATM 1469 O  O   . HOH F 5 .   ? 10.799  -8.127  4.853   1.00 33.51 ? 395 HOH A O   1 
HETATM 1470 O  O   . HOH F 5 .   ? 5.210   -12.939 16.335  1.00 24.86 ? 396 HOH A O   1 
HETATM 1471 O  O   . HOH F 5 .   ? 14.795  -0.814  -6.500  1.00 10.34 ? 397 HOH A O   1 
HETATM 1472 O  O   . HOH F 5 .   ? 2.247   8.579   14.973  1.00 29.61 ? 398 HOH A O   1 
HETATM 1473 O  O   . HOH F 5 .   ? 13.140  -9.084  -12.247 1.00 29.82 ? 399 HOH A O   1 
HETATM 1474 O  O   . HOH F 5 .   ? 21.458  -4.413  -1.613  1.00 30.17 ? 400 HOH A O   1 
HETATM 1475 O  O   . HOH F 5 .   ? 15.210  -7.323  -9.249  1.00 31.13 ? 401 HOH A O   1 
HETATM 1476 O  O   . HOH F 5 .   ? -15.363 0.837   -16.904 1.00 39.55 ? 402 HOH A O   1 
HETATM 1477 O  O   . HOH F 5 .   ? 12.516  -2.703  -12.278 1.00 24.87 ? 403 HOH A O   1 
HETATM 1478 O  O   . HOH F 5 .   ? -15.136 10.405  14.156  1.00 36.39 ? 404 HOH A O   1 
HETATM 1479 O  O   . HOH F 5 .   ? -15.060 -10.978 -7.401  1.00 23.91 ? 405 HOH A O   1 
HETATM 1480 O  O   . HOH F 5 .   ? -14.411 -4.417  10.611  1.00 44.24 ? 406 HOH A O   1 
HETATM 1481 O  O   . HOH F 5 .   ? -21.659 6.521   -0.306  1.00 37.80 ? 407 HOH A O   1 
HETATM 1482 O  O   . HOH F 5 .   ? -18.541 1.697   -9.490  1.00 27.77 ? 408 HOH A O   1 
HETATM 1483 O  O   . HOH F 5 .   ? -1.417  7.281   12.998  1.00 29.56 ? 409 HOH A O   1 
HETATM 1484 O  O   . HOH F 5 .   ? -2.803  5.477   -5.272  1.00 29.81 ? 410 HOH A O   1 
HETATM 1485 O  O   . HOH F 5 .   ? 22.100  5.626   0.087   1.00 46.23 ? 411 HOH A O   1 
HETATM 1486 O  O   . HOH F 5 .   ? 17.031  -2.277  -5.281  1.00 34.21 ? 412 HOH A O   1 
HETATM 1487 O  O   . HOH F 5 .   ? -15.133 -1.915  10.377  1.00 23.07 ? 413 HOH A O   1 
HETATM 1488 O  O   . HOH F 5 .   ? 0.793   1.959   14.360  1.00 41.35 ? 414 HOH A O   1 
HETATM 1489 O  O   . HOH F 5 .   ? -19.551 -0.319  -8.296  1.00 34.31 ? 415 HOH A O   1 
HETATM 1490 O  O   . HOH F 5 .   ? -17.417 -2.569  9.729   1.00 30.14 ? 416 HOH A O   1 
HETATM 1491 O  O   . HOH F 5 .   ? -10.949 -14.795 -5.747  1.00 21.12 ? 417 HOH A O   1 
HETATM 1492 O  O   . HOH F 5 .   ? 0.604   -13.692 -10.598 1.00 30.68 ? 418 HOH A O   1 
HETATM 1493 O  O   . HOH F 5 .   ? -0.146  -5.831  14.358  1.00 29.55 ? 419 HOH A O   1 
HETATM 1494 O  O   . HOH F 5 .   ? -2.277  1.076   16.651  1.00 33.46 ? 420 HOH A O   1 
HETATM 1495 O  O   . HOH F 5 .   ? 10.941  -4.083  -17.998 1.00 29.06 ? 421 HOH A O   1 
HETATM 1496 O  O   . HOH F 5 .   ? -15.534 3.526   16.127  1.00 35.98 ? 422 HOH A O   1 
HETATM 1497 O  O   . HOH F 5 .   ? -5.677  1.534   17.777  1.00 34.12 ? 423 HOH A O   1 
HETATM 1498 O  O   . HOH F 5 .   ? 21.872  2.440   -1.093  1.00 44.95 ? 424 HOH A O   1 
HETATM 1499 O  O   . HOH F 5 .   ? -20.700 -5.328  3.633   1.00 30.43 ? 425 HOH A O   1 
HETATM 1500 O  O   . HOH G 5 .   ? 9.196   12.705  -4.905  1.00 40.88 ? 301 HOH B O   1 
HETATM 1501 O  O   . HOH G 5 .   ? -13.526 -4.650  -11.900 1.00 36.79 ? 302 HOH B O   1 
HETATM 1502 O  O   . HOH G 5 .   ? 11.682  9.605   -12.759 1.00 21.32 ? 303 HOH B O   1 
HETATM 1503 O  O   . HOH G 5 .   ? 7.453   5.177   -16.187 1.00 19.48 ? 304 HOH B O   1 
HETATM 1504 O  O   . HOH G 5 .   ? -3.905  5.210   -17.589 1.00 14.42 ? 305 HOH B O   1 
HETATM 1505 O  O   . HOH G 5 .   ? -8.941  -6.536  -15.468 1.00 23.94 ? 306 HOH B O   1 
HETATM 1506 O  O   . HOH G 5 .   ? 13.014  2.994   -12.196 1.00 33.47 ? 307 HOH B O   1 
HETATM 1507 O  O   . HOH G 5 .   ? 8.496   2.550   -17.157 1.00 15.32 ? 308 HOH B O   1 
HETATM 1508 O  O   . HOH G 5 .   ? -12.658 -6.485  -14.609 1.00 41.96 ? 309 HOH B O   1 
HETATM 1509 O  O   . HOH G 5 .   ? 10.033  0.619   -18.781 1.00 26.32 ? 310 HOH B O   1 
HETATM 1510 O  O   . HOH G 5 .   ? -12.463 -8.570  -11.684 1.00 34.51 ? 311 HOH B O   1 
HETATM 1511 O  O   . HOH G 5 .   ? 14.740  10.057  -12.638 1.00 38.10 ? 312 HOH B O   1 
HETATM 1512 O  O   . HOH G 5 .   ? 15.674  3.629   -11.342 1.00 33.50 ? 313 HOH B O   1 
HETATM 1513 O  O   . HOH G 5 .   ? -8.349  -3.993  -17.038 1.00 6.35  ? 314 HOH B O   1 
HETATM 1514 O  O   . HOH G 5 .   ? 16.068  1.699   -6.193  1.00 30.08 ? 315 HOH B O   1 
HETATM 1515 O  O   . HOH G 5 .   ? 4.147   7.084   -18.612 1.00 16.00 ? 316 HOH B O   1 
HETATM 1516 O  O   . HOH G 5 .   ? 19.954  5.422   -6.360  1.00 43.17 ? 317 HOH B O   1 
HETATM 1517 O  O   . HOH G 5 .   ? 11.860  7.343   -15.256 1.00 38.42 ? 318 HOH B O   1 
# 
